data_9N69
#
_entry.id   9N69
#
_cell.length_a   1.00
_cell.length_b   1.00
_cell.length_c   1.00
_cell.angle_alpha   90.00
_cell.angle_beta   90.00
_cell.angle_gamma   90.00
#
_symmetry.space_group_name_H-M   'P 1'
#
loop_
_entity.id
_entity.type
_entity.pdbx_description
1 polymer 'AAA family ATPase'
2 polymer 'RNA-directed DNA polymerase'
3 polymer 'TIGR02646 family protein'
4 polymer 'Retron IA msDNA'
5 polymer 'Retron IA ncRNA'
6 non-polymer "ADENOSINE-5'-TRIPHOSPHATE"
7 non-polymer 'ZINC ION'
#
loop_
_entity_poly.entity_id
_entity_poly.type
_entity_poly.pdbx_seq_one_letter_code
_entity_poly.pdbx_strand_id
1 'polypeptide(L)'
;MWSHPQFEKINKMNLETCYVDFLELESHVINEDYLKESVELQKLISTLNESKFHLNKIGIHDFKRIRELQISLEDDLTVF
VGDNGFGKSTILDAIAIVLSWLRSNIEKESKPGTYIKSHEVNNSVDVEYASIDANIKLKDFNTSILITKAKEGAYYSRNN
ELLGVKKLASIYRLVNKYVDNASLPLMAYYSIARSYIGGGVDRKRKNAKTKTVWSKFDVYDEIEFDRNDFTDFFQWLVFL
HNRASQEKLSESQTTINALFSDIQSLKATLTQLSAIDNIDSTVIKGLELSLKEKLNYMKSLQSGEHKFNNAVSLYDSVIN
TILKFLPEFQWIKLVYGDDDYKIILKKGEVELDIQQLSQGEKTIFTLVGDLARRLILLNPNLSNPLLGYGIVLIDEIDLH
LHPQWQQTIIERLTSTFPNVQFVITTHSPQVLSTVSSRSVRILQEVEVDGVNDLIVSHPDYQIKGVSNQDALLYGMRTDP
IPSTKENGWLEEYKKLVELNRYSSDEALLLREKVIKHFGLDHPLVQECDDLISVLEFKNKINQHFSGSKDVK
;
A,B,C,D
2 'polypeptide(L)'
;MQLTSKIISKFNYNRLAFQLLLNEAPKKYKVYYIPKRGAGFRVIAQPTKELKNVQRFIVSLLQPKLPVHHKAMAYEYKKS
IKDNALLHKDNNYILKMDFQNFFNKIKPDIFFSKLENTGLKLDSFDENTLRNLLFWRPGKKRSTTLILSVGAPSSPFISN
FVMYDFDKSLDDWCRNNGITYSRYADDITFSTNIKDILCRVPKVVKKMLSLHVPGLSINESKTIFTSMAHNRHVTGVTLT
PQGNLSIGRDRKRMLFAKIHKYSLGLLSSEEINKTKGMIAFANYLEGDFLLRLQKKYGCELITKFLMEGNK
;
E
3 'polypeptide(L)'
;MKYLSRQMPGPSVLNKFDYRRDDWNSLSSNDKKEIWEEIIKMQGKLCAYCEKKIEHHKSGGKNKVERHIEHFYRKSYYKN
LTFEWSNLFGSCGEPQRCGFYKDKQKYNDDDLIKADRQNPDVFFHFLENGDVHIREGLNEKEHKMAEVTLRVFNLNPSSG
GVKAERRRAIELSMTLIKELVGCASQLIESGCEIEDVRSMVFDEFKKNVKDRCFTTAIKHVFENRMP
;
F
4 'polydeoxyribonucleotide'
;(DT)(DA)(DA)(DA)(DG)(DA)(DC)(DA)(DG)(DC)(DG)(DA)(DA)(DA)(DG)(DA)(DC)(DA)(DC)(DA)
(DG)(DA)(DT)(DT)(DT)(DC)(DT)(DC)(DC)(DT)(DT)(DC)(DG)(DC)(DA)(DT)(DA)(DT)(DC)(DT)
(DG)(DC)(DC)(DC)(DC)(DG)(DG)(DG)(DC)(DA)(DG)(DG)(DG)(DA)(DT)(DG)(DC)(DG)(DA)(DA)
(DG)(DG)(DA)(DG)(DA)(DA)(DA)(DT)(DC)(DT)(DG)(DT)(DG)(DT)(DC)(DT)(DT)(DT)(DC)(DG)
(DC)(DA)(DA)(DC)(DC)(DC)(DT)(DA)(DA)(DA)(DC)(DC)
;
H
5 'polyribonucleotide' UAGUGUAGGAACAUUGGUUCCAGCCGGGUGAUUAGCCAGGCUUAAAUUUAUUGUCCGGUUUAG I
#
loop_
_chem_comp.id
_chem_comp.type
_chem_comp.name
_chem_comp.formula
A RNA linking ADENOSINE-5'-MONOPHOSPHATE 'C10 H14 N5 O7 P'
ATP non-polymer ADENOSINE-5'-TRIPHOSPHATE 'C10 H16 N5 O13 P3'
C RNA linking CYTIDINE-5'-MONOPHOSPHATE 'C9 H14 N3 O8 P'
DA DNA linking 2'-DEOXYADENOSINE-5'-MONOPHOSPHATE 'C10 H14 N5 O6 P'
DC DNA linking 2'-DEOXYCYTIDINE-5'-MONOPHOSPHATE 'C9 H14 N3 O7 P'
DG DNA linking 2'-DEOXYGUANOSINE-5'-MONOPHOSPHATE 'C10 H14 N5 O7 P'
DT DNA linking THYMIDINE-5'-MONOPHOSPHATE 'C10 H15 N2 O8 P'
G RNA linking GUANOSINE-5'-MONOPHOSPHATE 'C10 H14 N5 O8 P'
U RNA linking URIDINE-5'-MONOPHOSPHATE 'C9 H13 N2 O9 P'
ZN non-polymer 'ZINC ION' 'Zn 2'
#
# COMPACT_ATOMS: atom_id res chain seq x y z
N MET A 13 7.91 -27.45 39.01
CA MET A 13 7.86 -26.02 39.30
C MET A 13 7.20 -25.26 38.15
N ASN A 14 5.91 -24.99 38.28
CA ASN A 14 5.19 -24.24 37.26
C ASN A 14 5.70 -22.81 37.19
N LEU A 15 5.78 -22.29 35.96
CA LEU A 15 6.30 -20.94 35.74
C LEU A 15 5.43 -19.89 36.44
N GLU A 16 4.12 -20.07 36.41
CA GLU A 16 3.23 -19.09 37.01
C GLU A 16 3.42 -19.03 38.53
N THR A 17 3.64 -20.18 39.18
CA THR A 17 3.77 -20.16 40.62
C THR A 17 4.99 -19.38 41.06
N CYS A 18 6.12 -19.56 40.36
CA CYS A 18 7.30 -18.78 40.70
C CYS A 18 7.13 -17.32 40.32
N TYR A 19 6.29 -17.05 39.31
CA TYR A 19 6.08 -15.66 38.92
C TYR A 19 5.29 -14.93 39.99
N VAL A 20 4.23 -15.56 40.49
CA VAL A 20 3.43 -14.88 41.51
C VAL A 20 4.21 -14.82 42.81
N ASP A 21 5.05 -15.81 43.09
CA ASP A 21 5.85 -15.76 44.32
C ASP A 21 6.80 -14.58 44.28
N PHE A 22 7.44 -14.35 43.12
CA PHE A 22 8.34 -13.20 43.06
C PHE A 22 7.55 -11.91 43.09
N LEU A 23 6.35 -11.90 42.51
CA LEU A 23 5.56 -10.68 42.52
C LEU A 23 5.19 -10.30 43.94
N GLU A 24 4.77 -11.27 44.74
CA GLU A 24 4.38 -10.97 46.11
C GLU A 24 5.59 -10.63 46.96
N LEU A 25 6.76 -11.18 46.63
CA LEU A 25 7.95 -10.86 47.41
C LEU A 25 8.49 -9.47 47.07
N GLU A 26 8.24 -9.00 45.85
CA GLU A 26 8.77 -7.70 45.43
C GLU A 26 8.17 -6.56 46.24
N SER A 27 6.88 -6.64 46.58
CA SER A 27 6.22 -5.55 47.29
C SER A 27 6.81 -5.36 48.69
N HIS A 28 7.13 -6.46 49.39
CA HIS A 28 7.62 -6.35 50.76
C HIS A 28 8.97 -5.64 50.82
N VAL A 29 9.98 -6.19 50.15
CA VAL A 29 11.34 -5.65 50.23
C VAL A 29 11.48 -4.47 49.27
N ILE A 30 11.96 -3.35 49.79
CA ILE A 30 12.19 -2.18 48.97
C ILE A 30 13.62 -2.14 48.41
N ASN A 31 14.58 -2.72 49.12
CA ASN A 31 15.96 -2.70 48.65
C ASN A 31 16.11 -3.56 47.40
N GLU A 32 16.75 -3.00 46.38
CA GLU A 32 16.94 -3.74 45.12
C GLU A 32 18.05 -4.78 45.24
N ASP A 33 19.04 -4.56 46.10
CA ASP A 33 20.15 -5.49 46.21
C ASP A 33 19.68 -6.86 46.70
N TYR A 34 18.79 -6.87 47.70
CA TYR A 34 18.28 -8.15 48.20
C TYR A 34 17.48 -8.86 47.10
N LEU A 35 16.71 -8.10 46.33
CA LEU A 35 15.91 -8.69 45.26
C LEU A 35 16.80 -9.32 44.20
N LYS A 36 17.91 -8.66 43.87
CA LYS A 36 18.79 -9.17 42.82
C LYS A 36 19.40 -10.52 43.19
N GLU A 37 19.57 -10.79 44.49
CA GLU A 37 20.13 -12.05 44.94
C GLU A 37 19.10 -12.96 45.60
N SER A 38 17.81 -12.68 45.40
CA SER A 38 16.78 -13.49 46.02
C SER A 38 16.73 -14.89 45.40
N VAL A 39 16.31 -15.86 46.21
CA VAL A 39 16.21 -17.24 45.73
C VAL A 39 15.10 -17.37 44.68
N GLU A 40 14.01 -16.63 44.86
CA GLU A 40 12.90 -16.71 43.92
C GLU A 40 13.32 -16.25 42.53
N LEU A 41 14.14 -15.20 42.46
CA LEU A 41 14.59 -14.73 41.16
C LEU A 41 15.41 -15.81 40.47
N GLN A 42 16.25 -16.51 41.23
CA GLN A 42 17.06 -17.58 40.67
C GLN A 42 16.17 -18.69 40.15
N LYS A 43 15.13 -19.04 40.90
CA LYS A 43 14.21 -20.09 40.46
C LYS A 43 13.48 -19.68 39.19
N LEU A 44 13.05 -18.41 39.12
CA LEU A 44 12.33 -17.93 37.94
C LEU A 44 13.23 -17.95 36.72
N ILE A 45 14.49 -17.52 36.86
CA ILE A 45 15.39 -17.53 35.71
C ILE A 45 15.69 -18.95 35.29
N SER A 46 15.91 -19.84 36.26
CA SER A 46 16.25 -21.21 35.92
C SER A 46 15.10 -21.87 35.18
N THR A 47 13.87 -21.67 35.66
CA THR A 47 12.76 -22.33 35.00
C THR A 47 12.42 -21.64 33.67
N LEU A 48 12.87 -20.39 33.50
CA LEU A 48 12.62 -19.69 32.25
C LEU A 48 13.58 -20.14 31.15
N ASN A 49 14.78 -20.57 31.52
CA ASN A 49 15.80 -20.84 30.51
C ASN A 49 15.43 -22.04 29.62
N GLU A 50 14.92 -23.12 30.22
CA GLU A 50 14.59 -24.32 29.45
C GLU A 50 13.17 -24.31 28.90
N SER A 51 12.45 -23.20 29.02
CA SER A 51 11.11 -23.10 28.47
C SER A 51 11.20 -22.81 26.97
N LYS A 52 10.95 -23.83 26.16
CA LYS A 52 11.03 -23.70 24.70
C LYS A 52 9.82 -22.97 24.17
N PHE A 53 10.05 -21.99 23.30
CA PHE A 53 8.99 -21.17 22.72
C PHE A 53 8.52 -21.79 21.42
N HIS A 54 7.23 -22.13 21.35
CA HIS A 54 6.70 -22.67 20.10
C HIS A 54 5.19 -22.51 20.03
N LEU A 55 4.72 -22.14 18.84
CA LEU A 55 3.31 -21.96 18.56
C LEU A 55 2.65 -23.33 18.37
N ASN A 56 1.36 -23.41 18.66
CA ASN A 56 0.68 -24.70 18.68
C ASN A 56 -0.38 -24.86 17.61
N LYS A 57 -1.34 -23.93 17.54
CA LYS A 57 -2.47 -24.07 16.64
C LYS A 57 -2.80 -22.70 16.05
N ILE A 58 -3.55 -22.72 14.95
CA ILE A 58 -3.98 -21.47 14.32
C ILE A 58 -5.28 -21.73 13.57
N GLY A 59 -6.11 -20.71 13.48
CA GLY A 59 -7.37 -20.81 12.76
C GLY A 59 -7.71 -19.49 12.10
N ILE A 60 -8.38 -19.59 10.96
CA ILE A 60 -8.71 -18.44 10.12
C ILE A 60 -10.18 -18.51 9.74
N HIS A 61 -10.86 -17.37 9.85
CA HIS A 61 -12.29 -17.28 9.52
C HIS A 61 -12.52 -16.02 8.68
N ASP A 62 -12.93 -16.21 7.43
CA ASP A 62 -13.37 -15.12 6.55
C ASP A 62 -12.29 -14.05 6.37
N PHE A 63 -11.04 -14.48 6.26
CA PHE A 63 -9.92 -13.58 6.03
C PHE A 63 -9.50 -13.68 4.57
N LYS A 64 -9.59 -12.57 3.85
CA LYS A 64 -9.27 -12.51 2.42
C LYS A 64 -10.05 -13.57 1.64
N ARG A 65 -9.33 -14.48 0.98
CA ARG A 65 -9.96 -15.50 0.16
C ARG A 65 -10.26 -16.78 0.93
N ILE A 66 -9.91 -16.85 2.20
CA ILE A 66 -10.11 -18.05 3.00
C ILE A 66 -11.42 -17.92 3.75
N ARG A 67 -12.25 -18.96 3.67
CA ARG A 67 -13.51 -18.97 4.41
C ARG A 67 -13.32 -19.47 5.84
N GLU A 68 -12.72 -20.65 6.00
CA GLU A 68 -12.42 -21.18 7.32
C GLU A 68 -11.28 -22.17 7.20
N LEU A 69 -10.51 -22.29 8.28
CA LEU A 69 -9.36 -23.19 8.26
C LEU A 69 -8.82 -23.36 9.67
N GLN A 70 -8.39 -24.58 9.99
CA GLN A 70 -7.74 -24.89 11.26
C GLN A 70 -6.48 -25.70 10.97
N ILE A 71 -5.34 -25.23 11.51
CA ILE A 71 -4.04 -25.80 11.20
C ILE A 71 -3.28 -26.05 12.49
N SER A 72 -2.69 -27.24 12.60
CA SER A 72 -1.83 -27.61 13.71
C SER A 72 -0.37 -27.59 13.24
N LEU A 73 0.48 -26.91 14.00
CA LEU A 73 1.86 -26.69 13.63
C LEU A 73 2.80 -27.57 14.45
N GLU A 74 3.73 -28.23 13.78
CA GLU A 74 4.74 -29.01 14.47
C GLU A 74 5.74 -28.07 15.17
N ASP A 75 6.52 -28.66 16.09
CA ASP A 75 7.45 -27.89 16.88
C ASP A 75 8.86 -27.81 16.27
N ASP A 76 9.08 -28.47 15.14
CA ASP A 76 10.42 -28.44 14.55
C ASP A 76 10.42 -28.03 13.08
N LEU A 77 9.41 -28.44 12.31
CA LEU A 77 9.38 -28.15 10.89
C LEU A 77 7.99 -28.44 10.35
N THR A 78 7.51 -27.57 9.46
CA THR A 78 6.23 -27.76 8.80
C THR A 78 6.35 -27.28 7.35
N VAL A 79 5.79 -28.04 6.43
CA VAL A 79 5.88 -27.74 5.01
C VAL A 79 4.49 -27.73 4.41
N PHE A 80 4.18 -26.70 3.63
CA PHE A 80 2.89 -26.57 2.96
C PHE A 80 3.08 -26.80 1.46
N VAL A 81 2.24 -27.66 0.90
CA VAL A 81 2.36 -28.07 -0.50
C VAL A 81 0.99 -27.99 -1.15
N GLY A 82 0.94 -27.44 -2.35
CA GLY A 82 -0.29 -27.38 -3.13
C GLY A 82 -0.42 -26.05 -3.84
N ASP A 83 -1.03 -26.08 -5.02
CA ASP A 83 -1.30 -24.88 -5.81
C ASP A 83 -2.79 -24.56 -5.78
N ASN A 84 -3.10 -23.27 -5.70
CA ASN A 84 -4.48 -22.79 -5.63
C ASN A 84 -4.44 -21.27 -5.72
N GLY A 85 -5.62 -20.68 -5.84
CA GLY A 85 -5.71 -19.25 -6.06
C GLY A 85 -5.70 -18.39 -4.80
N PHE A 86 -6.03 -18.98 -3.65
CA PHE A 86 -6.07 -18.19 -2.43
C PHE A 86 -4.68 -17.76 -1.99
N GLY A 87 -3.66 -18.56 -2.30
CA GLY A 87 -2.28 -18.21 -2.02
C GLY A 87 -1.86 -18.64 -0.63
N LYS A 88 -0.84 -19.49 -0.55
CA LYS A 88 -0.38 -19.95 0.76
C LYS A 88 0.33 -18.86 1.54
N SER A 89 0.76 -17.79 0.88
CA SER A 89 1.41 -16.71 1.60
C SER A 89 0.45 -16.00 2.54
N THR A 90 -0.86 -16.14 2.28
CA THR A 90 -1.83 -15.53 3.17
C THR A 90 -1.72 -16.15 4.55
N ILE A 91 -1.50 -17.46 4.60
CA ILE A 91 -1.38 -18.10 5.90
C ILE A 91 -0.19 -17.53 6.64
N LEU A 92 0.94 -17.37 5.95
CA LEU A 92 2.10 -16.80 6.63
C LEU A 92 1.84 -15.36 7.03
N ASP A 93 1.04 -14.64 6.25
CA ASP A 93 0.75 -13.26 6.64
C ASP A 93 -0.07 -13.23 7.91
N ALA A 94 -0.96 -14.20 8.10
CA ALA A 94 -1.75 -14.20 9.31
C ALA A 94 -0.84 -14.37 10.52
N ILE A 95 0.15 -15.24 10.42
CA ILE A 95 1.03 -15.45 11.56
C ILE A 95 1.82 -14.19 11.83
N ALA A 96 2.22 -13.50 10.77
CA ALA A 96 2.99 -12.28 10.97
C ALA A 96 2.20 -11.24 11.73
N ILE A 97 0.88 -11.21 11.53
CA ILE A 97 0.08 -10.25 12.29
C ILE A 97 0.10 -10.56 13.78
N VAL A 98 -0.06 -11.83 14.14
CA VAL A 98 -0.17 -12.19 15.55
C VAL A 98 1.13 -11.90 16.29
N LEU A 99 2.25 -12.30 15.70
CA LEU A 99 3.50 -12.13 16.41
C LEU A 99 3.83 -10.66 16.60
N SER A 100 3.25 -9.78 15.78
CA SER A 100 3.59 -8.37 15.93
C SER A 100 3.13 -7.87 17.28
N TRP A 101 1.99 -8.35 17.75
CA TRP A 101 1.49 -7.86 19.03
C TRP A 101 2.44 -8.27 20.14
N LEU A 102 2.97 -9.48 20.06
CA LEU A 102 3.88 -9.94 21.11
C LEU A 102 5.11 -9.06 21.17
N ARG A 103 5.63 -8.66 20.01
CA ARG A 103 6.81 -7.82 20.03
C ARG A 103 6.50 -6.44 20.61
N SER A 104 5.34 -5.88 20.28
CA SER A 104 5.04 -4.52 20.71
C SER A 104 4.98 -4.42 22.23
N ASN A 105 4.34 -5.38 22.87
CA ASN A 105 4.19 -5.31 24.31
C ASN A 105 5.54 -5.43 25.00
N ILE A 106 6.46 -6.20 24.41
CA ILE A 106 7.78 -6.31 25.01
C ILE A 106 8.47 -4.95 25.00
N GLU A 107 8.36 -4.22 23.90
CA GLU A 107 9.03 -2.92 23.81
C GLU A 107 8.50 -1.94 24.85
N LYS A 108 7.18 -1.87 25.00
CA LYS A 108 6.57 -0.95 25.95
C LYS A 108 5.18 -1.46 26.30
N GLU A 109 4.75 -1.19 27.54
CA GLU A 109 3.47 -1.71 28.00
C GLU A 109 2.33 -1.10 27.19
N SER A 110 1.37 -1.95 26.84
CA SER A 110 0.14 -1.54 26.17
C SER A 110 0.39 -0.78 24.88
N LYS A 111 1.49 -1.09 24.20
CA LYS A 111 1.77 -0.49 22.91
C LYS A 111 0.94 -1.16 21.82
N PRO A 112 0.24 -0.41 20.98
CA PRO A 112 -0.56 -1.03 19.93
C PRO A 112 0.31 -1.75 18.91
N GLY A 113 -0.25 -2.81 18.34
CA GLY A 113 0.46 -3.59 17.34
C GLY A 113 0.00 -3.29 15.93
N THR A 114 -0.44 -4.32 15.21
CA THR A 114 -0.90 -4.20 13.84
C THR A 114 -2.37 -4.64 13.77
N TYR A 115 -3.23 -3.74 13.30
CA TYR A 115 -4.65 -4.04 13.16
C TYR A 115 -4.94 -4.67 11.81
N ILE A 116 -6.14 -5.25 11.71
CA ILE A 116 -6.64 -5.77 10.45
C ILE A 116 -7.37 -4.63 9.75
N LYS A 117 -6.86 -4.21 8.61
CA LYS A 117 -7.47 -3.08 7.92
C LYS A 117 -8.75 -3.52 7.24
N SER A 118 -9.52 -2.53 6.76
CA SER A 118 -10.91 -2.77 6.38
C SER A 118 -11.01 -3.71 5.20
N HIS A 119 -10.16 -3.52 4.18
CA HIS A 119 -10.37 -4.18 2.90
C HIS A 119 -9.94 -5.64 2.88
N GLU A 120 -9.25 -6.13 3.92
CA GLU A 120 -8.89 -7.54 3.92
C GLU A 120 -10.06 -8.45 4.26
N VAL A 121 -11.18 -7.91 4.73
CA VAL A 121 -12.33 -8.75 5.01
C VAL A 121 -12.94 -9.24 3.70
N ASN A 122 -13.68 -10.34 3.79
CA ASN A 122 -14.30 -10.92 2.61
C ASN A 122 -15.41 -10.01 2.09
N ASN A 123 -15.63 -10.07 0.78
CA ASN A 123 -16.63 -9.23 0.12
C ASN A 123 -17.97 -9.92 -0.06
N SER A 124 -18.14 -11.13 0.47
CA SER A 124 -19.40 -11.84 0.31
C SER A 124 -20.51 -11.14 1.10
N VAL A 125 -21.76 -11.41 0.68
CA VAL A 125 -22.90 -10.75 1.28
C VAL A 125 -23.11 -11.21 2.72
N ASP A 126 -22.89 -12.50 3.00
CA ASP A 126 -23.21 -13.09 4.29
C ASP A 126 -22.05 -13.06 5.27
N VAL A 127 -21.13 -12.10 5.15
CA VAL A 127 -20.03 -11.97 6.09
C VAL A 127 -20.19 -10.67 6.86
N GLU A 128 -19.68 -10.67 8.09
CA GLU A 128 -19.80 -9.50 8.95
C GLU A 128 -18.46 -9.09 9.54
N TYR A 129 -17.57 -10.06 9.75
CA TYR A 129 -16.32 -9.79 10.44
C TYR A 129 -15.31 -10.88 10.10
N ALA A 130 -14.04 -10.59 10.40
CA ALA A 130 -12.95 -11.53 10.20
C ALA A 130 -12.18 -11.71 11.50
N SER A 131 -11.78 -12.94 11.79
CA SER A 131 -11.10 -13.27 13.04
C SER A 131 -9.90 -14.16 12.80
N ILE A 132 -8.92 -14.07 13.69
CA ILE A 132 -7.72 -14.89 13.69
C ILE A 132 -7.45 -15.35 15.10
N ASP A 133 -7.26 -16.66 15.28
CA ASP A 133 -7.07 -17.28 16.59
C ASP A 133 -5.72 -17.97 16.60
N ALA A 134 -4.94 -17.77 17.67
CA ALA A 134 -3.64 -18.40 17.78
C ALA A 134 -3.38 -18.82 19.22
N ASN A 135 -2.48 -19.80 19.38
CA ASN A 135 -2.11 -20.31 20.70
C ASN A 135 -0.61 -20.55 20.77
N ILE A 136 -0.02 -20.17 21.90
CA ILE A 136 1.41 -20.29 22.16
C ILE A 136 1.63 -21.15 23.39
N LYS A 137 2.51 -22.15 23.28
CA LYS A 137 2.74 -23.12 24.34
C LYS A 137 4.19 -23.04 24.80
N LEU A 138 4.39 -22.93 26.11
CA LEU A 138 5.71 -22.93 26.73
C LEU A 138 5.70 -24.00 27.83
N LYS A 139 6.18 -25.19 27.51
CA LYS A 139 6.15 -26.33 28.41
C LYS A 139 4.71 -26.67 28.80
N ASP A 140 4.27 -26.19 29.97
CA ASP A 140 2.92 -26.43 30.45
C ASP A 140 2.13 -25.13 30.62
N PHE A 141 2.60 -24.05 29.99
CA PHE A 141 1.96 -22.75 30.07
C PHE A 141 1.34 -22.46 28.71
N ASN A 142 0.03 -22.28 28.68
CA ASN A 142 -0.72 -22.10 27.44
C ASN A 142 -1.35 -20.72 27.41
N THR A 143 -1.15 -20.00 26.31
CA THR A 143 -1.80 -18.72 26.12
C THR A 143 -2.46 -18.70 24.74
N SER A 144 -3.49 -17.88 24.61
CA SER A 144 -4.21 -17.76 23.34
C SER A 144 -4.53 -16.30 23.08
N ILE A 145 -4.61 -15.95 21.80
CA ILE A 145 -4.91 -14.59 21.38
C ILE A 145 -5.88 -14.62 20.20
N LEU A 146 -6.88 -13.74 20.25
CA LEU A 146 -7.86 -13.59 19.19
C LEU A 146 -7.86 -12.15 18.71
N ILE A 147 -7.78 -11.97 17.40
CA ILE A 147 -7.79 -10.65 16.78
C ILE A 147 -8.90 -10.62 15.74
N THR A 148 -9.78 -9.63 15.82
CA THR A 148 -10.94 -9.60 14.95
C THR A 148 -11.27 -8.16 14.55
N LYS A 149 -11.94 -8.05 13.41
CA LYS A 149 -12.38 -6.75 12.90
C LYS A 149 -13.67 -6.93 12.13
N ALA A 150 -14.61 -6.01 12.34
CA ALA A 150 -15.93 -6.08 11.74
C ALA A 150 -16.06 -5.05 10.62
N LYS A 151 -16.99 -5.31 9.71
CA LYS A 151 -17.23 -4.42 8.58
C LYS A 151 -17.84 -3.11 9.04
N GLU A 152 -17.76 -2.11 8.16
CA GLU A 152 -18.32 -0.80 8.46
C GLU A 152 -19.84 -0.86 8.51
N GLY A 153 -20.42 -0.17 9.49
CA GLY A 153 -21.86 -0.12 9.62
C GLY A 153 -22.49 -1.34 10.25
N ALA A 154 -21.70 -2.24 10.82
CA ALA A 154 -22.26 -3.43 11.45
C ALA A 154 -23.01 -3.07 12.71
N TYR A 155 -24.03 -3.86 13.03
CA TYR A 155 -24.83 -3.61 14.22
C TYR A 155 -24.01 -3.80 15.50
N TYR A 156 -23.15 -4.83 15.53
CA TYR A 156 -22.33 -5.13 16.68
C TYR A 156 -20.85 -4.90 16.36
N SER A 157 -20.11 -4.40 17.34
CA SER A 157 -18.67 -4.21 17.20
C SER A 157 -17.93 -5.30 17.95
N ARG A 158 -16.72 -5.60 17.47
CA ARG A 158 -15.87 -6.63 18.04
C ARG A 158 -14.52 -6.06 18.42
N ASN A 159 -13.95 -6.58 19.51
CA ASN A 159 -12.66 -6.11 20.00
C ASN A 159 -11.72 -7.29 20.23
N ASN A 160 -10.43 -7.00 20.17
CA ASN A 160 -9.41 -8.01 20.41
C ASN A 160 -9.31 -8.32 21.90
N GLU A 161 -8.73 -9.49 22.21
CA GLU A 161 -8.50 -9.94 23.58
C GLU A 161 -7.00 -10.08 23.78
N LEU A 162 -6.42 -9.21 24.61
CA LEU A 162 -4.97 -9.17 24.79
C LEU A 162 -4.54 -9.48 26.22
N LEU A 163 -5.32 -10.27 26.95
CA LEU A 163 -4.94 -10.62 28.32
C LEU A 163 -3.72 -11.54 28.35
N GLY A 164 -3.76 -12.60 27.54
CA GLY A 164 -2.68 -13.58 27.57
C GLY A 164 -1.37 -13.00 27.07
N VAL A 165 -1.43 -12.22 25.99
CA VAL A 165 -0.19 -11.68 25.44
C VAL A 165 0.45 -10.74 26.43
N LYS A 166 -0.36 -9.88 27.06
CA LYS A 166 0.18 -8.92 28.01
C LYS A 166 0.80 -9.63 29.20
N LYS A 167 0.14 -10.70 29.67
CA LYS A 167 0.70 -11.44 30.79
C LYS A 167 2.03 -12.09 30.41
N LEU A 168 2.09 -12.69 29.21
CA LEU A 168 3.33 -13.34 28.81
C LEU A 168 4.47 -12.33 28.66
N ALA A 169 4.19 -11.18 28.06
CA ALA A 169 5.22 -10.17 27.88
C ALA A 169 5.65 -9.54 29.20
N SER A 170 4.82 -9.63 30.23
CA SER A 170 5.23 -9.04 31.50
C SER A 170 6.35 -9.85 32.13
N ILE A 171 6.36 -11.17 31.92
CA ILE A 171 7.43 -11.98 32.51
C ILE A 171 8.77 -11.57 31.90
N TYR A 172 8.80 -11.40 30.57
CA TYR A 172 10.04 -11.02 29.91
C TYR A 172 10.50 -9.65 30.38
N ARG A 173 9.56 -8.71 30.53
CA ARG A 173 9.98 -7.39 31.01
C ARG A 173 10.51 -7.46 32.43
N LEU A 174 9.90 -8.30 33.27
CA LEU A 174 10.33 -8.42 34.66
C LEU A 174 11.74 -8.98 34.73
N VAL A 175 12.00 -10.07 33.99
CA VAL A 175 13.32 -10.68 34.02
C VAL A 175 14.36 -9.72 33.46
N ASN A 176 14.06 -9.07 32.34
CA ASN A 176 15.00 -8.14 31.73
C ASN A 176 15.25 -6.92 32.60
N LYS A 177 14.35 -6.60 33.52
CA LYS A 177 14.53 -5.41 34.36
C LYS A 177 15.68 -5.59 35.36
N TYR A 178 15.82 -6.77 35.95
CA TYR A 178 16.83 -7.00 36.97
C TYR A 178 18.14 -7.55 36.42
N VAL A 179 18.10 -8.28 35.31
CA VAL A 179 19.30 -8.85 34.70
C VAL A 179 19.48 -8.22 33.33
N ASP A 180 20.68 -7.72 33.06
CA ASP A 180 21.00 -7.03 31.82
C ASP A 180 21.45 -7.96 30.71
N ASN A 181 21.52 -9.27 30.96
CA ASN A 181 21.97 -10.23 29.97
C ASN A 181 20.87 -11.25 29.67
N ALA A 182 19.63 -10.79 29.65
CA ALA A 182 18.50 -11.65 29.36
C ALA A 182 18.43 -11.98 27.87
N SER A 183 17.98 -13.19 27.57
CA SER A 183 17.80 -13.64 26.20
C SER A 183 16.34 -13.53 25.81
N LEU A 184 16.10 -13.09 24.58
CA LEU A 184 14.74 -12.84 24.12
C LEU A 184 14.44 -13.66 22.87
N PRO A 185 13.18 -13.99 22.63
CA PRO A 185 12.84 -14.81 21.46
C PRO A 185 13.06 -14.05 20.16
N LEU A 186 13.23 -14.82 19.09
CA LEU A 186 13.50 -14.31 17.76
C LEU A 186 12.32 -14.55 16.84
N MET A 187 11.94 -13.53 16.08
CA MET A 187 10.87 -13.63 15.10
C MET A 187 11.34 -12.99 13.80
N ALA A 188 11.10 -13.66 12.68
CA ALA A 188 11.57 -13.18 11.40
C ALA A 188 10.64 -13.66 10.30
N TYR A 189 10.72 -12.99 9.15
CA TYR A 189 9.86 -13.31 8.01
C TYR A 189 10.60 -12.93 6.75
N TYR A 190 10.80 -13.90 5.85
CA TYR A 190 11.50 -13.70 4.58
C TYR A 190 10.51 -13.89 3.44
N SER A 191 10.08 -12.78 2.85
CA SER A 191 9.13 -12.83 1.74
C SER A 191 9.89 -13.10 0.44
N ILE A 192 9.17 -13.07 -0.70
CA ILE A 192 9.81 -13.31 -1.98
C ILE A 192 10.46 -12.08 -2.59
N ALA A 193 10.39 -10.93 -1.93
CA ALA A 193 11.04 -9.73 -2.45
C ALA A 193 12.52 -9.67 -2.08
N ARG A 194 13.02 -10.65 -1.32
CA ARG A 194 14.42 -10.63 -0.95
C ARG A 194 15.32 -10.86 -2.14
N SER A 195 14.76 -11.32 -3.26
CA SER A 195 15.56 -11.51 -4.45
C SER A 195 16.10 -10.17 -4.90
N TYR A 196 15.25 -9.13 -4.88
CA TYR A 196 15.75 -7.81 -5.19
C TYR A 196 16.65 -7.30 -4.08
N ILE A 197 16.30 -7.64 -2.83
CA ILE A 197 17.04 -7.11 -1.68
C ILE A 197 18.47 -7.60 -1.71
N GLY A 198 18.67 -8.87 -2.04
CA GLY A 198 19.98 -9.46 -2.03
C GLY A 198 20.82 -9.07 -3.22
N GLY A 199 20.31 -8.17 -4.08
CA GLY A 199 21.11 -7.74 -5.21
C GLY A 199 22.39 -7.06 -4.79
N GLY A 200 22.33 -6.25 -3.75
CA GLY A 200 23.55 -5.59 -3.28
C GLY A 200 24.17 -4.63 -4.28
N VAL A 201 23.35 -3.82 -4.95
CA VAL A 201 23.87 -2.90 -5.95
C VAL A 201 24.65 -1.79 -5.27
N ASP A 202 25.41 -1.03 -6.06
CA ASP A 202 26.24 0.05 -5.53
C ASP A 202 25.35 1.26 -5.24
N ARG A 203 24.74 1.23 -4.05
CA ARG A 203 23.88 2.31 -3.60
C ARG A 203 24.68 3.60 -3.41
N THR A 210 26.53 3.73 10.98
CA THR A 210 27.75 3.91 11.75
C THR A 210 27.45 4.00 13.24
N LYS A 211 26.61 3.09 13.73
CA LYS A 211 26.24 3.08 15.14
C LYS A 211 27.41 2.57 15.97
N THR A 212 27.88 3.40 16.91
CA THR A 212 29.03 3.01 17.72
C THR A 212 28.69 1.89 18.69
N VAL A 213 27.46 1.86 19.20
CA VAL A 213 27.01 0.81 20.11
C VAL A 213 25.78 0.13 19.52
N TRP A 214 25.64 -1.16 19.81
CA TRP A 214 24.53 -1.96 19.32
C TRP A 214 23.80 -2.59 20.49
N SER A 215 22.48 -2.46 20.50
CA SER A 215 21.64 -3.03 21.55
C SER A 215 20.67 -4.04 20.94
N LYS A 216 20.18 -4.95 21.76
CA LYS A 216 19.27 -5.97 21.27
C LYS A 216 17.92 -5.41 20.83
N PHE A 217 17.61 -4.17 21.19
CA PHE A 217 16.34 -3.57 20.80
C PHE A 217 16.32 -3.10 19.36
N ASP A 218 17.48 -3.02 18.71
CA ASP A 218 17.51 -2.61 17.30
C ASP A 218 16.83 -3.64 16.41
N VAL A 219 16.99 -4.92 16.74
CA VAL A 219 16.39 -5.97 15.93
C VAL A 219 14.87 -5.90 15.97
N TYR A 220 14.32 -5.56 17.14
CA TYR A 220 12.87 -5.51 17.31
C TYR A 220 12.21 -4.35 16.56
N ASP A 221 12.96 -3.58 15.78
CA ASP A 221 12.36 -2.48 15.05
C ASP A 221 11.38 -2.98 14.00
N GLU A 222 11.73 -4.05 13.29
CA GLU A 222 10.90 -4.58 12.22
C GLU A 222 10.96 -6.10 12.23
N ILE A 223 9.91 -6.71 11.71
CA ILE A 223 9.81 -8.17 11.62
C ILE A 223 10.22 -8.67 10.25
N GLU A 224 9.70 -8.05 9.18
CA GLU A 224 9.97 -8.50 7.83
C GLU A 224 11.34 -8.06 7.37
N PHE A 225 12.05 -8.96 6.68
CA PHE A 225 13.36 -8.64 6.12
C PHE A 225 13.23 -7.52 5.09
N ASP A 226 14.14 -6.54 5.17
CA ASP A 226 14.07 -5.34 4.35
C ASP A 226 15.42 -5.04 3.72
N ARG A 227 15.49 -3.90 3.02
CA ARG A 227 16.71 -3.53 2.31
C ARG A 227 17.80 -3.02 3.25
N ASN A 228 17.42 -2.25 4.27
CA ASN A 228 18.41 -1.64 5.16
C ASN A 228 19.15 -2.67 6.00
N ASP A 229 18.67 -3.91 6.03
CA ASP A 229 19.34 -4.94 6.81
C ASP A 229 20.72 -5.25 6.25
N PHE A 230 20.86 -5.24 4.91
CA PHE A 230 22.17 -5.54 4.34
C PHE A 230 23.19 -4.47 4.73
N THR A 231 22.78 -3.20 4.68
CA THR A 231 23.69 -2.13 5.08
C THR A 231 24.03 -2.23 6.56
N ASP A 232 23.04 -2.59 7.39
CA ASP A 232 23.35 -2.76 8.80
C ASP A 232 24.30 -3.93 9.00
N PHE A 233 24.19 -4.96 8.16
CA PHE A 233 25.09 -6.10 8.26
C PHE A 233 26.51 -5.66 7.96
N PHE A 234 26.67 -4.81 6.94
CA PHE A 234 28.01 -4.34 6.59
C PHE A 234 28.61 -3.51 7.71
N GLN A 235 27.80 -2.60 8.28
CA GLN A 235 28.31 -1.76 9.37
C GLN A 235 28.69 -2.60 10.58
N TRP A 236 27.84 -3.59 10.92
CA TRP A 236 28.13 -4.45 12.06
C TRP A 236 29.39 -5.26 11.84
N LEU A 237 29.58 -5.78 10.62
CA LEU A 237 30.78 -6.55 10.34
C LEU A 237 32.02 -5.68 10.45
N VAL A 238 31.95 -4.44 9.95
CA VAL A 238 33.10 -3.55 10.01
C VAL A 238 33.43 -3.23 11.46
N PHE A 239 32.42 -2.92 12.26
CA PHE A 239 32.66 -2.57 13.65
C PHE A 239 33.24 -3.76 14.41
N LEU A 240 32.71 -4.97 14.15
CA LEU A 240 33.22 -6.14 14.85
C LEU A 240 34.67 -6.40 14.49
N HIS A 241 35.03 -6.25 13.21
CA HIS A 241 36.41 -6.49 12.82
C HIS A 241 37.33 -5.46 13.47
N ASN A 242 36.89 -4.20 13.50
CA ASN A 242 37.74 -3.17 14.09
C ASN A 242 37.93 -3.42 15.58
N ARG A 243 36.86 -3.84 16.27
CA ARG A 243 37.00 -4.13 17.69
C ARG A 243 37.93 -5.31 17.91
N ALA A 244 37.83 -6.34 17.06
CA ALA A 244 38.73 -7.47 17.19
C ALA A 244 40.18 -7.08 16.91
N SER A 245 40.38 -6.00 16.17
CA SER A 245 41.75 -5.55 15.92
C SER A 245 42.43 -5.11 17.21
N GLN A 246 41.69 -4.43 18.09
CA GLN A 246 42.28 -4.00 19.36
C GLN A 246 42.65 -5.21 20.21
N GLU A 247 41.81 -6.24 20.19
CA GLU A 247 42.13 -7.47 20.91
C GLU A 247 43.37 -8.12 20.35
N LYS A 248 43.51 -8.12 19.02
CA LYS A 248 44.71 -8.67 18.40
C LYS A 248 45.96 -7.89 18.81
N LEU A 249 45.85 -6.56 18.87
CA LEU A 249 46.97 -5.74 19.30
C LEU A 249 47.28 -5.90 20.78
N SER A 250 46.36 -6.48 21.55
CA SER A 250 46.55 -6.71 22.99
C SER A 250 46.86 -5.40 23.71
N GLU A 251 46.05 -4.38 23.45
CA GLU A 251 46.24 -3.09 24.10
C GLU A 251 46.00 -3.21 25.61
N SER A 252 46.82 -2.51 26.38
CA SER A 252 46.74 -2.56 27.83
C SER A 252 45.65 -1.62 28.34
N GLN A 253 45.59 -1.46 29.66
CA GLN A 253 44.60 -0.58 30.29
C GLN A 253 44.88 0.90 30.06
N THR A 254 46.04 1.26 29.52
CA THR A 254 46.32 2.67 29.25
C THR A 254 45.34 3.25 28.23
N THR A 255 44.83 2.41 27.32
CA THR A 255 43.84 2.88 26.37
C THR A 255 42.56 3.32 27.09
N ILE A 256 42.17 2.57 28.12
CA ILE A 256 40.99 2.96 28.90
C ILE A 256 41.24 4.27 29.61
N ASN A 257 42.47 4.48 30.10
CA ASN A 257 42.79 5.76 30.74
C ASN A 257 42.71 6.91 29.74
N ALA A 258 43.20 6.69 28.52
CA ALA A 258 43.11 7.72 27.50
C ALA A 258 41.67 8.04 27.14
N LEU A 259 40.83 7.00 27.04
CA LEU A 259 39.41 7.21 26.77
C LEU A 259 38.75 7.97 27.91
N PHE A 260 39.11 7.65 29.16
CA PHE A 260 38.55 8.37 30.29
C PHE A 260 38.95 9.83 30.27
N SER A 261 40.21 10.10 29.90
CA SER A 261 40.66 11.49 29.79
C SER A 261 39.90 12.23 28.71
N ASP A 262 39.67 11.57 27.58
CA ASP A 262 38.89 12.19 26.51
C ASP A 262 37.45 12.45 26.95
N ILE A 263 36.88 11.52 27.71
CA ILE A 263 35.51 11.70 28.20
C ILE A 263 35.46 12.87 29.17
N GLN A 264 36.46 13.00 30.04
CA GLN A 264 36.50 14.12 30.97
C GLN A 264 36.64 15.45 30.22
N SER A 265 37.47 15.48 29.17
CA SER A 265 37.60 16.69 28.37
C SER A 265 36.27 17.02 27.68
N LEU A 266 35.57 16.00 27.19
CA LEU A 266 34.28 16.24 26.57
C LEU A 266 33.28 16.78 27.58
N LYS A 267 33.31 16.25 28.81
CA LYS A 267 32.42 16.73 29.86
C LYS A 267 32.71 18.20 30.18
N ALA A 268 33.99 18.56 30.24
CA ALA A 268 34.35 19.96 30.47
C ALA A 268 33.88 20.84 29.32
N THR A 269 33.99 20.36 28.09
CA THR A 269 33.50 21.12 26.95
C THR A 269 31.99 21.29 27.03
N LEU A 270 31.28 20.25 27.47
CA LEU A 270 29.83 20.33 27.62
C LEU A 270 29.46 21.35 28.69
N THR A 271 30.23 21.38 29.79
CA THR A 271 29.97 22.36 30.84
C THR A 271 30.20 23.78 30.34
N GLN A 272 31.25 23.96 29.53
CA GLN A 272 31.50 25.28 28.95
C GLN A 272 30.39 25.67 27.99
N LEU A 273 29.88 24.70 27.22
CA LEU A 273 28.78 24.95 26.29
C LEU A 273 27.50 25.31 27.03
N SER A 274 27.27 24.73 28.21
CA SER A 274 26.07 25.05 28.97
C SER A 274 26.04 26.51 29.39
N ALA A 275 27.20 27.13 29.57
CA ALA A 275 27.26 28.53 29.94
C ALA A 275 27.04 29.38 28.68
N ILE A 276 27.22 30.69 28.82
CA ILE A 276 27.02 31.60 27.69
C ILE A 276 28.16 31.44 26.69
N ASP A 280 22.71 26.46 20.11
CA ASP A 280 23.60 25.31 19.97
C ASP A 280 23.00 24.07 20.64
N SER A 281 21.68 23.93 20.53
CA SER A 281 21.02 22.76 21.10
C SER A 281 21.46 21.48 20.40
N THR A 282 21.62 21.52 19.08
CA THR A 282 22.08 20.35 18.36
C THR A 282 23.48 19.93 18.79
N VAL A 283 24.36 20.91 19.01
CA VAL A 283 25.71 20.60 19.46
C VAL A 283 25.68 19.96 20.84
N ILE A 284 24.82 20.49 21.72
CA ILE A 284 24.70 19.93 23.08
C ILE A 284 24.19 18.49 23.01
N LYS A 285 23.18 18.24 22.17
CA LYS A 285 22.65 16.89 22.03
C LYS A 285 23.70 15.94 21.49
N GLY A 286 24.46 16.38 20.49
CA GLY A 286 25.50 15.52 19.93
C GLY A 286 26.60 15.23 20.94
N LEU A 287 26.99 16.24 21.71
CA LEU A 287 28.01 16.02 22.74
C LEU A 287 27.51 15.08 23.82
N GLU A 288 26.23 15.20 24.20
CA GLU A 288 25.66 14.30 25.21
C GLU A 288 25.62 12.87 24.68
N LEU A 289 25.24 12.69 23.41
CA LEU A 289 25.21 11.36 22.83
C LEU A 289 26.61 10.77 22.74
N SER A 290 27.60 11.58 22.38
CA SER A 290 28.98 11.10 22.33
C SER A 290 29.47 10.73 23.72
N LEU A 291 29.10 11.51 24.73
CA LEU A 291 29.49 11.20 26.11
C LEU A 291 28.86 9.89 26.57
N LYS A 292 27.60 9.66 26.22
CA LYS A 292 26.94 8.41 26.57
C LYS A 292 27.59 7.24 25.86
N GLU A 293 27.96 7.40 24.59
CA GLU A 293 28.63 6.33 23.86
C GLU A 293 30.00 6.04 24.46
N LYS A 294 30.74 7.09 24.85
CA LYS A 294 32.03 6.87 25.48
C LYS A 294 31.88 6.17 26.83
N LEU A 295 30.85 6.53 27.60
CA LEU A 295 30.60 5.85 28.86
C LEU A 295 30.26 4.38 28.63
N ASN A 296 29.48 4.08 27.59
CA ASN A 296 29.18 2.70 27.25
C ASN A 296 30.44 1.95 26.85
N TYR A 297 31.32 2.59 26.09
CA TYR A 297 32.59 1.96 25.72
C TYR A 297 33.46 1.70 26.95
N MET A 298 33.47 2.64 27.90
CA MET A 298 34.21 2.42 29.13
C MET A 298 33.63 1.25 29.93
N LYS A 299 32.30 1.15 29.98
CA LYS A 299 31.69 -0.01 30.64
C LYS A 299 32.02 -1.30 29.90
N SER A 300 32.16 -1.23 28.57
CA SER A 300 32.61 -2.41 27.81
C SER A 300 34.04 -2.78 28.17
N LEU A 301 34.90 -1.78 28.37
CA LEU A 301 36.27 -2.05 28.83
C LEU A 301 36.27 -2.68 30.21
N GLN A 302 35.40 -2.21 31.10
CA GLN A 302 35.30 -2.84 32.42
C GLN A 302 34.82 -4.28 32.30
N SER A 303 33.86 -4.54 31.41
CA SER A 303 33.46 -5.93 31.20
C SER A 303 34.59 -6.74 30.59
N GLY A 304 35.47 -6.10 29.82
CA GLY A 304 36.64 -6.79 29.31
C GLY A 304 37.56 -7.18 30.43
N GLU A 305 37.67 -6.31 31.44
CA GLU A 305 38.44 -6.66 32.63
C GLU A 305 37.79 -7.84 33.33
N HIS A 306 36.45 -7.84 33.40
CA HIS A 306 35.70 -8.95 33.95
C HIS A 306 35.69 -10.16 33.00
N LYS A 307 36.17 -9.96 31.77
CA LYS A 307 36.35 -10.98 30.74
C LYS A 307 35.03 -11.33 30.06
N PHE A 308 35.10 -11.65 28.77
CA PHE A 308 33.93 -12.01 27.99
C PHE A 308 34.41 -12.73 26.72
N ASN A 309 33.46 -13.15 25.90
CA ASN A 309 33.81 -13.80 24.65
C ASN A 309 34.55 -12.84 23.73
N ASN A 310 35.68 -13.29 23.20
CA ASN A 310 36.51 -12.43 22.37
C ASN A 310 35.82 -12.12 21.04
N ALA A 311 36.08 -10.92 20.53
CA ALA A 311 35.56 -10.55 19.22
C ALA A 311 36.13 -11.42 18.11
N VAL A 312 37.32 -11.98 18.32
CA VAL A 312 37.89 -12.93 17.36
C VAL A 312 37.02 -14.17 17.26
N SER A 313 36.56 -14.68 18.41
CA SER A 313 35.71 -15.86 18.39
C SER A 313 34.40 -15.60 17.66
N LEU A 314 33.81 -14.41 17.84
CA LEU A 314 32.58 -14.12 17.12
C LEU A 314 32.86 -13.93 15.64
N TYR A 315 34.03 -13.37 15.31
CA TYR A 315 34.33 -13.07 13.92
C TYR A 315 34.47 -14.37 13.15
N ASP A 316 35.26 -15.30 13.69
CA ASP A 316 35.41 -16.55 12.97
C ASP A 316 34.17 -17.43 13.11
N SER A 317 33.33 -17.19 14.12
CA SER A 317 32.09 -17.93 14.21
C SER A 317 31.17 -17.56 13.05
N VAL A 318 31.09 -16.27 12.74
CA VAL A 318 30.27 -15.83 11.63
C VAL A 318 30.87 -16.28 10.30
N ILE A 319 32.20 -16.16 10.17
CA ILE A 319 32.81 -16.53 8.89
C ILE A 319 32.62 -18.02 8.63
N ASN A 320 32.87 -18.86 9.65
CA ASN A 320 32.72 -20.29 9.44
C ASN A 320 31.26 -20.67 9.23
N THR A 321 30.33 -19.93 9.84
CA THR A 321 28.92 -20.22 9.62
C THR A 321 28.55 -19.98 8.17
N ILE A 322 29.02 -18.87 7.59
CA ILE A 322 28.71 -18.63 6.19
C ILE A 322 29.41 -19.65 5.31
N LEU A 323 30.67 -19.98 5.62
CA LEU A 323 31.43 -20.92 4.81
C LEU A 323 30.85 -22.32 4.84
N LYS A 324 30.02 -22.64 5.84
CA LYS A 324 29.42 -23.97 5.88
C LYS A 324 28.45 -24.21 4.72
N PHE A 325 27.76 -23.17 4.26
CA PHE A 325 26.83 -23.31 3.15
C PHE A 325 27.47 -23.10 1.78
N LEU A 326 28.74 -22.69 1.72
CA LEU A 326 29.43 -22.44 0.45
C LEU A 326 30.72 -23.24 0.45
N PRO A 327 30.65 -24.53 0.11
CA PRO A 327 31.85 -25.37 0.16
C PRO A 327 32.86 -25.07 -0.95
N GLU A 328 32.52 -24.25 -1.93
CA GLU A 328 33.41 -23.98 -3.06
C GLU A 328 34.31 -22.79 -2.83
N PHE A 329 34.28 -22.18 -1.65
CA PHE A 329 35.08 -21.00 -1.34
C PHE A 329 36.11 -21.32 -0.28
N GLN A 330 37.26 -20.66 -0.36
CA GLN A 330 38.35 -20.92 0.56
C GLN A 330 38.30 -19.99 1.77
N TRP A 331 38.28 -18.69 1.53
CA TRP A 331 38.22 -17.74 2.64
C TRP A 331 37.55 -16.45 2.20
N ILE A 332 37.09 -15.71 3.19
CA ILE A 332 36.48 -14.40 3.02
C ILE A 332 37.22 -13.42 3.93
N LYS A 333 37.61 -12.28 3.39
CA LYS A 333 38.39 -11.32 4.15
C LYS A 333 37.93 -9.90 3.83
N LEU A 334 38.24 -8.99 4.76
CA LEU A 334 37.97 -7.57 4.58
C LEU A 334 39.28 -6.88 4.23
N VAL A 335 39.28 -6.14 3.14
CA VAL A 335 40.47 -5.47 2.63
C VAL A 335 40.22 -3.97 2.65
N TYR A 336 41.12 -3.23 3.27
CA TYR A 336 41.00 -1.77 3.33
C TYR A 336 41.75 -1.16 2.16
N GLY A 337 41.00 -0.52 1.28
CA GLY A 337 41.59 0.14 0.12
C GLY A 337 40.77 1.35 -0.26
N ASP A 338 41.44 2.34 -0.85
CA ASP A 338 40.80 3.58 -1.29
C ASP A 338 40.02 4.23 -0.16
N ASP A 339 40.62 4.22 1.05
CA ASP A 339 40.00 4.81 2.23
C ASP A 339 38.61 4.23 2.48
N ASP A 340 38.47 2.92 2.29
CA ASP A 340 37.20 2.25 2.49
C ASP A 340 37.47 0.76 2.67
N TYR A 341 36.40 0.01 2.98
CA TYR A 341 36.48 -1.42 3.18
C TYR A 341 35.80 -2.17 2.04
N LYS A 342 36.29 -3.37 1.75
CA LYS A 342 35.74 -4.16 0.66
C LYS A 342 35.89 -5.64 0.99
N ILE A 343 34.86 -6.42 0.66
CA ILE A 343 34.84 -7.85 0.94
C ILE A 343 35.45 -8.60 -0.24
N ILE A 344 36.38 -9.50 0.05
CA ILE A 344 37.07 -10.28 -0.96
C ILE A 344 36.87 -11.76 -0.63
N LEU A 345 36.40 -12.53 -1.62
CA LEU A 345 36.22 -13.96 -1.47
C LEU A 345 37.16 -14.68 -2.41
N LYS A 346 37.82 -15.73 -1.93
CA LYS A 346 38.76 -16.45 -2.78
C LYS A 346 38.09 -17.76 -3.20
N LYS A 347 37.80 -17.88 -4.49
CA LYS A 347 37.23 -19.09 -5.06
C LYS A 347 38.25 -19.74 -5.97
N GLY A 348 38.58 -21.00 -5.68
CA GLY A 348 39.61 -21.68 -6.46
C GLY A 348 40.94 -20.98 -6.30
N GLU A 349 41.36 -20.29 -7.37
CA GLU A 349 42.59 -19.51 -7.35
C GLU A 349 42.34 -18.09 -7.82
N VAL A 350 41.10 -17.61 -7.73
CA VAL A 350 40.74 -16.28 -8.21
C VAL A 350 40.06 -15.52 -7.08
N GLU A 351 40.49 -14.27 -6.88
CA GLU A 351 39.83 -13.37 -5.94
C GLU A 351 38.63 -12.72 -6.60
N LEU A 352 37.53 -12.64 -5.87
CA LEU A 352 36.28 -12.12 -6.40
C LEU A 352 35.67 -11.11 -5.44
N ASP A 353 34.89 -10.20 -6.01
CA ASP A 353 34.11 -9.24 -5.27
C ASP A 353 32.69 -9.78 -5.06
N ILE A 354 31.99 -9.17 -4.11
CA ILE A 354 30.63 -9.61 -3.78
C ILE A 354 29.70 -9.44 -4.98
N GLN A 355 29.82 -8.32 -5.68
CA GLN A 355 28.93 -8.06 -6.82
C GLN A 355 29.16 -8.98 -8.00
N GLN A 356 30.25 -9.74 -8.03
CA GLN A 356 30.51 -10.64 -9.15
C GLN A 356 29.99 -12.05 -8.93
N LEU A 357 29.33 -12.31 -7.80
CA LEU A 357 28.77 -13.62 -7.51
C LEU A 357 27.46 -13.84 -8.27
N SER A 358 27.03 -15.10 -8.33
CA SER A 358 25.79 -15.45 -9.00
C SER A 358 24.61 -15.08 -8.11
N GLN A 359 23.40 -15.27 -8.62
CA GLN A 359 22.21 -14.95 -7.84
C GLN A 359 22.01 -15.90 -6.66
N GLY A 360 22.30 -17.18 -6.85
CA GLY A 360 22.10 -18.15 -5.78
C GLY A 360 23.02 -17.89 -4.60
N GLU A 361 24.28 -17.56 -4.88
CA GLU A 361 25.20 -17.33 -3.77
C GLU A 361 24.88 -16.04 -3.06
N LYS A 362 24.38 -15.03 -3.79
CA LYS A 362 23.99 -13.79 -3.12
C LYS A 362 22.82 -14.05 -2.19
N THR A 363 21.86 -14.86 -2.64
CA THR A 363 20.67 -15.13 -1.84
C THR A 363 21.05 -15.86 -0.56
N ILE A 364 21.90 -16.88 -0.68
CA ILE A 364 22.29 -17.64 0.51
C ILE A 364 23.12 -16.76 1.44
N PHE A 365 23.99 -15.92 0.87
CA PHE A 365 24.85 -15.09 1.68
C PHE A 365 24.02 -14.13 2.53
N THR A 366 22.99 -13.52 1.94
CA THR A 366 22.20 -12.56 2.69
C THR A 366 21.33 -13.25 3.73
N LEU A 367 20.77 -14.40 3.37
CA LEU A 367 19.87 -15.07 4.30
C LEU A 367 20.62 -15.54 5.54
N VAL A 368 21.73 -16.25 5.34
CA VAL A 368 22.46 -16.77 6.49
C VAL A 368 23.10 -15.64 7.28
N GLY A 369 23.59 -14.59 6.60
CA GLY A 369 24.19 -13.50 7.34
C GLY A 369 23.19 -12.80 8.24
N ASP A 370 21.96 -12.62 7.74
CA ASP A 370 20.95 -11.95 8.57
C ASP A 370 20.56 -12.81 9.76
N LEU A 371 20.40 -14.12 9.54
CA LEU A 371 20.02 -14.97 10.66
C LEU A 371 21.10 -15.00 11.73
N ALA A 372 22.36 -15.10 11.30
CA ALA A 372 23.45 -15.15 12.27
C ALA A 372 23.56 -13.86 13.04
N ARG A 373 23.37 -12.71 12.37
CA ARG A 373 23.46 -11.44 13.08
C ARG A 373 22.35 -11.32 14.11
N ARG A 374 21.12 -11.72 13.75
CA ARG A 374 20.03 -11.57 14.68
C ARG A 374 20.23 -12.45 15.91
N LEU A 375 20.64 -13.71 15.69
CA LEU A 375 20.78 -14.61 16.82
C LEU A 375 21.93 -14.16 17.71
N ILE A 376 23.01 -13.66 17.12
CA ILE A 376 24.15 -13.24 17.94
C ILE A 376 23.75 -12.03 18.79
N LEU A 377 23.03 -11.08 18.19
CA LEU A 377 22.68 -9.87 18.93
C LEU A 377 21.65 -10.14 20.03
N LEU A 378 20.82 -11.16 19.88
CA LEU A 378 19.77 -11.38 20.86
C LEU A 378 20.19 -12.22 22.06
N ASN A 379 21.38 -12.83 22.04
CA ASN A 379 21.85 -13.68 23.14
C ASN A 379 23.27 -13.29 23.53
N PRO A 380 23.44 -12.13 24.18
CA PRO A 380 24.78 -11.70 24.56
C PRO A 380 25.42 -12.54 25.66
N ASN A 381 24.64 -13.33 26.40
CA ASN A 381 25.19 -14.05 27.54
C ASN A 381 25.54 -15.50 27.23
N LEU A 382 24.90 -16.10 26.23
CA LEU A 382 25.16 -17.50 25.92
C LEU A 382 26.59 -17.70 25.40
N SER A 383 27.19 -18.82 25.79
CA SER A 383 28.52 -19.15 25.27
C SER A 383 28.48 -19.39 23.77
N ASN A 384 27.46 -20.10 23.29
CA ASN A 384 27.26 -20.31 21.87
C ASN A 384 25.94 -19.65 21.49
N PRO A 385 25.96 -18.44 20.94
CA PRO A 385 24.71 -17.71 20.70
C PRO A 385 23.84 -18.31 19.61
N LEU A 386 24.30 -19.32 18.88
CA LEU A 386 23.52 -19.93 17.83
C LEU A 386 22.56 -21.00 18.34
N LEU A 387 22.25 -21.01 19.64
CA LEU A 387 21.36 -22.00 20.22
C LEU A 387 20.13 -21.37 20.85
N GLY A 388 19.78 -20.15 20.45
CA GLY A 388 18.61 -19.49 21.00
C GLY A 388 17.32 -20.02 20.42
N TYR A 389 16.21 -19.58 21.01
CA TYR A 389 14.88 -19.99 20.60
C TYR A 389 14.24 -18.92 19.70
N GLY A 390 13.20 -19.32 19.00
CA GLY A 390 12.48 -18.41 18.15
C GLY A 390 11.69 -19.16 17.09
N ILE A 391 11.10 -18.38 16.19
CA ILE A 391 10.32 -18.90 15.08
C ILE A 391 10.66 -18.12 13.82
N VAL A 392 10.86 -18.82 12.71
CA VAL A 392 11.26 -18.22 11.45
C VAL A 392 10.34 -18.72 10.35
N LEU A 393 9.81 -17.80 9.54
CA LEU A 393 8.95 -18.13 8.42
C LEU A 393 9.66 -17.81 7.12
N ILE A 394 9.76 -18.80 6.24
CA ILE A 394 10.46 -18.67 4.97
C ILE A 394 9.51 -19.04 3.84
N ASP A 395 9.46 -18.22 2.81
CA ASP A 395 8.60 -18.44 1.65
C ASP A 395 9.48 -18.71 0.43
N GLU A 396 9.15 -19.77 -0.30
CA GLU A 396 9.88 -20.15 -1.53
C GLU A 396 11.36 -20.41 -1.21
N ILE A 397 11.58 -21.47 -0.44
CA ILE A 397 12.92 -21.81 0.02
C ILE A 397 13.85 -22.13 -1.15
N ASP A 398 13.30 -22.60 -2.28
CA ASP A 398 14.11 -23.11 -3.39
C ASP A 398 14.32 -22.07 -4.49
N LEU A 399 14.47 -20.79 -4.15
CA LEU A 399 14.71 -19.77 -5.14
C LEU A 399 16.15 -19.81 -5.62
N HIS A 400 16.34 -19.89 -6.94
CA HIS A 400 17.66 -19.82 -7.57
C HIS A 400 18.61 -20.87 -7.02
N LEU A 401 18.13 -22.10 -6.86
CA LEU A 401 18.97 -23.19 -6.38
C LEU A 401 18.89 -24.37 -7.32
N HIS A 402 20.05 -24.91 -7.71
CA HIS A 402 20.10 -26.09 -8.54
C HIS A 402 19.79 -27.33 -7.72
N PRO A 403 19.39 -28.43 -8.36
CA PRO A 403 18.93 -29.61 -7.60
C PRO A 403 19.94 -30.16 -6.60
N GLN A 404 21.24 -30.01 -6.84
CA GLN A 404 22.23 -30.50 -5.90
C GLN A 404 22.12 -29.81 -4.54
N TRP A 405 21.93 -28.49 -4.53
CA TRP A 405 21.83 -27.76 -3.27
C TRP A 405 20.49 -27.98 -2.57
N GLN A 406 19.46 -28.33 -3.35
CA GLN A 406 18.13 -28.50 -2.78
C GLN A 406 18.12 -29.67 -1.80
N GLN A 407 18.86 -30.73 -2.11
CA GLN A 407 18.81 -31.93 -1.29
C GLN A 407 19.59 -31.78 0.01
N THR A 408 20.34 -30.70 0.20
CA THR A 408 21.13 -30.52 1.40
C THR A 408 20.79 -29.25 2.17
N ILE A 409 19.93 -28.39 1.63
CA ILE A 409 19.65 -27.13 2.32
C ILE A 409 18.89 -27.40 3.61
N ILE A 410 17.96 -28.37 3.59
CA ILE A 410 17.14 -28.62 4.77
C ILE A 410 18.02 -29.17 5.90
N GLU A 411 18.89 -30.12 5.58
CA GLU A 411 19.71 -30.74 6.60
C GLU A 411 20.64 -29.69 7.21
N ARG A 412 21.21 -28.82 6.38
CA ARG A 412 22.12 -27.84 6.96
C ARG A 412 21.35 -26.84 7.80
N LEU A 413 20.14 -26.46 7.37
CA LEU A 413 19.38 -25.48 8.12
C LEU A 413 19.01 -26.02 9.49
N THR A 414 18.57 -27.27 9.55
CA THR A 414 18.16 -27.82 10.83
C THR A 414 19.32 -28.35 11.65
N SER A 415 20.54 -28.31 11.10
CA SER A 415 21.70 -28.72 11.87
C SER A 415 22.47 -27.55 12.46
N THR A 416 22.50 -26.41 11.77
CA THR A 416 23.18 -25.23 12.31
C THR A 416 22.38 -24.57 13.45
N PHE A 417 21.06 -24.48 13.29
CA PHE A 417 20.18 -23.89 14.31
C PHE A 417 19.14 -24.92 14.71
N PRO A 418 19.42 -25.76 15.71
CA PRO A 418 18.49 -26.83 16.08
C PRO A 418 17.37 -26.42 17.01
N ASN A 419 17.43 -25.24 17.63
CA ASN A 419 16.43 -24.83 18.61
C ASN A 419 15.41 -23.85 18.06
N VAL A 420 15.33 -23.68 16.75
CA VAL A 420 14.44 -22.72 16.12
C VAL A 420 13.41 -23.47 15.29
N GLN A 421 12.16 -23.01 15.36
CA GLN A 421 11.06 -23.62 14.64
C GLN A 421 10.88 -22.94 13.29
N PHE A 422 10.75 -23.74 12.23
CA PHE A 422 10.66 -23.23 10.87
C PHE A 422 9.30 -23.56 10.25
N VAL A 423 8.80 -22.64 9.44
CA VAL A 423 7.60 -22.84 8.63
C VAL A 423 7.97 -22.50 7.19
N ILE A 424 7.85 -23.46 6.29
CA ILE A 424 8.38 -23.35 4.94
C ILE A 424 7.34 -23.79 3.93
N THR A 425 7.31 -23.12 2.78
CA THR A 425 6.50 -23.54 1.63
C THR A 425 7.42 -23.81 0.45
N THR A 426 7.22 -24.95 -0.22
CA THR A 426 8.09 -25.40 -1.29
C THR A 426 7.29 -25.71 -2.54
N HIS A 427 8.02 -25.88 -3.65
CA HIS A 427 7.43 -26.25 -4.93
C HIS A 427 8.19 -27.34 -5.67
N SER A 428 9.25 -27.89 -5.10
CA SER A 428 10.09 -28.85 -5.80
C SER A 428 10.02 -30.22 -5.12
N PRO A 429 9.83 -31.30 -5.87
CA PRO A 429 9.84 -32.63 -5.24
C PRO A 429 11.19 -33.01 -4.64
N GLN A 430 12.28 -32.43 -5.13
CA GLN A 430 13.59 -32.78 -4.60
C GLN A 430 13.70 -32.34 -3.14
N VAL A 431 13.24 -31.14 -2.82
CA VAL A 431 13.26 -30.69 -1.43
C VAL A 431 12.32 -31.56 -0.60
N LEU A 432 11.14 -31.86 -1.13
CA LEU A 432 10.14 -32.60 -0.40
C LEU A 432 10.58 -34.03 -0.10
N SER A 433 11.53 -34.56 -0.85
CA SER A 433 11.96 -35.94 -0.63
C SER A 433 12.87 -36.09 0.57
N THR A 434 13.30 -35.00 1.19
CA THR A 434 14.22 -35.06 2.33
C THR A 434 13.55 -34.73 3.66
N VAL A 435 12.23 -34.61 3.70
CA VAL A 435 11.52 -34.28 4.94
C VAL A 435 10.63 -35.45 5.31
N SER A 436 10.37 -35.58 6.61
CA SER A 436 9.54 -36.68 7.11
C SER A 436 8.09 -36.48 6.72
N SER A 437 7.35 -37.57 6.66
CA SER A 437 5.95 -37.52 6.25
C SER A 437 5.04 -36.94 7.32
N ARG A 438 5.51 -36.80 8.55
CA ARG A 438 4.70 -36.23 9.62
C ARG A 438 4.73 -34.72 9.65
N SER A 439 5.50 -34.08 8.78
CA SER A 439 5.61 -32.63 8.74
C SER A 439 5.08 -32.05 7.44
N VAL A 440 4.28 -32.80 6.69
CA VAL A 440 3.78 -32.38 5.40
C VAL A 440 2.27 -32.20 5.49
N ARG A 441 1.79 -31.02 5.12
CA ARG A 441 0.36 -30.72 5.06
C ARG A 441 0.01 -30.37 3.62
N ILE A 442 -0.95 -31.07 3.05
CA ILE A 442 -1.34 -30.88 1.66
C ILE A 442 -2.68 -30.16 1.63
N LEU A 443 -2.75 -29.06 0.90
CA LEU A 443 -3.95 -28.24 0.78
C LEU A 443 -4.65 -28.55 -0.54
N GLN A 444 -5.93 -28.89 -0.46
CA GLN A 444 -6.70 -29.20 -1.66
C GLN A 444 -8.04 -28.50 -1.61
N GLU A 445 -8.50 -28.04 -2.77
CA GLU A 445 -9.80 -27.38 -2.91
C GLU A 445 -10.74 -28.37 -3.60
N VAL A 446 -11.73 -28.85 -2.86
CA VAL A 446 -12.71 -29.81 -3.36
C VAL A 446 -14.07 -29.14 -3.38
N GLU A 447 -14.72 -29.14 -4.54
CA GLU A 447 -16.02 -28.50 -4.68
C GLU A 447 -17.09 -29.49 -4.21
N VAL A 448 -17.72 -29.18 -3.07
CA VAL A 448 -18.77 -30.01 -2.50
C VAL A 448 -20.06 -29.19 -2.48
N ASP A 449 -21.12 -29.76 -3.03
CA ASP A 449 -22.43 -29.09 -3.11
C ASP A 449 -22.32 -27.76 -3.82
N GLY A 450 -21.45 -27.69 -4.83
CA GLY A 450 -21.29 -26.48 -5.59
C GLY A 450 -20.45 -25.41 -4.93
N VAL A 451 -19.88 -25.68 -3.75
CA VAL A 451 -19.06 -24.70 -3.04
C VAL A 451 -17.69 -25.29 -2.80
N ASN A 452 -16.65 -24.56 -3.19
CA ASN A 452 -15.29 -25.01 -2.99
C ASN A 452 -14.93 -24.97 -1.51
N ASP A 453 -14.32 -26.05 -1.01
CA ASP A 453 -13.94 -26.16 0.39
C ASP A 453 -12.47 -26.57 0.47
N LEU A 454 -11.76 -25.99 1.43
CA LEU A 454 -10.35 -26.28 1.63
C LEU A 454 -10.20 -27.42 2.62
N ILE A 455 -9.37 -28.41 2.27
CA ILE A 455 -9.09 -29.55 3.13
C ILE A 455 -7.59 -29.74 3.21
N VAL A 456 -7.15 -30.38 4.29
CA VAL A 456 -5.75 -30.65 4.54
C VAL A 456 -5.58 -32.14 4.73
N SER A 457 -4.61 -32.72 4.03
CA SER A 457 -4.35 -34.15 4.09
C SER A 457 -2.86 -34.40 4.32
N HIS A 458 -2.52 -35.68 4.43
CA HIS A 458 -1.17 -36.17 4.69
C HIS A 458 -0.77 -37.17 3.62
N PRO A 459 0.53 -37.33 3.38
CA PRO A 459 0.99 -38.32 2.41
C PRO A 459 0.59 -39.74 2.82
N ASP A 460 0.33 -40.57 1.81
CA ASP A 460 -0.08 -41.95 2.07
C ASP A 460 1.05 -42.77 2.69
N TYR A 461 2.27 -42.60 2.21
CA TYR A 461 3.42 -43.37 2.65
C TYR A 461 4.52 -42.43 3.13
N GLN A 462 5.51 -43.01 3.81
CA GLN A 462 6.68 -42.25 4.20
C GLN A 462 7.47 -41.86 2.95
N ILE A 463 7.88 -40.59 2.87
CA ILE A 463 8.53 -40.06 1.68
C ILE A 463 9.96 -39.62 1.96
N LYS A 464 10.48 -39.86 3.15
CA LYS A 464 11.85 -39.48 3.46
C LYS A 464 12.78 -40.59 2.98
N GLY A 465 13.60 -40.28 1.98
CA GLY A 465 14.56 -41.21 1.43
C GLY A 465 14.14 -41.87 0.13
N VAL A 466 12.91 -41.66 -0.33
CA VAL A 466 12.45 -42.24 -1.58
C VAL A 466 12.94 -41.38 -2.74
N SER A 467 12.84 -41.92 -3.96
CA SER A 467 13.24 -41.18 -5.14
C SER A 467 12.29 -39.99 -5.36
N ASN A 468 12.78 -38.99 -6.09
CA ASN A 468 11.98 -37.80 -6.33
C ASN A 468 10.75 -38.08 -7.19
N GLN A 469 10.74 -39.19 -7.93
CA GLN A 469 9.54 -39.53 -8.69
C GLN A 469 8.43 -39.99 -7.76
N ASP A 470 8.76 -40.82 -6.77
CA ASP A 470 7.72 -41.26 -5.86
C ASP A 470 7.27 -40.08 -4.98
N ALA A 471 8.21 -39.19 -4.64
CA ALA A 471 7.83 -38.02 -3.86
C ALA A 471 6.89 -37.12 -4.64
N LEU A 472 7.05 -37.08 -5.96
CA LEU A 472 6.11 -36.31 -6.78
C LEU A 472 4.77 -37.02 -6.89
N LEU A 473 4.79 -38.35 -6.93
CA LEU A 473 3.55 -39.11 -7.10
C LEU A 473 2.69 -39.08 -5.85
N TYR A 474 3.32 -39.13 -4.67
CA TYR A 474 2.61 -39.21 -3.39
C TYR A 474 2.47 -37.88 -2.69
N GLY A 475 3.58 -37.15 -2.54
CA GLY A 475 3.54 -35.89 -1.80
C GLY A 475 2.80 -34.78 -2.52
N MET A 476 2.67 -34.86 -3.84
CA MET A 476 2.01 -33.83 -4.62
C MET A 476 0.84 -34.33 -5.45
N ARG A 477 0.70 -35.65 -5.63
CA ARG A 477 -0.40 -36.25 -6.37
C ARG A 477 -0.47 -35.71 -7.80
N THR A 478 0.63 -35.87 -8.52
CA THR A 478 0.73 -35.48 -9.91
C THR A 478 1.42 -36.59 -10.69
N ASP A 479 1.01 -36.76 -11.94
CA ASP A 479 1.62 -37.79 -12.78
C ASP A 479 3.03 -37.38 -13.15
N PRO A 480 4.05 -38.20 -12.84
CA PRO A 480 5.43 -37.84 -13.16
C PRO A 480 5.85 -38.16 -14.59
N ILE A 481 4.91 -38.46 -15.48
CA ILE A 481 5.20 -38.80 -16.86
C ILE A 481 4.43 -37.85 -17.77
N PRO A 482 5.07 -37.20 -18.73
CA PRO A 482 4.36 -36.26 -19.60
C PRO A 482 3.39 -36.99 -20.53
N SER A 483 2.52 -36.21 -21.15
CA SER A 483 1.47 -36.72 -22.02
C SER A 483 1.71 -36.38 -23.50
N THR A 484 2.96 -36.49 -23.93
CA THR A 484 3.32 -36.18 -25.31
C THR A 484 2.72 -37.23 -26.24
N LYS A 485 2.79 -36.94 -27.55
CA LYS A 485 2.23 -37.85 -28.55
C LYS A 485 2.96 -39.19 -28.56
N GLU A 486 4.28 -39.17 -28.40
CA GLU A 486 5.04 -40.42 -28.43
C GLU A 486 4.67 -41.33 -27.27
N ASN A 487 4.25 -40.76 -26.14
CA ASN A 487 3.83 -41.60 -25.03
C ASN A 487 2.59 -42.40 -25.41
N GLY A 488 1.70 -41.79 -26.19
CA GLY A 488 0.52 -42.53 -26.62
C GLY A 488 0.89 -43.70 -27.49
N TRP A 489 1.90 -43.52 -28.34
CA TRP A 489 2.38 -44.60 -29.19
C TRP A 489 2.95 -45.74 -28.36
N LEU A 490 3.75 -45.39 -27.35
CA LEU A 490 4.32 -46.43 -26.49
C LEU A 490 3.24 -47.16 -25.71
N GLU A 491 2.27 -46.43 -25.18
CA GLU A 491 1.20 -47.06 -24.41
C GLU A 491 0.37 -47.99 -25.30
N GLU A 492 0.05 -47.54 -26.52
CA GLU A 492 -0.72 -48.38 -27.42
C GLU A 492 0.06 -49.62 -27.81
N TYR A 493 1.37 -49.49 -28.05
CA TYR A 493 2.15 -50.68 -28.40
C TYR A 493 2.19 -51.64 -27.22
N LYS A 494 2.29 -51.09 -26.01
CA LYS A 494 2.38 -51.94 -24.83
C LYS A 494 1.09 -52.73 -24.66
N LYS A 495 -0.05 -52.09 -24.96
CA LYS A 495 -1.31 -52.78 -24.80
C LYS A 495 -1.37 -53.97 -25.74
N LEU A 496 -0.89 -53.80 -26.97
CA LEU A 496 -0.92 -54.91 -27.93
C LEU A 496 -0.01 -56.03 -27.46
N VAL A 497 1.16 -55.66 -26.90
CA VAL A 497 2.12 -56.68 -26.51
C VAL A 497 1.55 -57.51 -25.36
N GLU A 498 1.01 -56.83 -24.34
CA GLU A 498 0.41 -57.52 -23.21
C GLU A 498 -0.86 -58.26 -23.60
N LEU A 499 -1.50 -57.88 -24.70
CA LEU A 499 -2.73 -58.51 -25.16
C LEU A 499 -2.50 -59.64 -26.14
N ASN A 500 -1.24 -59.93 -26.49
CA ASN A 500 -0.74 -61.15 -27.11
C ASN A 500 -1.01 -61.20 -28.61
N ARG A 501 -1.73 -60.23 -29.18
CA ARG A 501 -1.86 -60.11 -30.64
C ARG A 501 -0.91 -59.06 -31.20
N TYR A 502 0.30 -58.98 -30.64
CA TYR A 502 1.31 -58.05 -31.12
C TYR A 502 1.69 -58.28 -32.58
N SER A 503 1.50 -59.50 -33.10
CA SER A 503 1.83 -59.78 -34.49
C SER A 503 0.68 -59.32 -35.38
N SER A 504 0.79 -58.07 -35.85
CA SER A 504 -0.22 -57.49 -36.73
C SER A 504 0.43 -56.35 -37.51
N ASP A 505 -0.22 -55.96 -38.60
CA ASP A 505 0.29 -54.88 -39.43
C ASP A 505 0.26 -53.56 -38.68
N GLU A 506 -0.81 -53.30 -37.93
CA GLU A 506 -0.91 -52.05 -37.19
C GLU A 506 0.20 -51.92 -36.16
N ALA A 507 0.50 -53.03 -35.46
CA ALA A 507 1.58 -52.95 -34.48
C ALA A 507 2.91 -52.73 -35.17
N LEU A 508 3.10 -53.31 -36.36
CA LEU A 508 4.34 -53.09 -37.08
C LEU A 508 4.50 -51.63 -37.46
N LEU A 509 3.40 -51.00 -37.89
CA LEU A 509 3.44 -49.57 -38.22
C LEU A 509 3.76 -48.74 -36.99
N LEU A 510 3.15 -49.08 -35.85
CA LEU A 510 3.43 -48.31 -34.63
C LEU A 510 4.88 -48.49 -34.21
N ARG A 511 5.38 -49.72 -34.31
CA ARG A 511 6.74 -50.02 -33.88
C ARG A 511 7.74 -49.26 -34.74
N GLU A 512 7.49 -49.15 -36.05
CA GLU A 512 8.43 -48.42 -36.89
C GLU A 512 8.54 -46.97 -36.44
N LYS A 513 7.41 -46.38 -36.02
CA LYS A 513 7.43 -45.00 -35.50
C LYS A 513 8.22 -44.93 -34.22
N VAL A 514 8.04 -45.92 -33.34
CA VAL A 514 8.73 -45.87 -32.05
C VAL A 514 10.24 -45.99 -32.28
N ILE A 515 10.65 -46.92 -33.15
CA ILE A 515 12.07 -47.11 -33.40
C ILE A 515 12.65 -45.85 -34.03
N LYS A 516 11.86 -45.20 -34.90
CA LYS A 516 12.35 -44.00 -35.56
C LYS A 516 12.60 -42.89 -34.54
N HIS A 517 11.71 -42.76 -33.56
CA HIS A 517 11.88 -41.66 -32.61
C HIS A 517 12.90 -41.99 -31.52
N PHE A 518 12.63 -43.04 -30.73
CA PHE A 518 13.48 -43.34 -29.59
C PHE A 518 14.80 -43.97 -30.01
N GLY A 519 14.78 -44.86 -30.98
CA GLY A 519 15.99 -45.57 -31.37
C GLY A 519 16.01 -46.98 -30.79
N LEU A 520 16.75 -47.86 -31.47
CA LEU A 520 16.77 -49.26 -31.09
C LEU A 520 17.53 -49.54 -29.80
N ASP A 521 18.44 -48.66 -29.40
CA ASP A 521 19.25 -48.90 -28.21
C ASP A 521 18.63 -48.32 -26.93
N HIS A 522 17.48 -47.69 -27.03
CA HIS A 522 16.86 -47.09 -25.86
C HIS A 522 16.42 -48.19 -24.89
N PRO A 523 16.61 -47.99 -23.58
CA PRO A 523 16.16 -49.01 -22.61
C PRO A 523 14.68 -49.30 -22.64
N LEU A 524 13.84 -48.29 -22.94
CA LEU A 524 12.40 -48.51 -22.99
C LEU A 524 12.04 -49.51 -24.08
N VAL A 525 12.67 -49.40 -25.26
CA VAL A 525 12.38 -50.36 -26.32
C VAL A 525 12.89 -51.74 -25.92
N GLN A 526 14.02 -51.80 -25.21
CA GLN A 526 14.56 -53.08 -24.79
C GLN A 526 13.63 -53.79 -23.83
N GLU A 527 12.93 -53.03 -22.98
CA GLU A 527 11.98 -53.68 -22.08
C GLU A 527 10.86 -54.35 -22.86
N CYS A 528 10.36 -53.69 -23.90
CA CYS A 528 9.32 -54.30 -24.72
C CYS A 528 9.86 -55.53 -25.43
N ASP A 529 11.13 -55.48 -25.85
CA ASP A 529 11.69 -56.66 -26.51
C ASP A 529 11.76 -57.82 -25.53
N ASP A 530 12.09 -57.54 -24.28
CA ASP A 530 12.18 -58.59 -23.29
C ASP A 530 10.80 -59.20 -23.07
N LEU A 531 9.77 -58.34 -23.05
CA LEU A 531 8.41 -58.82 -22.86
C LEU A 531 8.00 -59.74 -24.01
N ILE A 532 8.44 -59.42 -25.22
CA ILE A 532 8.11 -60.28 -26.36
C ILE A 532 8.84 -61.61 -26.22
N SER A 533 10.11 -61.56 -25.84
CA SER A 533 10.92 -62.77 -25.82
C SER A 533 10.42 -63.75 -24.77
N VAL A 534 10.04 -63.25 -23.60
CA VAL A 534 9.63 -64.17 -22.54
C VAL A 534 8.32 -64.86 -22.94
N LEU A 535 7.41 -64.11 -23.57
CA LEU A 535 6.16 -64.69 -24.02
C LEU A 535 6.41 -65.76 -25.07
N GLU A 536 7.35 -65.51 -25.97
CA GLU A 536 7.68 -66.54 -26.97
C GLU A 536 8.29 -67.76 -26.32
N PHE A 537 9.11 -67.58 -25.28
CA PHE A 537 9.76 -68.72 -24.63
C PHE A 537 8.80 -69.55 -23.79
N LYS A 538 7.75 -68.93 -23.23
CA LYS A 538 6.88 -69.65 -22.31
C LYS A 538 6.17 -70.82 -23.00
N ASN A 539 5.71 -70.62 -24.23
CA ASN A 539 5.06 -71.73 -24.92
C ASN A 539 6.10 -72.75 -25.38
N LYS A 540 7.32 -72.30 -25.68
CA LYS A 540 8.33 -73.25 -26.13
C LYS A 540 8.68 -74.20 -25.00
N ILE A 541 8.88 -73.66 -23.80
CA ILE A 541 9.23 -74.51 -22.66
C ILE A 541 8.04 -75.39 -22.29
N ASN A 542 6.81 -74.88 -22.40
CA ASN A 542 5.68 -75.72 -22.09
C ASN A 542 5.59 -76.90 -23.07
N GLN A 543 5.83 -76.63 -24.36
CA GLN A 543 5.81 -77.70 -25.36
C GLN A 543 6.94 -78.69 -25.16
N HIS A 544 8.11 -78.22 -24.72
CA HIS A 544 9.24 -79.13 -24.53
C HIS A 544 8.97 -80.18 -23.45
N PHE A 545 8.34 -79.78 -22.35
CA PHE A 545 8.03 -80.70 -21.26
C PHE A 545 6.53 -80.97 -21.16
N SER A 546 5.87 -81.07 -22.30
CA SER A 546 4.44 -81.34 -22.34
C SER A 546 4.17 -82.82 -22.12
N MET B 13 17.93 -15.84 -56.31
CA MET B 13 17.79 -14.41 -56.10
C MET B 13 18.57 -13.96 -54.87
N ASN B 14 19.85 -13.65 -55.06
CA ASN B 14 20.67 -13.18 -53.96
C ASN B 14 20.24 -11.79 -53.52
N LEU B 15 20.32 -11.55 -52.21
CA LEU B 15 19.95 -10.23 -51.67
C LEU B 15 20.89 -9.15 -52.19
N GLU B 16 22.19 -9.45 -52.26
CA GLU B 16 23.15 -8.46 -52.73
C GLU B 16 22.91 -8.10 -54.19
N THR B 17 22.62 -9.11 -55.02
CA THR B 17 22.41 -8.84 -56.44
C THR B 17 21.20 -7.96 -56.66
N CYS B 18 20.11 -8.21 -55.93
CA CYS B 18 18.93 -7.36 -56.08
C CYS B 18 19.18 -5.97 -55.50
N TYR B 19 19.95 -5.90 -54.42
CA TYR B 19 20.19 -4.62 -53.76
C TYR B 19 21.01 -3.70 -54.65
N VAL B 20 22.03 -4.25 -55.32
CA VAL B 20 22.92 -3.37 -56.06
C VAL B 20 22.18 -2.81 -57.27
N ASP B 21 21.41 -3.65 -57.96
CA ASP B 21 20.73 -3.15 -59.15
C ASP B 21 19.61 -2.19 -58.77
N PHE B 22 18.95 -2.41 -57.62
CA PHE B 22 17.93 -1.45 -57.21
C PHE B 22 18.57 -0.12 -56.85
N LEU B 23 19.75 -0.15 -56.23
CA LEU B 23 20.45 1.09 -55.92
C LEU B 23 20.84 1.83 -57.19
N GLU B 24 21.31 1.08 -58.19
CA GLU B 24 21.66 1.71 -59.47
C GLU B 24 20.45 2.30 -60.16
N LEU B 25 19.32 1.59 -60.14
CA LEU B 25 18.11 2.12 -60.75
C LEU B 25 17.63 3.37 -60.02
N GLU B 26 17.74 3.37 -58.68
CA GLU B 26 17.33 4.53 -57.92
C GLU B 26 18.21 5.73 -58.25
N SER B 27 19.51 5.49 -58.41
CA SER B 27 20.42 6.57 -58.77
C SER B 27 20.12 7.11 -60.16
N HIS B 28 19.79 6.23 -61.10
CA HIS B 28 19.55 6.66 -62.47
C HIS B 28 18.29 7.52 -62.60
N VAL B 29 17.22 7.14 -61.90
CA VAL B 29 15.93 7.81 -62.03
C VAL B 29 15.77 8.80 -60.89
N ILE B 30 15.70 10.09 -61.23
CA ILE B 30 15.53 11.13 -60.22
C ILE B 30 14.12 11.08 -59.63
N ASN B 31 13.12 10.84 -60.47
CA ASN B 31 11.74 10.85 -60.02
C ASN B 31 11.49 9.70 -59.04
N GLU B 32 10.84 10.01 -57.92
CA GLU B 32 10.57 8.98 -56.92
C GLU B 32 9.44 8.05 -57.34
N ASP B 33 8.39 8.58 -57.99
CA ASP B 33 7.27 7.75 -58.37
C ASP B 33 7.65 6.75 -59.44
N TYR B 34 8.63 7.07 -60.29
CA TYR B 34 9.05 6.15 -61.33
C TYR B 34 9.63 4.87 -60.74
N LEU B 35 10.45 5.00 -59.69
CA LEU B 35 11.04 3.84 -59.03
C LEU B 35 10.16 3.29 -57.92
N LYS B 36 9.09 4.00 -57.54
CA LYS B 36 8.21 3.51 -56.51
C LYS B 36 7.51 2.23 -56.93
N GLU B 37 7.06 2.18 -58.18
CA GLU B 37 6.39 1.02 -58.77
C GLU B 37 7.27 0.50 -59.89
N SER B 38 8.07 -0.53 -59.60
CA SER B 38 8.97 -1.09 -60.58
C SER B 38 9.28 -2.53 -60.19
N VAL B 39 9.82 -3.28 -61.15
CA VAL B 39 10.16 -4.68 -60.91
C VAL B 39 11.30 -4.82 -59.91
N GLU B 40 12.23 -3.87 -59.86
CA GLU B 40 13.33 -3.97 -58.91
C GLU B 40 12.85 -3.93 -57.46
N LEU B 41 11.92 -3.02 -57.16
CA LEU B 41 11.41 -2.95 -55.79
C LEU B 41 10.59 -4.18 -55.44
N GLN B 42 9.77 -4.67 -56.38
CA GLN B 42 8.98 -5.85 -56.08
C GLN B 42 9.88 -7.05 -55.85
N LYS B 43 10.94 -7.17 -56.66
CA LYS B 43 11.84 -8.31 -56.51
C LYS B 43 12.54 -8.26 -55.16
N LEU B 44 12.98 -7.05 -54.76
CA LEU B 44 13.67 -6.91 -53.49
C LEU B 44 12.75 -7.25 -52.33
N ILE B 45 11.51 -6.78 -52.38
CA ILE B 45 10.60 -7.04 -51.27
C ILE B 45 10.25 -8.52 -51.23
N SER B 46 10.00 -9.12 -52.38
CA SER B 46 9.58 -10.51 -52.42
C SER B 46 10.68 -11.40 -51.88
N THR B 47 11.94 -11.14 -52.27
CA THR B 47 13.01 -11.98 -51.75
C THR B 47 13.33 -11.65 -50.30
N LEU B 48 12.98 -10.46 -49.82
CA LEU B 48 13.25 -10.12 -48.43
C LEU B 48 12.27 -10.78 -47.49
N ASN B 49 11.01 -10.93 -47.92
CA ASN B 49 9.99 -11.49 -47.04
C ASN B 49 10.15 -12.99 -46.84
N GLU B 50 10.73 -13.69 -47.81
CA GLU B 50 10.91 -15.14 -47.67
C GLU B 50 12.12 -15.52 -46.83
N SER B 51 13.01 -14.58 -46.53
CA SER B 51 14.19 -14.91 -45.74
C SER B 51 13.84 -15.13 -44.28
N LYS B 52 14.52 -16.09 -43.66
CA LYS B 52 14.30 -16.48 -42.27
C LYS B 52 15.47 -15.97 -41.43
N PHE B 53 15.19 -15.03 -40.52
CA PHE B 53 16.22 -14.45 -39.67
C PHE B 53 16.55 -15.38 -38.50
N HIS B 54 17.83 -15.68 -38.33
CA HIS B 54 18.26 -16.46 -37.18
C HIS B 54 19.77 -16.35 -37.03
N LEU B 55 20.22 -16.30 -35.77
CA LEU B 55 21.65 -16.27 -35.47
C LEU B 55 22.25 -17.66 -35.73
N ASN B 56 23.55 -17.68 -36.02
CA ASN B 56 24.17 -18.96 -36.38
C ASN B 56 25.25 -19.41 -35.41
N LYS B 57 26.24 -18.57 -35.12
CA LYS B 57 27.37 -18.96 -34.30
C LYS B 57 27.76 -17.79 -33.40
N ILE B 58 28.46 -18.11 -32.32
CA ILE B 58 28.93 -17.07 -31.41
C ILE B 58 30.22 -17.53 -30.76
N GLY B 59 31.15 -16.61 -30.58
CA GLY B 59 32.40 -16.92 -29.90
C GLY B 59 32.69 -15.92 -28.81
N ILE B 60 33.23 -16.43 -27.70
CA ILE B 60 33.49 -15.64 -26.51
C ILE B 60 34.94 -15.84 -26.12
N HIS B 61 35.62 -14.73 -25.84
CA HIS B 61 37.05 -14.75 -25.48
C HIS B 61 37.27 -13.87 -24.26
N ASP B 62 37.73 -14.49 -23.16
CA ASP B 62 38.13 -13.78 -21.95
C ASP B 62 37.01 -12.93 -21.38
N PHE B 63 35.79 -13.48 -21.36
CA PHE B 63 34.63 -12.78 -20.83
C PHE B 63 34.17 -13.51 -19.56
N LYS B 64 34.29 -12.84 -18.42
CA LYS B 64 33.86 -13.38 -17.11
C LYS B 64 34.55 -14.73 -16.91
N ARG B 65 33.83 -15.75 -16.45
CA ARG B 65 34.45 -17.04 -16.18
C ARG B 65 34.87 -17.76 -17.46
N ILE B 66 34.28 -17.42 -18.59
CA ILE B 66 34.57 -18.10 -19.84
C ILE B 66 35.91 -17.61 -20.37
N ARG B 67 36.80 -18.55 -20.67
CA ARG B 67 38.12 -18.21 -21.20
C ARG B 67 38.13 -18.14 -22.72
N GLU B 68 37.64 -19.19 -23.38
CA GLU B 68 37.57 -19.24 -24.83
C GLU B 68 36.55 -20.30 -25.22
N LEU B 69 35.53 -19.92 -25.97
CA LEU B 69 34.47 -20.88 -26.30
C LEU B 69 33.76 -20.46 -27.57
N GLN B 70 33.31 -21.45 -28.33
CA GLN B 70 32.51 -21.24 -29.52
C GLN B 70 31.23 -22.07 -29.43
N ILE B 71 30.08 -21.43 -29.63
CA ILE B 71 28.78 -22.06 -29.45
C ILE B 71 27.99 -21.95 -30.75
N SER B 72 27.37 -23.06 -31.14
CA SER B 72 26.49 -23.13 -32.30
C SER B 72 25.06 -23.23 -31.82
N LEU B 73 24.19 -22.38 -32.38
CA LEU B 73 22.80 -22.30 -31.95
C LEU B 73 21.89 -22.95 -32.99
N GLU B 74 20.79 -23.54 -32.51
CA GLU B 74 19.82 -24.16 -33.38
C GLU B 74 18.97 -23.09 -34.07
N ASP B 75 18.02 -23.53 -34.91
CA ASP B 75 17.20 -22.61 -35.66
C ASP B 75 15.83 -22.36 -35.02
N ASP B 76 15.38 -23.23 -34.13
CA ASP B 76 14.06 -23.05 -33.52
C ASP B 76 14.10 -23.01 -32.00
N LEU B 77 14.91 -23.84 -31.36
CA LEU B 77 14.91 -23.90 -29.91
C LEU B 77 16.27 -24.40 -29.42
N THR B 78 16.73 -23.83 -28.30
CA THR B 78 17.99 -24.25 -27.69
C THR B 78 17.87 -24.09 -26.18
N VAL B 79 18.23 -25.12 -25.44
CA VAL B 79 18.10 -25.14 -23.99
C VAL B 79 19.47 -25.36 -23.37
N PHE B 80 19.83 -24.52 -22.40
CA PHE B 80 21.10 -24.61 -21.69
C PHE B 80 20.84 -25.11 -20.28
N VAL B 81 21.59 -26.12 -19.86
CA VAL B 81 21.43 -26.74 -18.55
C VAL B 81 22.77 -26.73 -17.84
N GLY B 82 22.78 -26.31 -16.58
CA GLY B 82 24.01 -26.28 -15.83
C GLY B 82 23.74 -25.93 -14.37
N ASP B 83 24.80 -25.89 -13.60
CA ASP B 83 24.74 -25.56 -12.18
C ASP B 83 24.92 -24.06 -11.99
N ASN B 84 25.09 -23.65 -10.72
CA ASN B 84 25.31 -22.24 -10.42
C ASN B 84 26.76 -21.84 -10.68
N GLY B 85 26.95 -20.63 -11.17
CA GLY B 85 28.29 -20.15 -11.45
C GLY B 85 28.93 -20.78 -12.67
N PHE B 86 28.14 -21.19 -13.66
CA PHE B 86 28.66 -21.81 -14.86
C PHE B 86 28.47 -20.94 -16.11
N GLY B 87 28.17 -19.67 -15.94
CA GLY B 87 28.09 -18.77 -17.07
C GLY B 87 26.86 -18.87 -17.94
N LYS B 88 25.75 -19.40 -17.41
CA LYS B 88 24.51 -19.45 -18.18
C LYS B 88 24.01 -18.05 -18.52
N SER B 89 24.06 -17.14 -17.55
CA SER B 89 23.65 -15.76 -17.79
C SER B 89 24.70 -14.96 -18.58
N THR B 90 25.94 -15.42 -18.60
CA THR B 90 26.96 -14.76 -19.40
C THR B 90 26.65 -14.85 -20.89
N ILE B 91 26.19 -16.02 -21.35
CA ILE B 91 25.90 -16.20 -22.76
C ILE B 91 24.77 -15.28 -23.19
N LEU B 92 23.71 -15.23 -22.38
CA LEU B 92 22.57 -14.38 -22.71
C LEU B 92 22.97 -12.91 -22.71
N ASP B 93 23.81 -12.50 -21.75
CA ASP B 93 24.21 -11.11 -21.76
C ASP B 93 25.09 -10.80 -22.96
N ALA B 94 25.88 -11.78 -23.41
CA ALA B 94 26.71 -11.56 -24.59
C ALA B 94 25.85 -11.34 -25.82
N ILE B 95 24.80 -12.16 -25.96
CA ILE B 95 23.93 -11.99 -27.13
C ILE B 95 23.20 -10.66 -27.06
N ALA B 96 22.80 -10.24 -25.85
CA ALA B 96 22.12 -8.96 -25.74
C ALA B 96 23.06 -7.82 -26.13
N ILE B 97 24.34 -7.96 -25.78
CA ILE B 97 25.33 -6.94 -26.15
C ILE B 97 25.46 -6.88 -27.67
N VAL B 98 25.49 -8.03 -28.33
CA VAL B 98 25.63 -8.05 -29.77
C VAL B 98 24.42 -7.40 -30.43
N LEU B 99 23.21 -7.78 -30.01
CA LEU B 99 22.01 -7.26 -30.65
C LEU B 99 21.77 -5.78 -30.37
N SER B 100 22.35 -5.22 -29.31
CA SER B 100 22.13 -3.82 -29.02
C SER B 100 22.68 -2.94 -30.13
N TRP B 101 23.86 -3.27 -30.64
CA TRP B 101 24.45 -2.43 -31.68
C TRP B 101 23.61 -2.46 -32.94
N LEU B 102 23.10 -3.63 -33.32
CA LEU B 102 22.27 -3.71 -34.51
C LEU B 102 21.01 -2.88 -34.33
N ARG B 103 20.41 -2.94 -33.14
CA ARG B 103 19.20 -2.14 -32.92
C ARG B 103 19.50 -0.66 -33.02
N SER B 104 20.63 -0.22 -32.45
CA SER B 104 20.97 1.19 -32.51
C SER B 104 21.22 1.62 -33.95
N ASN B 105 21.88 0.78 -34.74
CA ASN B 105 22.12 1.17 -36.12
C ASN B 105 20.82 1.22 -36.91
N ILE B 106 19.88 0.33 -36.60
CA ILE B 106 18.58 0.34 -37.28
C ILE B 106 17.85 1.64 -36.99
N GLU B 107 17.86 2.06 -35.72
CA GLU B 107 17.18 3.31 -35.36
C GLU B 107 17.83 4.51 -36.05
N LYS B 108 19.15 4.55 -36.08
CA LYS B 108 19.87 5.66 -36.72
C LYS B 108 21.29 5.22 -37.01
N GLU B 109 21.82 5.68 -38.15
CA GLU B 109 23.19 5.30 -38.51
C GLU B 109 24.18 5.96 -37.55
N SER B 110 25.28 5.25 -37.30
CA SER B 110 26.38 5.72 -36.47
C SER B 110 25.88 6.15 -35.09
N LYS B 111 25.32 5.18 -34.37
CA LYS B 111 24.84 5.38 -33.01
C LYS B 111 25.50 4.38 -32.08
N PRO B 112 26.06 4.82 -30.95
CA PRO B 112 26.72 3.89 -30.04
C PRO B 112 25.73 2.91 -29.42
N GLY B 113 26.20 1.70 -29.17
CA GLY B 113 25.37 0.68 -28.56
C GLY B 113 25.63 0.52 -27.07
N THR B 114 25.91 -0.70 -26.65
CA THR B 114 26.22 -0.99 -25.25
C THR B 114 27.65 -1.48 -25.15
N TYR B 115 28.43 -0.85 -24.28
CA TYR B 115 29.84 -1.21 -24.10
C TYR B 115 29.98 -2.28 -23.04
N ILE B 116 31.16 -2.90 -23.03
CA ILE B 116 31.47 -3.93 -22.04
C ILE B 116 31.98 -3.26 -20.78
N LYS B 117 31.39 -3.60 -19.64
CA LYS B 117 31.81 -3.02 -18.38
C LYS B 117 33.21 -3.48 -18.01
N SER B 118 33.93 -2.62 -17.28
CA SER B 118 35.30 -2.93 -16.91
C SER B 118 35.38 -4.15 -16.00
N HIS B 119 34.44 -4.26 -15.06
CA HIS B 119 34.47 -5.37 -14.10
C HIS B 119 34.15 -6.71 -14.75
N GLU B 120 33.60 -6.72 -15.97
CA GLU B 120 33.26 -7.96 -16.64
C GLU B 120 34.45 -8.67 -17.24
N VAL B 121 35.62 -8.02 -17.31
CA VAL B 121 36.79 -8.65 -17.88
C VAL B 121 37.34 -9.69 -16.91
N ASN B 122 37.96 -10.73 -17.44
CA ASN B 122 38.54 -11.77 -16.61
C ASN B 122 39.63 -11.19 -15.71
N ASN B 123 39.74 -11.73 -14.50
CA ASN B 123 40.66 -11.24 -13.50
C ASN B 123 41.97 -12.03 -13.47
N SER B 124 42.25 -12.82 -14.50
CA SER B 124 43.48 -13.57 -14.55
C SER B 124 44.67 -12.65 -14.77
N VAL B 125 45.86 -13.17 -14.50
CA VAL B 125 47.07 -12.36 -14.57
C VAL B 125 47.43 -12.01 -16.01
N ASP B 126 47.26 -12.97 -16.93
CA ASP B 126 47.80 -12.85 -18.27
C ASP B 126 46.78 -12.35 -19.30
N VAL B 127 45.58 -11.97 -18.87
CA VAL B 127 44.57 -11.48 -19.80
C VAL B 127 44.91 -10.05 -20.22
N GLU B 128 44.52 -9.71 -21.44
CA GLU B 128 44.77 -8.37 -21.96
C GLU B 128 43.52 -7.69 -22.50
N TYR B 129 42.61 -8.44 -23.12
CA TYR B 129 41.42 -7.87 -23.71
C TYR B 129 40.33 -8.93 -23.77
N ALA B 130 39.09 -8.49 -23.93
CA ALA B 130 37.95 -9.37 -24.07
C ALA B 130 37.23 -9.04 -25.38
N SER B 131 36.87 -10.08 -26.13
CA SER B 131 36.27 -9.93 -27.44
C SER B 131 35.03 -10.81 -27.54
N ILE B 132 34.06 -10.34 -28.33
CA ILE B 132 32.82 -11.05 -28.58
C ILE B 132 32.60 -11.06 -30.10
N ASP B 133 32.32 -12.23 -30.66
CA ASP B 133 32.09 -12.37 -32.08
C ASP B 133 30.73 -13.03 -32.32
N ALA B 134 30.08 -12.64 -33.41
CA ALA B 134 28.77 -13.18 -33.72
C ALA B 134 28.60 -13.26 -35.22
N ASN B 135 27.68 -14.15 -35.63
CA ASN B 135 27.34 -14.38 -37.04
C ASN B 135 25.83 -14.43 -37.22
N ILE B 136 25.34 -13.62 -38.15
CA ILE B 136 23.92 -13.56 -38.50
C ILE B 136 23.76 -14.00 -39.95
N LYS B 137 22.95 -15.03 -40.16
CA LYS B 137 22.71 -15.60 -41.48
C LYS B 137 21.26 -15.34 -41.85
N LEU B 138 21.05 -14.71 -43.00
CA LEU B 138 19.72 -14.41 -43.54
C LEU B 138 19.62 -15.09 -44.90
N LYS B 139 18.96 -16.26 -44.93
CA LYS B 139 18.92 -17.10 -46.12
C LYS B 139 20.33 -17.46 -46.57
N ASP B 140 20.86 -16.72 -47.57
CA ASP B 140 22.22 -16.92 -48.02
C ASP B 140 23.15 -15.78 -47.63
N PHE B 141 22.62 -14.58 -47.38
CA PHE B 141 23.45 -13.46 -46.97
C PHE B 141 24.01 -13.73 -45.57
N ASN B 142 25.28 -13.40 -45.39
CA ASN B 142 25.95 -13.65 -44.11
C ASN B 142 26.60 -12.37 -43.61
N THR B 143 26.71 -12.25 -42.29
CA THR B 143 27.36 -11.10 -41.71
C THR B 143 27.97 -11.51 -40.37
N SER B 144 28.94 -10.72 -39.92
CA SER B 144 29.64 -11.02 -38.68
C SER B 144 30.02 -9.72 -38.00
N ILE B 145 29.88 -9.69 -36.68
CA ILE B 145 30.19 -8.50 -35.89
C ILE B 145 31.06 -8.89 -34.70
N LEU B 146 32.13 -8.11 -34.49
CA LEU B 146 33.06 -8.34 -33.37
C LEU B 146 33.18 -7.06 -32.57
N ILE B 147 33.08 -7.18 -31.25
CA ILE B 147 33.21 -6.06 -30.31
C ILE B 147 34.25 -6.44 -29.27
N THR B 148 35.20 -5.55 -29.00
CA THR B 148 36.28 -5.86 -28.08
C THR B 148 36.62 -4.67 -27.21
N LYS B 149 37.13 -4.97 -26.01
CA LYS B 149 37.60 -3.95 -25.07
C LYS B 149 38.79 -4.50 -24.30
N ALA B 150 39.82 -3.66 -24.15
CA ALA B 150 41.03 -4.02 -23.41
C ALA B 150 41.12 -3.17 -22.14
N LYS B 151 41.35 -3.83 -21.01
CA LYS B 151 41.40 -3.12 -19.73
C LYS B 151 42.73 -2.38 -19.56
N GLU B 152 43.84 -3.12 -19.55
CA GLU B 152 45.15 -2.50 -19.36
C GLU B 152 46.21 -3.05 -20.30
N GLY B 153 45.87 -3.97 -21.20
CA GLY B 153 46.86 -4.51 -22.11
C GLY B 153 47.39 -3.46 -23.07
N ALA B 154 48.69 -3.53 -23.34
CA ALA B 154 49.30 -2.57 -24.26
C ALA B 154 48.77 -2.77 -25.67
N TYR B 155 48.57 -4.02 -26.09
CA TYR B 155 48.10 -4.32 -27.43
C TYR B 155 46.64 -4.74 -27.38
N TYR B 156 45.82 -4.14 -28.23
CA TYR B 156 44.40 -4.42 -28.32
C TYR B 156 44.05 -4.88 -29.74
N SER B 157 42.86 -5.44 -29.88
CA SER B 157 42.40 -5.95 -31.17
C SER B 157 41.74 -4.85 -32.00
N ARG B 158 42.48 -3.76 -32.19
CA ARG B 158 42.03 -2.59 -32.98
C ARG B 158 40.72 -2.10 -32.38
N ASN B 159 39.67 -1.92 -33.18
CA ASN B 159 38.37 -1.48 -32.68
C ASN B 159 37.30 -2.45 -33.15
N ASN B 160 36.06 -2.14 -32.78
CA ASN B 160 34.92 -2.97 -33.16
C ASN B 160 34.72 -2.94 -34.67
N GLU B 161 34.42 -4.11 -35.25
CA GLU B 161 34.19 -4.24 -36.68
C GLU B 161 32.67 -4.20 -36.91
N LEU B 162 32.17 -3.01 -37.26
CA LEU B 162 30.74 -2.79 -37.46
C LEU B 162 30.36 -2.66 -38.93
N LEU B 163 31.29 -2.97 -39.85
CA LEU B 163 31.01 -2.82 -41.27
C LEU B 163 29.87 -3.74 -41.73
N GLY B 164 29.85 -4.98 -41.25
CA GLY B 164 28.82 -5.90 -41.66
C GLY B 164 27.41 -5.50 -41.26
N VAL B 165 27.25 -4.98 -40.05
CA VAL B 165 25.91 -4.63 -39.59
C VAL B 165 25.38 -3.34 -40.20
N LYS B 166 26.26 -2.48 -40.73
CA LYS B 166 25.79 -1.24 -41.32
C LYS B 166 25.12 -1.48 -42.66
N LYS B 167 25.59 -2.49 -43.41
CA LYS B 167 24.93 -2.80 -44.67
C LYS B 167 23.52 -3.29 -44.43
N LEU B 168 23.33 -4.15 -43.42
CA LEU B 168 22.00 -4.66 -43.13
C LEU B 168 21.10 -3.53 -42.64
N ALA B 169 21.64 -2.64 -41.81
CA ALA B 169 20.81 -1.55 -41.32
C ALA B 169 20.39 -0.66 -42.48
N SER B 170 21.31 -0.41 -43.42
CA SER B 170 20.96 0.43 -44.56
C SER B 170 19.94 -0.26 -45.44
N ILE B 171 19.98 -1.59 -45.51
CA ILE B 171 19.01 -2.33 -46.31
C ILE B 171 17.61 -2.11 -45.73
N TYR B 172 17.50 -2.24 -44.41
CA TYR B 172 16.18 -2.07 -43.79
C TYR B 172 15.71 -0.62 -43.90
N ARG B 173 16.64 0.33 -43.80
CA ARG B 173 16.26 1.73 -43.93
C ARG B 173 15.79 2.02 -45.34
N LEU B 174 16.39 1.35 -46.33
CA LEU B 174 16.03 1.62 -47.72
C LEU B 174 14.66 1.05 -47.98
N VAL B 175 14.41 -0.18 -47.52
CA VAL B 175 13.16 -0.83 -47.88
C VAL B 175 12.01 -0.10 -47.20
N ASN B 176 12.19 0.31 -45.93
CA ASN B 176 11.11 0.97 -45.23
C ASN B 176 10.97 2.45 -45.59
N LYS B 177 11.98 3.05 -46.24
CA LYS B 177 11.87 4.45 -46.63
C LYS B 177 10.91 4.67 -47.80
N TYR B 178 10.95 3.79 -48.80
CA TYR B 178 10.09 3.95 -49.97
C TYR B 178 8.70 3.38 -49.76
N VAL B 179 8.59 2.14 -49.28
CA VAL B 179 7.31 1.48 -49.09
C VAL B 179 7.00 1.45 -47.61
N ASP B 180 5.81 1.90 -47.24
CA ASP B 180 5.39 1.96 -45.84
C ASP B 180 4.97 0.56 -45.39
N ASN B 181 4.35 0.48 -44.21
CA ASN B 181 3.81 -0.72 -43.58
C ASN B 181 4.71 -1.93 -43.80
N ALA B 182 6.02 -1.73 -43.66
CA ALA B 182 7.00 -2.79 -43.84
C ALA B 182 7.05 -3.66 -42.58
N SER B 183 8.05 -4.53 -42.50
CA SER B 183 8.21 -5.43 -41.37
C SER B 183 9.64 -5.33 -40.87
N LEU B 184 9.81 -5.58 -39.57
CA LEU B 184 11.11 -5.53 -38.92
C LEU B 184 11.30 -6.75 -38.04
N PRO B 185 12.54 -7.16 -37.80
CA PRO B 185 12.78 -8.30 -36.91
C PRO B 185 12.48 -7.94 -35.48
N LEU B 186 12.16 -8.96 -34.69
CA LEU B 186 11.82 -8.80 -33.29
C LEU B 186 12.98 -9.26 -32.41
N MET B 187 13.36 -8.42 -31.46
CA MET B 187 14.42 -8.74 -30.50
C MET B 187 13.92 -8.41 -29.10
N ALA B 188 13.88 -9.41 -28.23
CA ALA B 188 13.41 -9.24 -26.86
C ALA B 188 14.28 -10.04 -25.92
N TYR B 189 14.36 -9.59 -24.67
CA TYR B 189 15.18 -10.25 -23.66
C TYR B 189 14.47 -10.13 -22.31
N TYR B 190 13.87 -11.22 -21.85
CA TYR B 190 13.19 -11.26 -20.56
C TYR B 190 14.23 -11.64 -19.52
N SER B 191 14.77 -10.64 -18.83
CA SER B 191 15.88 -10.84 -17.92
C SER B 191 15.38 -11.36 -16.58
N ILE B 192 16.26 -11.30 -15.58
CA ILE B 192 15.97 -11.72 -14.21
C ILE B 192 15.91 -10.45 -13.37
N ALA B 193 15.61 -10.59 -12.07
CA ALA B 193 15.38 -9.46 -11.18
C ALA B 193 16.37 -8.33 -11.41
N ARG B 194 17.66 -8.60 -11.18
CA ARG B 194 18.73 -7.64 -11.44
C ARG B 194 18.43 -6.29 -10.79
N SER B 195 18.34 -5.24 -11.61
CA SER B 195 18.02 -3.89 -11.17
C SER B 195 18.93 -3.42 -10.04
N LYS B 211 4.50 10.03 -32.61
CA LYS B 211 5.25 9.32 -33.63
C LYS B 211 5.87 8.04 -33.07
N THR B 212 6.40 7.21 -33.97
CA THR B 212 7.06 5.96 -33.60
C THR B 212 6.16 5.07 -32.75
N VAL B 213 4.86 5.09 -33.08
CA VAL B 213 3.80 4.28 -32.47
C VAL B 213 3.90 4.41 -30.94
N TRP B 214 4.10 5.63 -30.46
CA TRP B 214 4.11 5.91 -29.03
C TRP B 214 2.73 6.23 -28.47
N SER B 215 1.73 6.37 -29.34
CA SER B 215 0.37 6.64 -28.87
C SER B 215 -0.14 5.50 -28.00
N LYS B 216 0.16 4.26 -28.38
CA LYS B 216 -0.26 3.09 -27.63
C LYS B 216 0.39 2.99 -26.25
N PHE B 217 1.54 3.65 -26.06
CA PHE B 217 2.35 3.74 -24.84
C PHE B 217 3.36 2.60 -24.74
N ASP B 218 3.33 1.63 -25.64
CA ASP B 218 4.34 0.59 -25.60
C ASP B 218 5.68 1.20 -25.97
N VAL B 219 6.73 0.82 -25.25
CA VAL B 219 8.06 1.39 -25.45
C VAL B 219 8.96 0.34 -26.09
N TYR B 220 9.39 0.62 -27.31
CA TYR B 220 10.28 -0.27 -28.04
C TYR B 220 11.76 0.06 -27.80
N ASP B 221 12.03 1.21 -27.18
CA ASP B 221 13.41 1.63 -26.97
C ASP B 221 14.18 0.65 -26.10
N GLU B 222 13.53 0.08 -25.09
CA GLU B 222 14.18 -0.79 -24.13
C GLU B 222 14.05 -2.24 -24.57
N ILE B 223 15.19 -2.88 -24.85
CA ILE B 223 15.19 -4.31 -25.17
C ILE B 223 14.80 -5.13 -23.94
N GLU B 224 15.34 -4.76 -22.78
CA GLU B 224 15.07 -5.50 -21.56
C GLU B 224 13.63 -5.29 -21.10
N PHE B 225 13.01 -6.37 -20.64
CA PHE B 225 11.68 -6.30 -20.04
C PHE B 225 11.65 -7.21 -18.82
N ASP B 226 10.86 -6.83 -17.83
CA ASP B 226 10.77 -7.54 -16.56
C ASP B 226 9.37 -8.07 -16.35
N ARG B 227 9.27 -9.31 -15.88
CA ARG B 227 7.99 -9.94 -15.57
C ARG B 227 7.51 -9.45 -14.21
N ASN B 228 6.52 -10.15 -13.65
CA ASN B 228 5.90 -9.84 -12.35
C ASN B 228 5.62 -8.34 -12.20
N ASP B 229 5.06 -7.76 -13.26
CA ASP B 229 4.57 -6.39 -13.30
C ASP B 229 3.13 -6.37 -13.77
N PHE B 230 2.31 -7.25 -13.18
CA PHE B 230 0.94 -7.44 -13.63
C PHE B 230 0.09 -6.18 -13.45
N THR B 231 0.44 -5.32 -12.49
CA THR B 231 -0.33 -4.10 -12.28
C THR B 231 -0.26 -3.17 -13.49
N ASP B 232 0.95 -2.99 -14.04
CA ASP B 232 1.11 -2.10 -15.19
C ASP B 232 0.37 -2.64 -16.40
N PHE B 233 0.46 -3.95 -16.64
CA PHE B 233 -0.23 -4.49 -17.80
C PHE B 233 -1.74 -4.42 -17.61
N PHE B 234 -2.21 -4.58 -16.37
CA PHE B 234 -3.64 -4.48 -16.11
C PHE B 234 -4.15 -3.07 -16.42
N GLN B 235 -3.37 -2.06 -16.02
CA GLN B 235 -3.80 -0.69 -16.30
C GLN B 235 -3.73 -0.39 -17.79
N TRP B 236 -2.73 -0.95 -18.47
CA TRP B 236 -2.62 -0.72 -19.91
C TRP B 236 -3.82 -1.32 -20.62
N LEU B 237 -4.24 -2.52 -20.21
CA LEU B 237 -5.38 -3.16 -20.85
C LEU B 237 -6.64 -2.35 -20.62
N VAL B 238 -6.82 -1.83 -19.40
CA VAL B 238 -8.05 -1.07 -19.12
C VAL B 238 -8.08 0.21 -19.96
N PHE B 239 -6.95 0.92 -20.02
CA PHE B 239 -6.94 2.16 -20.80
C PHE B 239 -7.16 1.89 -22.28
N LEU B 240 -6.58 0.80 -22.79
CA LEU B 240 -6.77 0.49 -24.20
C LEU B 240 -8.22 0.17 -24.46
N HIS B 241 -8.86 -0.56 -23.54
CA HIS B 241 -10.27 -0.91 -23.75
C HIS B 241 -11.12 0.35 -23.79
N ASN B 242 -10.82 1.32 -22.93
CA ASN B 242 -11.62 2.54 -22.93
C ASN B 242 -11.45 3.29 -24.25
N ARG B 243 -10.23 3.35 -24.78
CA ARG B 243 -10.05 4.02 -26.07
C ARG B 243 -10.76 3.27 -27.19
N ALA B 244 -10.75 1.94 -27.12
CA ALA B 244 -11.44 1.14 -28.14
C ALA B 244 -12.94 1.41 -28.10
N SER B 245 -13.51 1.51 -26.89
CA SER B 245 -14.94 1.76 -26.81
C SER B 245 -15.26 3.16 -27.29
N GLN B 246 -14.36 4.12 -27.04
CA GLN B 246 -14.62 5.48 -27.49
C GLN B 246 -14.65 5.57 -29.01
N GLU B 247 -13.73 4.87 -29.68
CA GLU B 247 -13.68 4.96 -31.15
C GLU B 247 -14.89 4.35 -31.85
N LYS B 248 -15.58 3.41 -31.21
CA LYS B 248 -16.76 2.80 -31.81
C LYS B 248 -17.93 3.75 -31.98
N LEU B 249 -17.94 4.87 -31.28
CA LEU B 249 -18.99 5.87 -31.38
C LEU B 249 -18.61 7.00 -32.34
N SER B 250 -19.40 8.08 -32.29
CA SER B 250 -19.18 9.34 -33.02
C SER B 250 -19.28 9.11 -34.53
N GLU B 251 -18.31 9.53 -35.34
CA GLU B 251 -18.47 9.52 -36.79
C GLU B 251 -18.67 8.12 -37.36
N SER B 252 -18.06 7.10 -36.74
CA SER B 252 -18.28 5.75 -37.24
C SER B 252 -19.74 5.33 -37.10
N GLN B 253 -20.40 5.81 -36.05
CA GLN B 253 -21.81 5.47 -35.89
C GLN B 253 -22.65 6.10 -36.98
N THR B 254 -22.15 7.16 -37.63
CA THR B 254 -22.91 7.74 -38.72
C THR B 254 -22.81 6.85 -39.95
N THR B 255 -21.60 6.33 -40.22
CA THR B 255 -21.42 5.54 -41.43
C THR B 255 -22.23 4.26 -41.39
N ILE B 256 -22.28 3.61 -40.23
CA ILE B 256 -23.05 2.39 -40.11
C ILE B 256 -24.53 2.71 -40.29
N ASN B 257 -24.97 3.89 -39.86
CA ASN B 257 -26.35 4.28 -40.06
C ASN B 257 -26.69 4.31 -41.54
N ALA B 258 -25.77 4.84 -42.37
CA ALA B 258 -26.02 4.82 -43.81
C ALA B 258 -26.10 3.39 -44.31
N LEU B 259 -25.22 2.52 -43.83
CA LEU B 259 -25.29 1.14 -44.28
C LEU B 259 -26.54 0.45 -43.75
N PHE B 260 -27.12 0.99 -42.68
CA PHE B 260 -28.34 0.38 -42.17
C PHE B 260 -29.52 0.56 -43.11
N SER B 261 -29.43 1.45 -44.10
CA SER B 261 -30.56 1.60 -45.02
C SER B 261 -30.31 1.08 -46.44
N ASP B 262 -29.06 1.11 -46.92
CA ASP B 262 -28.79 0.63 -48.28
C ASP B 262 -29.06 -0.85 -48.40
N ILE B 263 -28.62 -1.63 -47.41
CA ILE B 263 -28.86 -3.06 -47.49
C ILE B 263 -30.35 -3.32 -47.37
N GLN B 264 -31.04 -2.52 -46.55
CA GLN B 264 -32.46 -2.73 -46.39
C GLN B 264 -33.16 -2.45 -47.71
N SER B 265 -32.71 -1.42 -48.42
CA SER B 265 -33.35 -1.09 -49.69
C SER B 265 -33.12 -2.23 -50.66
N LEU B 266 -31.92 -2.82 -50.63
CA LEU B 266 -31.63 -3.90 -51.55
C LEU B 266 -32.56 -5.06 -51.29
N LYS B 267 -32.82 -5.36 -50.01
CA LYS B 267 -33.71 -6.46 -49.72
C LYS B 267 -35.15 -6.07 -50.06
N ALA B 268 -35.54 -4.84 -49.74
CA ALA B 268 -36.93 -4.43 -49.92
C ALA B 268 -37.29 -4.30 -51.39
N THR B 269 -36.31 -4.34 -52.27
CA THR B 269 -36.52 -4.18 -53.69
C THR B 269 -36.31 -5.48 -54.45
N LEU B 270 -35.80 -6.53 -53.78
CA LEU B 270 -35.52 -7.76 -54.52
C LEU B 270 -35.87 -9.04 -53.77
N THR B 271 -36.62 -8.98 -52.68
CA THR B 271 -36.93 -10.19 -51.92
C THR B 271 -38.41 -10.49 -51.85
N GLN B 272 -39.23 -9.52 -51.45
CA GLN B 272 -40.65 -9.79 -51.18
C GLN B 272 -41.54 -9.60 -52.40
N LEU B 273 -41.13 -8.75 -53.35
CA LEU B 273 -41.94 -8.42 -54.51
C LEU B 273 -41.53 -9.18 -55.76
N SER B 274 -40.77 -10.26 -55.62
CA SER B 274 -40.38 -11.06 -56.77
C SER B 274 -41.61 -11.67 -57.45
N ALA B 275 -42.55 -12.18 -56.66
CA ALA B 275 -43.78 -12.78 -57.17
C ALA B 275 -43.51 -13.89 -58.19
N SER B 281 -42.60 -1.24 -64.70
CA SER B 281 -41.16 -1.09 -64.79
C SER B 281 -40.66 -0.06 -63.77
N THR B 282 -41.60 0.61 -63.10
CA THR B 282 -41.23 1.60 -62.10
C THR B 282 -40.58 0.95 -60.88
N VAL B 283 -40.98 -0.27 -60.54
CA VAL B 283 -40.38 -0.96 -59.40
C VAL B 283 -38.91 -1.22 -59.64
N ILE B 284 -38.55 -1.67 -60.85
CA ILE B 284 -37.16 -1.91 -61.19
C ILE B 284 -36.35 -0.63 -61.27
N LYS B 285 -37.01 0.52 -61.49
CA LYS B 285 -36.31 1.80 -61.54
C LYS B 285 -35.68 2.16 -60.21
N GLY B 286 -36.28 1.74 -59.09
CA GLY B 286 -35.71 2.03 -57.79
C GLY B 286 -34.43 1.28 -57.50
N LEU B 287 -34.16 0.18 -58.22
CA LEU B 287 -32.92 -0.54 -57.99
C LEU B 287 -31.72 0.30 -58.40
N GLU B 288 -31.87 1.11 -59.45
CA GLU B 288 -30.77 1.99 -59.86
C GLU B 288 -30.47 3.00 -58.76
N LEU B 289 -31.53 3.54 -58.15
CA LEU B 289 -31.34 4.50 -57.07
C LEU B 289 -30.67 3.85 -55.88
N SER B 290 -31.07 2.62 -55.56
CA SER B 290 -30.46 1.92 -54.42
C SER B 290 -28.98 1.65 -54.67
N LEU B 291 -28.63 1.24 -55.90
CA LEU B 291 -27.22 1.05 -56.22
C LEU B 291 -26.45 2.36 -56.19
N LYS B 292 -27.10 3.46 -56.62
CA LYS B 292 -26.46 4.77 -56.52
C LYS B 292 -26.19 5.14 -55.07
N GLU B 293 -27.15 4.82 -54.18
CA GLU B 293 -26.94 5.08 -52.76
C GLU B 293 -25.79 4.25 -52.22
N LYS B 294 -25.70 2.99 -52.64
CA LYS B 294 -24.59 2.14 -52.20
C LYS B 294 -23.25 2.70 -52.66
N LEU B 295 -23.18 3.17 -53.91
CA LEU B 295 -21.94 3.77 -54.40
C LEU B 295 -21.63 5.06 -53.65
N ASN B 296 -22.65 5.85 -53.33
CA ASN B 296 -22.38 7.07 -52.57
C ASN B 296 -21.88 6.74 -51.18
N TYR B 297 -22.42 5.68 -50.57
CA TYR B 297 -21.94 5.25 -49.27
C TYR B 297 -20.50 4.76 -49.35
N MET B 298 -20.10 4.26 -50.52
CA MET B 298 -18.72 3.84 -50.71
C MET B 298 -17.76 5.03 -50.72
N LYS B 299 -18.26 6.24 -50.96
CA LYS B 299 -17.43 7.43 -50.95
C LYS B 299 -16.87 7.71 -49.55
N SER B 300 -17.70 7.55 -48.52
CA SER B 300 -17.23 7.78 -47.16
C SER B 300 -16.15 6.79 -46.76
N LEU B 301 -16.31 5.52 -47.15
CA LEU B 301 -15.26 4.54 -46.87
C LEU B 301 -14.02 4.82 -47.69
N GLN B 302 -14.18 5.35 -48.91
CA GLN B 302 -13.03 5.69 -49.73
C GLN B 302 -12.20 6.79 -49.08
N SER B 303 -12.86 7.79 -48.49
CA SER B 303 -12.18 8.86 -47.76
C SER B 303 -11.90 8.44 -46.32
N GLY B 304 -11.25 7.29 -46.16
CA GLY B 304 -10.91 6.78 -44.85
C GLY B 304 -9.47 6.32 -44.77
N GLU B 305 -8.78 6.70 -43.70
CA GLU B 305 -7.37 6.35 -43.56
C GLU B 305 -7.22 4.86 -43.27
N HIS B 306 -6.03 4.35 -43.53
CA HIS B 306 -5.72 2.96 -43.24
C HIS B 306 -5.80 2.70 -41.73
N LYS B 307 -6.13 1.45 -41.39
CA LYS B 307 -6.31 1.10 -39.98
C LYS B 307 -5.05 1.38 -39.17
N PHE B 308 -3.89 0.98 -39.71
CA PHE B 308 -2.61 1.21 -39.04
C PHE B 308 -2.62 0.68 -37.62
N ASN B 309 -3.27 -0.45 -37.42
CA ASN B 309 -3.47 -1.05 -36.10
C ASN B 309 -4.12 -0.05 -35.14
N ASN B 310 -5.35 0.33 -35.47
CA ASN B 310 -6.08 1.28 -34.64
C ASN B 310 -6.43 0.65 -33.31
N ALA B 311 -7.06 1.44 -32.43
CA ALA B 311 -7.34 0.99 -31.07
C ALA B 311 -8.27 -0.23 -31.07
N VAL B 312 -9.26 -0.25 -31.96
CA VAL B 312 -10.20 -1.36 -31.99
C VAL B 312 -9.50 -2.65 -32.40
N SER B 313 -8.72 -2.61 -33.49
CA SER B 313 -8.13 -3.84 -34.01
C SER B 313 -7.10 -4.44 -33.07
N LEU B 314 -6.38 -3.62 -32.31
CA LEU B 314 -5.35 -4.16 -31.42
C LEU B 314 -5.96 -4.98 -30.30
N TYR B 315 -7.12 -4.55 -29.79
CA TYR B 315 -7.65 -5.15 -28.58
C TYR B 315 -8.11 -6.58 -28.84
N ASP B 316 -8.89 -6.78 -29.91
CA ASP B 316 -9.39 -8.11 -30.18
C ASP B 316 -8.27 -9.06 -30.54
N SER B 317 -7.26 -8.56 -31.26
CA SER B 317 -6.14 -9.42 -31.65
C SER B 317 -5.37 -9.88 -30.42
N VAL B 318 -5.14 -8.98 -29.47
CA VAL B 318 -4.42 -9.36 -28.25
C VAL B 318 -5.25 -10.35 -27.44
N ILE B 319 -6.55 -10.09 -27.30
CA ILE B 319 -7.37 -10.98 -26.50
C ILE B 319 -7.42 -12.35 -27.13
N ASN B 320 -7.59 -12.41 -28.46
CA ASN B 320 -7.66 -13.72 -29.10
C ASN B 320 -6.34 -14.45 -28.99
N THR B 321 -5.21 -13.72 -29.00
CA THR B 321 -3.93 -14.39 -28.84
C THR B 321 -3.82 -15.04 -27.47
N ILE B 322 -4.26 -14.32 -26.42
CA ILE B 322 -4.20 -14.90 -25.08
C ILE B 322 -5.15 -16.08 -24.98
N LEU B 323 -6.32 -15.99 -25.60
CA LEU B 323 -7.26 -17.10 -25.57
C LEU B 323 -6.69 -18.33 -26.28
N LYS B 324 -5.97 -18.11 -27.39
CA LYS B 324 -5.33 -19.21 -28.09
C LYS B 324 -4.24 -19.85 -27.24
N PHE B 325 -3.49 -19.04 -26.49
CA PHE B 325 -2.44 -19.61 -25.65
C PHE B 325 -3.01 -20.50 -24.56
N LEU B 326 -4.13 -20.12 -23.96
CA LEU B 326 -4.78 -20.88 -22.90
C LEU B 326 -6.18 -21.28 -23.34
N PRO B 327 -6.35 -22.46 -23.92
CA PRO B 327 -7.67 -22.89 -24.40
C PRO B 327 -8.64 -23.31 -23.31
N GLU B 328 -8.22 -23.32 -22.04
CA GLU B 328 -9.11 -23.72 -20.96
C GLU B 328 -10.17 -22.68 -20.64
N PHE B 329 -10.05 -21.48 -21.18
CA PHE B 329 -10.99 -20.39 -20.92
C PHE B 329 -11.88 -20.17 -22.13
N GLN B 330 -13.09 -19.64 -21.88
CA GLN B 330 -14.06 -19.39 -22.94
C GLN B 330 -13.94 -17.98 -23.47
N TRP B 331 -14.06 -16.97 -22.60
CA TRP B 331 -13.94 -15.58 -23.02
C TRP B 331 -13.45 -14.75 -21.85
N ILE B 332 -12.92 -13.57 -22.18
CA ILE B 332 -12.44 -12.60 -21.21
C ILE B 332 -13.07 -11.26 -21.54
N LYS B 333 -13.64 -10.61 -20.53
CA LYS B 333 -14.26 -9.31 -20.76
C LYS B 333 -14.19 -8.48 -19.49
N LEU B 334 -14.31 -7.17 -19.67
CA LEU B 334 -14.32 -6.21 -18.58
C LEU B 334 -15.74 -5.75 -18.32
N VAL B 335 -16.19 -5.89 -17.08
CA VAL B 335 -17.57 -5.63 -16.69
C VAL B 335 -17.59 -4.45 -15.73
N TYR B 336 -18.37 -3.43 -16.08
CA TYR B 336 -18.61 -2.28 -15.22
C TYR B 336 -19.90 -2.57 -14.47
N GLY B 337 -19.78 -2.96 -13.20
CA GLY B 337 -20.91 -3.28 -12.39
C GLY B 337 -21.64 -2.05 -11.90
N ASP B 338 -22.57 -2.27 -10.97
CA ASP B 338 -23.36 -1.17 -10.44
C ASP B 338 -22.47 -0.18 -9.69
N ASP B 339 -21.39 -0.66 -9.09
CA ASP B 339 -20.52 0.22 -8.32
C ASP B 339 -19.04 0.02 -8.66
N ASP B 340 -18.67 -1.15 -9.15
CA ASP B 340 -17.28 -1.50 -9.36
C ASP B 340 -17.04 -1.85 -10.83
N TYR B 341 -15.82 -2.27 -11.13
CA TYR B 341 -15.47 -2.78 -12.45
C TYR B 341 -14.35 -3.80 -12.31
N LYS B 342 -14.44 -4.88 -13.08
CA LYS B 342 -13.46 -5.94 -12.96
C LYS B 342 -13.44 -6.77 -14.22
N ILE B 343 -12.39 -7.58 -14.37
CA ILE B 343 -12.22 -8.46 -15.52
C ILE B 343 -12.62 -9.86 -15.11
N ILE B 344 -13.48 -10.50 -15.90
CA ILE B 344 -14.07 -11.79 -15.57
C ILE B 344 -13.62 -12.81 -16.60
N LEU B 345 -13.11 -13.95 -16.12
CA LEU B 345 -12.71 -15.06 -16.99
C LEU B 345 -13.64 -16.24 -16.73
N LYS B 346 -14.11 -16.87 -17.80
CA LYS B 346 -15.03 -17.99 -17.67
C LYS B 346 -14.36 -19.27 -18.11
N LYS B 347 -14.40 -20.28 -17.25
CA LYS B 347 -13.92 -21.62 -17.59
C LYS B 347 -14.95 -22.65 -17.16
N GLY B 348 -15.29 -23.55 -18.07
CA GLY B 348 -16.33 -24.51 -17.78
C GLY B 348 -17.65 -23.80 -17.58
N GLU B 349 -18.11 -23.75 -16.33
CA GLU B 349 -19.32 -23.06 -15.95
C GLU B 349 -19.08 -22.11 -14.78
N VAL B 350 -17.83 -21.75 -14.52
CA VAL B 350 -17.47 -20.91 -13.39
C VAL B 350 -16.78 -19.65 -13.89
N GLU B 351 -17.16 -18.51 -13.31
CA GLU B 351 -16.57 -17.21 -13.62
C GLU B 351 -15.65 -16.80 -12.48
N LEU B 352 -14.42 -16.43 -12.81
CA LEU B 352 -13.39 -16.11 -11.85
C LEU B 352 -12.89 -14.68 -12.06
N ASP B 353 -12.67 -13.98 -10.96
CA ASP B 353 -12.06 -12.67 -10.99
C ASP B 353 -10.60 -12.81 -11.42
N ILE B 354 -10.12 -11.85 -12.20
CA ILE B 354 -8.73 -11.87 -12.66
C ILE B 354 -7.75 -11.88 -11.50
N GLN B 355 -8.10 -11.24 -10.38
CA GLN B 355 -7.20 -11.21 -9.23
C GLN B 355 -7.12 -12.54 -8.49
N GLN B 356 -8.04 -13.47 -8.74
CA GLN B 356 -7.99 -14.76 -8.06
C GLN B 356 -6.88 -15.66 -8.57
N LEU B 357 -6.26 -15.33 -9.71
CA LEU B 357 -5.23 -16.18 -10.29
C LEU B 357 -3.97 -16.19 -9.43
N SER B 358 -3.26 -17.33 -9.47
CA SER B 358 -2.04 -17.50 -8.70
C SER B 358 -0.90 -16.72 -9.35
N GLN B 359 0.27 -16.75 -8.70
CA GLN B 359 1.43 -16.03 -9.22
C GLN B 359 1.90 -16.59 -10.56
N GLY B 360 1.88 -17.92 -10.71
CA GLY B 360 2.34 -18.50 -11.96
C GLY B 360 1.48 -18.11 -13.14
N GLU B 361 0.16 -18.10 -12.96
CA GLU B 361 -0.70 -17.74 -14.06
C GLU B 361 -0.55 -16.26 -14.40
N LYS B 362 -0.31 -15.42 -13.38
CA LYS B 362 -0.10 -14.00 -13.66
C LYS B 362 1.16 -13.81 -14.48
N THR B 363 2.23 -14.55 -14.15
CA THR B 363 3.49 -14.43 -14.88
C THR B 363 3.30 -14.86 -16.33
N ILE B 364 2.58 -15.96 -16.55
CA ILE B 364 2.33 -16.41 -17.92
C ILE B 364 1.49 -15.37 -18.65
N PHE B 365 0.51 -14.78 -17.95
CA PHE B 365 -0.39 -13.83 -18.58
C PHE B 365 0.36 -12.61 -19.07
N THR B 366 1.27 -12.08 -18.26
CA THR B 366 1.98 -10.88 -18.68
C THR B 366 3.05 -11.20 -19.71
N LEU B 367 3.63 -12.40 -19.66
CA LEU B 367 4.66 -12.74 -20.64
C LEU B 367 4.05 -12.87 -22.03
N VAL B 368 2.93 -13.60 -22.12
CA VAL B 368 2.29 -13.75 -23.43
C VAL B 368 1.72 -12.43 -23.89
N GLY B 369 1.19 -11.62 -22.97
CA GLY B 369 0.63 -10.34 -23.38
C GLY B 369 1.68 -9.44 -23.99
N ASP B 370 2.86 -9.38 -23.37
CA ASP B 370 3.91 -8.52 -23.92
C ASP B 370 4.40 -9.03 -25.27
N LEU B 371 4.55 -10.36 -25.41
CA LEU B 371 5.01 -10.88 -26.69
C LEU B 371 4.00 -10.57 -27.80
N ALA B 372 2.72 -10.75 -27.51
CA ALA B 372 1.71 -10.46 -28.53
C ALA B 372 1.68 -8.97 -28.85
N ARG B 373 1.88 -8.13 -27.84
CA ARG B 373 1.83 -6.69 -28.07
C ARG B 373 2.94 -6.28 -29.02
N ARG B 374 4.15 -6.82 -28.83
CA ARG B 374 5.24 -6.44 -29.72
C ARG B 374 5.03 -6.99 -31.12
N LEU B 375 4.56 -8.24 -31.22
CA LEU B 375 4.42 -8.84 -32.54
C LEU B 375 3.37 -8.13 -33.37
N ILE B 376 2.27 -7.71 -32.75
CA ILE B 376 1.22 -7.04 -33.52
C ILE B 376 1.73 -5.73 -34.09
N LEU B 377 2.43 -4.95 -33.28
CA LEU B 377 2.90 -3.64 -33.72
C LEU B 377 4.01 -3.75 -34.76
N LEU B 378 4.83 -4.80 -34.70
CA LEU B 378 5.96 -4.86 -35.62
C LEU B 378 5.59 -5.37 -37.01
N ASN B 379 4.41 -5.98 -37.18
CA ASN B 379 3.98 -6.54 -38.46
C ASN B 379 2.59 -6.03 -38.81
N PRO B 380 2.47 -4.76 -39.21
CA PRO B 380 1.15 -4.21 -39.54
C PRO B 380 0.63 -4.60 -40.91
N ASN B 381 1.42 -5.28 -41.74
CA ASN B 381 1.01 -5.63 -43.08
C ASN B 381 0.48 -7.04 -43.20
N LEU B 382 1.01 -7.98 -42.43
CA LEU B 382 0.60 -9.38 -42.54
C LEU B 382 -0.84 -9.56 -42.08
N SER B 383 -1.53 -10.50 -42.75
CA SER B 383 -2.89 -10.83 -42.34
C SER B 383 -2.91 -11.44 -40.95
N ASN B 384 -1.96 -12.34 -40.67
CA ASN B 384 -1.81 -12.94 -39.34
C ASN B 384 -0.47 -12.51 -38.77
N PRO B 385 -0.44 -11.50 -37.90
CA PRO B 385 0.86 -10.99 -37.42
C PRO B 385 1.62 -11.96 -36.54
N LEU B 386 1.03 -13.10 -36.18
CA LEU B 386 1.71 -14.07 -35.34
C LEU B 386 2.70 -14.94 -36.12
N LEU B 387 3.02 -14.57 -37.36
CA LEU B 387 3.96 -15.31 -38.18
C LEU B 387 5.20 -14.47 -38.50
N GLY B 388 5.59 -13.59 -37.58
CA GLY B 388 6.76 -12.76 -37.78
C GLY B 388 8.04 -13.52 -37.51
N TYR B 389 9.16 -12.81 -37.66
CA TYR B 389 10.48 -13.37 -37.46
C TYR B 389 11.21 -12.61 -36.38
N GLY B 390 12.04 -13.33 -35.62
CA GLY B 390 12.82 -12.69 -34.57
C GLY B 390 13.43 -13.73 -33.66
N ILE B 391 14.09 -13.22 -32.62
CA ILE B 391 14.77 -14.04 -31.62
C ILE B 391 14.35 -13.57 -30.24
N VAL B 392 14.03 -14.51 -29.37
CA VAL B 392 13.58 -14.22 -28.01
C VAL B 392 14.45 -14.97 -27.03
N LEU B 393 14.94 -14.28 -26.00
CA LEU B 393 15.76 -14.87 -24.96
C LEU B 393 15.02 -14.85 -23.63
N ILE B 394 14.92 -16.03 -23.00
CA ILE B 394 14.23 -16.17 -21.72
C ILE B 394 15.19 -16.82 -20.73
N ASP B 395 15.27 -16.26 -19.53
CA ASP B 395 16.16 -16.75 -18.49
C ASP B 395 15.34 -17.28 -17.33
N GLU B 396 15.61 -18.54 -16.94
CA GLU B 396 14.93 -19.19 -15.82
C GLU B 396 13.41 -19.21 -16.03
N ILE B 397 13.01 -19.96 -17.06
CA ILE B 397 11.61 -20.02 -17.44
C ILE B 397 10.76 -20.66 -16.34
N ASP B 398 11.34 -21.55 -15.54
CA ASP B 398 10.59 -22.31 -14.56
C ASP B 398 10.39 -21.56 -13.24
N LEU B 399 10.54 -20.24 -13.22
CA LEU B 399 10.39 -19.48 -11.99
C LEU B 399 8.93 -19.35 -11.61
N HIS B 400 8.60 -19.64 -10.35
CA HIS B 400 7.25 -19.50 -9.82
C HIS B 400 6.22 -20.30 -10.62
N LEU B 401 6.49 -21.58 -10.78
CA LEU B 401 5.59 -22.44 -11.55
C LEU B 401 5.39 -23.77 -10.84
N HIS B 402 4.14 -24.21 -10.78
CA HIS B 402 3.83 -25.53 -10.25
C HIS B 402 4.31 -26.59 -11.23
N PRO B 403 4.65 -27.79 -10.75
CA PRO B 403 5.07 -28.85 -11.67
C PRO B 403 4.05 -29.20 -12.74
N GLN B 404 2.75 -29.04 -12.47
CA GLN B 404 1.77 -29.31 -13.50
C GLN B 404 1.82 -28.28 -14.62
N TRP B 405 2.24 -27.05 -14.32
CA TRP B 405 2.40 -26.05 -15.36
C TRP B 405 3.67 -26.24 -16.17
N GLN B 406 4.73 -26.74 -15.53
CA GLN B 406 6.02 -26.86 -16.21
C GLN B 406 6.01 -27.88 -17.34
N GLN B 407 5.07 -28.81 -17.34
CA GLN B 407 5.05 -29.89 -18.31
C GLN B 407 4.38 -29.53 -19.63
N THR B 408 3.86 -28.31 -19.77
CA THR B 408 3.19 -27.92 -21.01
C THR B 408 3.59 -26.53 -21.53
N ILE B 409 4.49 -25.82 -20.87
CA ILE B 409 4.81 -24.46 -21.29
C ILE B 409 5.57 -24.46 -22.62
N ILE B 410 6.45 -25.44 -22.82
CA ILE B 410 7.28 -25.44 -24.03
C ILE B 410 6.43 -25.70 -25.26
N GLU B 411 5.51 -26.67 -25.20
CA GLU B 411 4.73 -26.98 -26.39
C GLU B 411 3.87 -25.80 -26.80
N ARG B 412 3.29 -25.10 -25.82
CA ARG B 412 2.45 -23.97 -26.16
C ARG B 412 3.28 -22.83 -26.72
N LEU B 413 4.47 -22.62 -26.16
CA LEU B 413 5.31 -21.52 -26.66
C LEU B 413 5.72 -21.81 -28.10
N THR B 414 6.09 -23.05 -28.39
CA THR B 414 6.57 -23.41 -29.72
C THR B 414 5.44 -23.60 -30.72
N SER B 415 4.19 -23.60 -30.26
CA SER B 415 3.06 -23.75 -31.18
C SER B 415 2.34 -22.44 -31.46
N THR B 416 2.31 -21.51 -30.49
CA THR B 416 1.65 -20.24 -30.73
C THR B 416 2.43 -19.37 -31.72
N PHE B 417 3.76 -19.31 -31.58
CA PHE B 417 4.63 -18.53 -32.47
C PHE B 417 5.57 -19.50 -33.16
N PRO B 418 5.22 -20.00 -34.35
CA PRO B 418 6.03 -21.03 -35.01
C PRO B 418 7.19 -20.51 -35.86
N ASN B 419 7.43 -19.21 -35.92
CA ASN B 419 8.49 -18.67 -36.76
C ASN B 419 9.46 -17.81 -35.97
N VAL B 420 9.65 -18.13 -34.69
CA VAL B 420 10.55 -17.37 -33.83
C VAL B 420 11.58 -18.33 -33.25
N GLN B 421 12.79 -17.81 -33.04
CA GLN B 421 13.89 -18.57 -32.48
C GLN B 421 13.99 -18.29 -30.98
N PHE B 422 14.04 -19.35 -30.18
CA PHE B 422 14.04 -19.25 -28.73
C PHE B 422 15.35 -19.73 -28.15
N VAL B 423 15.82 -19.02 -27.13
CA VAL B 423 17.00 -19.43 -26.34
C VAL B 423 16.59 -19.41 -24.88
N ILE B 424 16.63 -20.57 -24.23
CA ILE B 424 16.05 -20.75 -22.90
C ILE B 424 17.07 -21.44 -22.00
N THR B 425 17.12 -21.00 -20.73
CA THR B 425 17.89 -21.66 -19.69
C THR B 425 16.95 -22.07 -18.57
N THR B 426 17.21 -23.21 -17.94
CA THR B 426 16.27 -23.75 -16.97
C THR B 426 17.00 -24.55 -15.90
N HIS B 427 16.32 -24.72 -14.77
CA HIS B 427 16.81 -25.50 -13.65
C HIS B 427 15.97 -26.73 -13.32
N SER B 428 14.72 -26.78 -13.77
CA SER B 428 13.81 -27.85 -13.35
C SER B 428 13.94 -29.06 -14.26
N PRO B 429 14.11 -30.27 -13.71
CA PRO B 429 14.14 -31.47 -14.57
C PRO B 429 12.83 -31.76 -15.26
N GLN B 430 11.71 -31.23 -14.78
CA GLN B 430 10.42 -31.51 -15.40
C GLN B 430 10.34 -30.90 -16.80
N VAL B 431 10.93 -29.72 -16.98
CA VAL B 431 10.93 -29.09 -18.30
C VAL B 431 11.76 -29.90 -19.28
N LEU B 432 12.86 -30.47 -18.82
CA LEU B 432 13.79 -31.17 -19.72
C LEU B 432 13.13 -32.36 -20.39
N SER B 433 12.18 -33.01 -19.72
CA SER B 433 11.57 -34.21 -20.27
C SER B 433 10.69 -33.93 -21.49
N THR B 434 10.37 -32.67 -21.76
CA THR B 434 9.55 -32.31 -22.91
C THR B 434 10.34 -31.71 -24.05
N VAL B 435 11.67 -31.78 -24.01
CA VAL B 435 12.53 -31.17 -25.02
C VAL B 435 13.30 -32.26 -25.74
N SER B 436 13.37 -32.17 -27.06
CA SER B 436 14.10 -33.13 -27.86
C SER B 436 15.60 -33.03 -27.59
N SER B 437 16.30 -34.16 -27.74
CA SER B 437 17.72 -34.25 -27.41
C SER B 437 18.61 -33.49 -28.38
N ARG B 438 18.09 -33.04 -29.51
CA ARG B 438 18.89 -32.29 -30.47
C ARG B 438 19.01 -30.82 -30.12
N SER B 439 18.39 -30.37 -29.03
CA SER B 439 18.43 -28.96 -28.65
C SER B 439 18.87 -28.80 -27.20
N VAL B 440 19.74 -29.69 -26.72
CA VAL B 440 20.20 -29.68 -25.34
C VAL B 440 21.71 -29.50 -25.33
N ARG B 441 22.19 -28.57 -24.52
CA ARG B 441 23.61 -28.34 -24.32
C ARG B 441 23.91 -28.37 -22.83
N ILE B 442 24.99 -29.04 -22.44
CA ILE B 442 25.34 -29.18 -21.03
C ILE B 442 26.71 -28.54 -20.81
N LEU B 443 26.81 -27.67 -19.81
CA LEU B 443 28.05 -26.99 -19.50
C LEU B 443 28.76 -27.68 -18.33
N GLN B 444 30.01 -28.04 -18.55
CA GLN B 444 30.84 -28.68 -17.54
C GLN B 444 32.13 -27.89 -17.35
N GLU B 445 32.95 -28.34 -16.41
CA GLU B 445 34.22 -27.71 -16.07
C GLU B 445 35.31 -28.76 -16.13
N VAL B 446 36.27 -28.60 -17.04
CA VAL B 446 37.36 -29.55 -17.17
C VAL B 446 38.67 -28.77 -17.17
N GLU B 447 39.74 -29.46 -16.80
CA GLU B 447 41.07 -28.87 -16.75
C GLU B 447 41.96 -29.53 -17.79
N VAL B 448 42.55 -28.72 -18.67
CA VAL B 448 43.42 -29.18 -19.74
C VAL B 448 44.72 -28.39 -19.65
N ASP B 449 45.84 -29.10 -19.61
CA ASP B 449 47.17 -28.49 -19.57
C ASP B 449 47.31 -27.54 -18.38
N GLY B 450 46.70 -27.91 -17.25
CA GLY B 450 46.81 -27.10 -16.06
C GLY B 450 45.91 -25.89 -16.03
N VAL B 451 45.03 -25.71 -17.00
CA VAL B 451 44.12 -24.57 -17.04
C VAL B 451 42.68 -25.09 -17.04
N ASN B 452 41.88 -24.60 -16.10
CA ASN B 452 40.49 -25.00 -15.98
C ASN B 452 39.62 -24.13 -16.88
N ASP B 453 38.85 -24.78 -17.76
CA ASP B 453 38.00 -24.09 -18.71
C ASP B 453 36.68 -24.85 -18.85
N LEU B 454 35.66 -24.12 -19.29
CA LEU B 454 34.34 -24.66 -19.49
C LEU B 454 34.30 -25.50 -20.77
N ILE B 455 33.32 -26.40 -20.83
CA ILE B 455 33.17 -27.28 -21.98
C ILE B 455 31.68 -27.55 -22.17
N VAL B 456 31.30 -27.81 -23.42
CA VAL B 456 29.90 -28.05 -23.77
C VAL B 456 29.75 -29.45 -24.33
N SER B 457 28.83 -30.22 -23.77
CA SER B 457 28.55 -31.58 -24.19
C SER B 457 27.08 -31.70 -24.61
N HIS B 458 26.70 -32.92 -25.00
CA HIS B 458 25.36 -33.25 -25.44
C HIS B 458 24.90 -34.53 -24.77
N PRO B 459 23.59 -34.66 -24.53
CA PRO B 459 23.07 -35.91 -23.96
C PRO B 459 23.28 -37.08 -24.90
N ASP B 460 23.49 -38.25 -24.32
CA ASP B 460 23.77 -39.46 -25.07
C ASP B 460 22.53 -40.29 -25.38
N TYR B 461 21.35 -39.84 -24.95
CA TYR B 461 20.12 -40.60 -25.14
C TYR B 461 19.02 -39.65 -25.56
N GLN B 462 17.82 -40.20 -25.75
CA GLN B 462 16.63 -39.42 -26.08
C GLN B 462 15.83 -39.20 -24.81
N ILE B 463 15.62 -37.94 -24.45
CA ILE B 463 15.02 -37.57 -23.18
C ILE B 463 13.61 -37.01 -23.34
N LYS B 464 13.00 -37.19 -24.49
CA LYS B 464 11.64 -36.71 -24.71
C LYS B 464 10.65 -37.84 -24.43
N GLY B 465 9.83 -37.66 -23.40
CA GLY B 465 8.85 -38.66 -22.99
C GLY B 465 9.28 -39.57 -21.87
N VAL B 466 10.51 -39.48 -21.41
CA VAL B 466 11.01 -40.32 -20.33
C VAL B 466 10.50 -39.79 -19.00
N SER B 467 10.68 -40.56 -17.93
CA SER B 467 10.18 -40.18 -16.63
C SER B 467 10.99 -39.01 -16.07
N ASN B 468 10.61 -38.57 -14.87
CA ASN B 468 11.27 -37.41 -14.26
C ASN B 468 12.70 -37.74 -13.82
N GLN B 469 12.90 -38.88 -13.17
CA GLN B 469 14.23 -39.16 -12.66
C GLN B 469 15.19 -39.58 -13.77
N ASP B 470 14.68 -40.19 -14.83
CA ASP B 470 15.56 -40.53 -15.94
C ASP B 470 16.09 -39.26 -16.58
N ALA B 471 15.22 -38.26 -16.70
CA ALA B 471 15.64 -36.98 -17.26
C ALA B 471 16.62 -36.29 -16.34
N LEU B 472 16.43 -36.41 -15.02
CA LEU B 472 17.36 -35.75 -14.11
C LEU B 472 18.74 -36.39 -14.20
N LEU B 473 18.79 -37.72 -14.25
CA LEU B 473 20.05 -38.43 -14.25
C LEU B 473 20.80 -38.24 -15.55
N TYR B 474 20.11 -38.32 -16.69
CA TYR B 474 20.83 -38.24 -17.96
C TYR B 474 21.08 -36.79 -18.37
N GLY B 475 20.09 -35.92 -18.26
CA GLY B 475 20.23 -34.54 -18.68
C GLY B 475 20.89 -33.62 -17.69
N MET B 476 21.14 -34.07 -16.45
CA MET B 476 21.76 -33.18 -15.47
C MET B 476 22.89 -33.82 -14.68
N ARG B 477 23.10 -35.12 -14.77
CA ARG B 477 24.19 -35.83 -14.09
C ARG B 477 24.14 -35.56 -12.59
N THR B 478 23.04 -35.99 -11.97
CA THR B 478 22.85 -35.85 -10.54
C THR B 478 22.18 -37.10 -10.00
N ASP B 479 22.49 -37.44 -8.77
CA ASP B 479 21.91 -38.63 -8.15
C ASP B 479 20.45 -38.36 -7.79
N PRO B 480 19.49 -39.14 -8.30
CA PRO B 480 18.08 -38.89 -7.99
C PRO B 480 17.66 -39.32 -6.59
N ILE B 481 18.47 -40.11 -5.90
CA ILE B 481 18.12 -40.64 -4.58
C ILE B 481 18.95 -39.89 -3.54
N PRO B 482 18.35 -39.32 -2.51
CA PRO B 482 19.11 -38.57 -1.51
C PRO B 482 19.98 -39.49 -0.66
N SER B 483 20.96 -38.87 0.00
CA SER B 483 21.93 -39.56 0.85
C SER B 483 21.64 -39.36 2.33
N THR B 484 20.35 -39.38 2.70
CA THR B 484 19.96 -39.11 4.07
C THR B 484 20.50 -40.19 5.01
N LYS B 485 20.53 -39.85 6.30
CA LYS B 485 21.02 -40.78 7.30
C LYS B 485 20.12 -42.01 7.40
N GLU B 486 18.81 -41.81 7.27
CA GLU B 486 17.88 -42.93 7.33
C GLU B 486 18.11 -43.91 6.20
N ASN B 487 18.65 -43.45 5.07
CA ASN B 487 19.02 -44.35 3.99
C ASN B 487 20.20 -45.23 4.35
N GLY B 488 21.04 -44.79 5.28
CA GLY B 488 22.26 -45.52 5.58
C GLY B 488 22.01 -46.94 6.05
N TRP B 489 20.94 -47.15 6.82
CA TRP B 489 20.64 -48.50 7.29
C TRP B 489 20.09 -49.38 6.17
N LEU B 490 19.53 -48.76 5.13
CA LEU B 490 18.85 -49.54 4.09
C LEU B 490 19.85 -50.34 3.27
N GLU B 491 20.92 -49.68 2.82
CA GLU B 491 21.86 -50.41 1.97
C GLU B 491 22.63 -51.45 2.78
N GLU B 492 22.91 -51.16 4.05
CA GLU B 492 23.58 -52.15 4.89
C GLU B 492 22.70 -53.39 5.07
N TYR B 493 21.40 -53.19 5.30
CA TYR B 493 20.51 -54.35 5.42
C TYR B 493 20.42 -55.10 4.10
N LYS B 494 20.36 -54.38 2.99
CA LYS B 494 20.32 -55.04 1.69
C LYS B 494 21.59 -55.87 1.48
N LYS B 495 22.74 -55.29 1.79
CA LYS B 495 24.00 -55.97 1.54
C LYS B 495 24.09 -57.22 2.39
N LEU B 496 23.65 -57.14 3.65
CA LEU B 496 23.68 -58.33 4.50
C LEU B 496 22.76 -59.40 3.92
N VAL B 497 21.62 -58.99 3.35
CA VAL B 497 20.70 -59.97 2.77
C VAL B 497 21.33 -60.66 1.57
N GLU B 498 21.97 -59.89 0.69
CA GLU B 498 22.55 -60.47 -0.52
C GLU B 498 23.70 -61.42 -0.24
N LEU B 499 24.37 -61.29 0.90
CA LEU B 499 25.47 -62.17 1.25
C LEU B 499 25.01 -63.40 2.01
N ASN B 500 23.71 -63.71 1.97
CA ASN B 500 23.14 -64.86 2.68
C ASN B 500 23.48 -64.82 4.16
N ARG B 501 23.38 -63.62 4.76
CA ARG B 501 23.65 -63.40 6.17
C ARG B 501 22.47 -62.72 6.83
N TYR B 502 21.27 -62.96 6.30
CA TYR B 502 20.06 -62.33 6.83
C TYR B 502 19.65 -62.89 8.18
N SER B 503 20.09 -64.09 8.53
CA SER B 503 19.75 -64.68 9.81
C SER B 503 20.67 -64.20 10.94
N SER B 504 21.68 -63.39 10.64
CA SER B 504 22.60 -62.92 11.64
C SER B 504 21.91 -61.98 12.62
N ASP B 505 22.41 -61.93 13.85
CA ASP B 505 21.82 -61.06 14.86
C ASP B 505 21.94 -59.59 14.50
N GLU B 506 23.00 -59.21 13.78
CA GLU B 506 23.13 -57.82 13.34
C GLU B 506 22.00 -57.45 12.39
N ALA B 507 21.66 -58.34 11.47
CA ALA B 507 20.57 -58.06 10.54
C ALA B 507 19.25 -57.94 11.29
N LEU B 508 19.05 -58.80 12.30
CA LEU B 508 17.82 -58.74 13.07
C LEU B 508 17.72 -57.42 13.82
N LEU B 509 18.84 -56.96 14.38
CA LEU B 509 18.82 -55.68 15.08
C LEU B 509 18.54 -54.52 14.11
N LEU B 510 19.14 -54.56 12.93
CA LEU B 510 18.96 -53.45 11.99
C LEU B 510 17.54 -53.44 11.41
N ARG B 511 16.92 -54.61 11.31
CA ARG B 511 15.58 -54.67 10.75
C ARG B 511 14.60 -53.94 11.63
N GLU B 512 14.84 -53.89 12.96
CA GLU B 512 13.91 -53.20 13.82
C GLU B 512 13.87 -51.71 13.48
N LYS B 513 15.04 -51.12 13.25
CA LYS B 513 15.11 -49.70 12.92
C LYS B 513 14.47 -49.44 11.57
N VAL B 514 14.76 -50.31 10.59
CA VAL B 514 14.24 -50.04 9.26
C VAL B 514 12.72 -50.19 9.25
N ILE B 515 12.21 -51.27 9.85
CA ILE B 515 10.78 -51.50 9.82
C ILE B 515 10.06 -50.44 10.65
N LYS B 516 10.75 -49.87 11.66
CA LYS B 516 10.11 -48.83 12.45
C LYS B 516 10.01 -47.54 11.65
N HIS B 517 11.04 -47.22 10.88
CA HIS B 517 11.02 -45.95 10.15
C HIS B 517 10.10 -46.01 8.94
N PHE B 518 10.07 -47.13 8.23
CA PHE B 518 9.32 -47.22 6.97
C PHE B 518 7.94 -47.84 7.13
N GLY B 519 7.84 -48.95 7.83
CA GLY B 519 6.57 -49.62 7.99
C GLY B 519 6.50 -50.93 7.23
N LEU B 520 5.57 -51.79 7.65
CA LEU B 520 5.44 -53.12 7.07
C LEU B 520 4.98 -53.06 5.61
N ASP B 521 4.06 -52.15 5.28
CA ASP B 521 3.45 -52.17 3.96
C ASP B 521 4.21 -51.37 2.91
N HIS B 522 5.33 -50.76 3.28
CA HIS B 522 6.08 -49.98 2.30
C HIS B 522 6.63 -50.89 1.21
N PRO B 523 6.55 -50.48 -0.06
CA PRO B 523 7.00 -51.37 -1.15
C PRO B 523 8.46 -51.78 -1.06
N LEU B 524 9.32 -50.90 -0.51
CA LEU B 524 10.73 -51.24 -0.39
C LEU B 524 10.90 -52.44 0.54
N VAL B 525 10.12 -52.49 1.62
CA VAL B 525 10.24 -53.64 2.51
C VAL B 525 9.71 -54.89 1.82
N GLN B 526 8.65 -54.72 1.01
CA GLN B 526 8.05 -55.87 0.34
C GLN B 526 9.03 -56.55 -0.59
N GLU B 527 9.79 -55.76 -1.36
CA GLU B 527 10.75 -56.39 -2.26
C GLU B 527 11.88 -57.05 -1.47
N CYS B 528 12.24 -56.50 -0.32
CA CYS B 528 13.27 -57.13 0.50
C CYS B 528 12.78 -58.47 1.01
N ASP B 529 11.51 -58.56 1.40
CA ASP B 529 10.97 -59.83 1.85
C ASP B 529 10.92 -60.83 0.70
N ASP B 530 10.63 -60.35 -0.51
CA ASP B 530 10.60 -61.27 -1.65
C ASP B 530 11.99 -61.85 -1.89
N LEU B 531 13.01 -61.00 -1.76
CA LEU B 531 14.38 -61.50 -1.92
C LEU B 531 14.71 -62.50 -0.82
N ILE B 532 14.18 -62.28 0.38
CA ILE B 532 14.44 -63.20 1.49
C ILE B 532 13.85 -64.56 1.16
N SER B 533 12.61 -64.57 0.67
CA SER B 533 11.97 -65.85 0.35
C SER B 533 12.70 -66.57 -0.77
N VAL B 534 13.14 -65.82 -1.79
CA VAL B 534 13.82 -66.45 -2.91
C VAL B 534 15.12 -67.09 -2.45
N LEU B 535 15.89 -66.34 -1.64
CA LEU B 535 17.16 -66.89 -1.16
C LEU B 535 16.92 -68.09 -0.25
N GLU B 536 15.85 -68.03 0.57
CA GLU B 536 15.58 -69.15 1.46
C GLU B 536 15.26 -70.40 0.67
N PHE B 537 14.46 -70.26 -0.40
CA PHE B 537 14.13 -71.42 -1.21
C PHE B 537 15.36 -71.98 -1.90
N LYS B 538 16.24 -71.09 -2.39
CA LYS B 538 17.46 -71.58 -3.03
C LYS B 538 18.33 -72.33 -2.02
N ASN B 539 18.42 -71.82 -0.80
CA ASN B 539 19.20 -72.51 0.22
C ASN B 539 18.58 -73.85 0.56
N LYS B 540 17.25 -73.91 0.59
CA LYS B 540 16.58 -75.18 0.90
C LYS B 540 16.89 -76.21 -0.17
N ILE B 541 16.85 -75.80 -1.45
CA ILE B 541 17.13 -76.73 -2.54
C ILE B 541 18.59 -77.19 -2.48
N ASN B 542 19.51 -76.25 -2.24
CA ASN B 542 20.93 -76.60 -2.19
C ASN B 542 21.24 -77.53 -1.03
N GLN B 543 20.61 -77.31 0.13
CA GLN B 543 20.87 -78.16 1.29
C GLN B 543 20.46 -79.60 1.04
N HIS B 544 19.32 -79.81 0.40
CA HIS B 544 18.86 -81.16 0.11
C HIS B 544 19.72 -81.84 -0.95
N MET C 1 -31.02 0.84 23.23
CA MET C 1 -30.10 -0.21 22.79
C MET C 1 -30.22 -1.44 23.68
N TRP C 2 -31.44 -1.73 24.13
CA TRP C 2 -31.72 -2.86 25.00
C TRP C 2 -32.93 -3.63 24.48
N SER C 3 -33.01 -4.90 24.88
CA SER C 3 -34.12 -5.74 24.44
C SER C 3 -35.40 -5.35 25.17
N HIS C 4 -35.36 -5.38 26.51
CA HIS C 4 -36.43 -4.98 27.40
C HIS C 4 -37.64 -5.92 27.31
N PRO C 5 -38.49 -5.96 28.34
CA PRO C 5 -39.70 -6.79 28.27
C PRO C 5 -40.92 -6.10 27.65
N GLN C 6 -40.74 -4.96 26.98
CA GLN C 6 -41.80 -4.24 26.30
C GLN C 6 -42.91 -3.84 27.27
N PHE C 7 -42.56 -2.94 28.19
CA PHE C 7 -43.53 -2.42 29.14
C PHE C 7 -44.69 -1.75 28.39
N GLU C 8 -45.92 -2.06 28.83
CA GLU C 8 -47.09 -1.70 28.03
C GLU C 8 -47.29 -0.19 27.97
N LYS C 9 -47.28 0.48 29.12
CA LYS C 9 -47.53 1.93 29.20
C LYS C 9 -48.89 2.20 28.58
N ILE C 10 -49.00 3.12 27.61
CA ILE C 10 -50.25 3.43 26.93
C ILE C 10 -49.99 3.37 25.43
N ASN C 11 -51.08 3.23 24.67
CA ASN C 11 -50.96 3.11 23.22
C ASN C 11 -50.38 4.37 22.61
N LYS C 12 -49.41 4.19 21.71
CA LYS C 12 -48.76 5.30 21.03
C LYS C 12 -48.13 4.78 19.75
N MET C 13 -47.85 5.71 18.84
CA MET C 13 -47.24 5.40 17.55
C MET C 13 -45.84 6.01 17.42
N ASN C 14 -45.14 6.16 18.54
CA ASN C 14 -43.78 6.68 18.52
C ASN C 14 -42.84 5.72 17.80
N LEU C 15 -41.83 6.30 17.14
CA LEU C 15 -40.84 5.49 16.44
C LEU C 15 -40.07 4.61 17.42
N GLU C 16 -39.81 5.12 18.62
CA GLU C 16 -39.05 4.35 19.60
C GLU C 16 -39.80 3.10 20.02
N THR C 17 -41.11 3.19 20.18
CA THR C 17 -41.88 2.03 20.57
C THR C 17 -41.81 0.95 19.50
N CYS C 18 -41.86 1.33 18.23
CA CYS C 18 -41.70 0.36 17.15
C CYS C 18 -40.31 -0.26 17.18
N TYR C 19 -39.29 0.55 17.51
CA TYR C 19 -37.93 0.02 17.59
C TYR C 19 -37.84 -1.03 18.69
N VAL C 20 -38.44 -0.76 19.85
CA VAL C 20 -38.39 -1.73 20.93
C VAL C 20 -39.20 -2.97 20.58
N ASP C 21 -40.34 -2.78 19.89
CA ASP C 21 -41.15 -3.93 19.53
C ASP C 21 -40.37 -4.87 18.61
N PHE C 22 -39.65 -4.29 17.65
CA PHE C 22 -38.87 -5.13 16.74
C PHE C 22 -37.75 -5.82 17.51
N LEU C 23 -37.12 -5.11 18.44
CA LEU C 23 -36.01 -5.74 19.17
C LEU C 23 -36.52 -6.92 19.98
N GLU C 24 -37.69 -6.75 20.62
CA GLU C 24 -38.25 -7.83 21.42
C GLU C 24 -38.61 -9.02 20.55
N LEU C 25 -39.17 -8.76 19.35
CA LEU C 25 -39.52 -9.85 18.45
C LEU C 25 -38.28 -10.60 17.98
N GLU C 26 -37.20 -9.88 17.69
CA GLU C 26 -36.00 -10.52 17.15
C GLU C 26 -35.39 -11.52 18.12
N SER C 27 -35.47 -11.25 19.43
CA SER C 27 -34.85 -12.13 20.42
C SER C 27 -35.46 -13.52 20.48
N HIS C 28 -36.62 -13.75 19.87
CA HIS C 28 -37.26 -15.07 19.89
C HIS C 28 -37.11 -15.81 18.57
N VAL C 29 -37.55 -15.20 17.46
CA VAL C 29 -37.49 -15.87 16.17
C VAL C 29 -36.05 -15.89 15.68
N ILE C 30 -35.66 -17.02 15.07
CA ILE C 30 -34.31 -17.18 14.55
C ILE C 30 -34.28 -17.16 13.02
N ASN C 31 -35.30 -17.68 12.34
CA ASN C 31 -35.31 -17.72 10.89
C ASN C 31 -35.36 -16.31 10.34
N GLU C 32 -34.34 -15.92 9.57
CA GLU C 32 -34.29 -14.58 9.01
C GLU C 32 -35.35 -14.36 7.95
N ASP C 33 -35.83 -15.43 7.30
CA ASP C 33 -36.87 -15.26 6.29
C ASP C 33 -38.13 -14.71 6.91
N TYR C 34 -38.51 -15.21 8.09
CA TYR C 34 -39.70 -14.69 8.74
C TYR C 34 -39.47 -13.25 9.20
N LEU C 35 -38.26 -12.94 9.65
CA LEU C 35 -37.96 -11.59 10.13
C LEU C 35 -38.09 -10.57 9.01
N LYS C 36 -37.61 -10.92 7.82
CA LYS C 36 -37.64 -9.99 6.70
C LYS C 36 -39.06 -9.71 6.21
N GLU C 37 -40.04 -10.54 6.59
CA GLU C 37 -41.42 -10.34 6.18
C GLU C 37 -42.34 -9.93 7.34
N SER C 38 -41.78 -9.65 8.51
CA SER C 38 -42.62 -9.28 9.65
C SER C 38 -43.24 -7.91 9.44
N VAL C 39 -44.45 -7.74 9.97
CA VAL C 39 -45.15 -6.46 9.85
C VAL C 39 -44.45 -5.37 10.66
N GLU C 40 -43.76 -5.76 11.74
CA GLU C 40 -43.07 -4.75 12.56
C GLU C 40 -41.98 -4.06 11.75
N LEU C 41 -41.27 -4.82 10.92
CA LEU C 41 -40.24 -4.21 10.10
C LEU C 41 -40.86 -3.23 9.11
N GLN C 42 -42.02 -3.57 8.54
CA GLN C 42 -42.66 -2.67 7.60
C GLN C 42 -43.09 -1.38 8.29
N LYS C 43 -43.62 -1.49 9.51
CA LYS C 43 -44.02 -0.30 10.25
C LYS C 43 -42.81 0.58 10.57
N LEU C 44 -41.69 -0.05 10.95
CA LEU C 44 -40.49 0.72 11.24
C LEU C 44 -39.97 1.41 9.99
N ILE C 45 -40.04 0.72 8.85
CA ILE C 45 -39.56 1.31 7.61
C ILE C 45 -40.40 2.52 7.24
N SER C 46 -41.73 2.37 7.34
CA SER C 46 -42.60 3.46 6.93
C SER C 46 -42.40 4.66 7.83
N THR C 47 -42.26 4.43 9.14
CA THR C 47 -42.08 5.54 10.05
C THR C 47 -40.76 6.25 9.78
N LEU C 48 -39.70 5.48 9.50
CA LEU C 48 -38.40 6.10 9.27
C LEU C 48 -38.43 6.92 7.98
N ASN C 49 -39.06 6.40 6.94
CA ASN C 49 -39.09 7.09 5.65
C ASN C 49 -39.92 8.37 5.71
N GLU C 50 -41.04 8.35 6.43
CA GLU C 50 -41.88 9.54 6.47
C GLU C 50 -41.22 10.68 7.25
N SER C 51 -40.43 10.37 8.27
CA SER C 51 -39.80 11.40 9.08
C SER C 51 -38.81 12.21 8.27
N LYS C 52 -38.78 13.52 8.52
CA LYS C 52 -37.91 14.46 7.82
C LYS C 52 -36.87 14.99 8.79
N PHE C 53 -35.60 14.84 8.44
CA PHE C 53 -34.51 15.26 9.31
C PHE C 53 -34.35 16.78 9.30
N HIS C 54 -34.33 17.39 10.48
CA HIS C 54 -34.04 18.81 10.60
C HIS C 54 -33.70 19.13 12.05
N LEU C 55 -32.70 19.98 12.24
CA LEU C 55 -32.29 20.43 13.56
C LEU C 55 -33.31 21.44 14.07
N ASN C 56 -33.43 21.55 15.39
CA ASN C 56 -34.50 22.36 15.96
C ASN C 56 -34.01 23.63 16.63
N LYS C 57 -33.09 23.53 17.58
CA LYS C 57 -32.65 24.71 18.33
C LYS C 57 -31.24 24.45 18.82
N ILE C 58 -30.56 25.52 19.23
CA ILE C 58 -29.19 25.41 19.69
C ILE C 58 -28.90 26.50 20.70
N GLY C 59 -28.01 26.19 21.65
CA GLY C 59 -27.62 27.17 22.65
C GLY C 59 -26.12 27.10 22.90
N ILE C 60 -25.55 28.25 23.20
CA ILE C 60 -24.10 28.39 23.38
C ILE C 60 -23.84 29.14 24.68
N HIS C 61 -22.91 28.62 25.48
CA HIS C 61 -22.54 29.19 26.76
C HIS C 61 -21.02 29.27 26.84
N ASP C 62 -20.48 30.49 26.94
CA ASP C 62 -19.05 30.71 27.22
C ASP C 62 -18.14 30.09 26.17
N PHE C 63 -18.57 30.08 24.90
CA PHE C 63 -17.77 29.52 23.81
C PHE C 63 -17.29 30.66 22.93
N LYS C 64 -15.97 30.83 22.86
CA LYS C 64 -15.33 31.89 22.07
C LYS C 64 -15.91 33.22 22.54
N ARG C 65 -16.37 34.10 21.64
CA ARG C 65 -16.85 35.40 22.06
C ARG C 65 -18.22 35.33 22.72
N ILE C 66 -19.07 34.41 22.29
CA ILE C 66 -20.44 34.35 22.76
C ILE C 66 -20.47 33.93 24.22
N ARG C 67 -21.20 34.68 25.04
CA ARG C 67 -21.32 34.39 26.46
C ARG C 67 -22.54 33.53 26.76
N GLU C 68 -23.72 33.99 26.36
CA GLU C 68 -24.95 33.25 26.58
C GLU C 68 -25.89 33.54 25.42
N LEU C 69 -26.34 32.51 24.71
CA LEU C 69 -27.21 32.79 23.57
C LEU C 69 -27.94 31.53 23.13
N GLN C 70 -29.17 31.71 22.65
CA GLN C 70 -29.98 30.60 22.15
C GLN C 70 -30.65 30.99 20.84
N ILE C 71 -30.58 30.09 19.85
CA ILE C 71 -31.15 30.34 18.53
C ILE C 71 -32.13 29.23 18.21
N SER C 72 -33.14 29.56 17.41
CA SER C 72 -34.04 28.60 16.81
C SER C 72 -33.94 28.72 15.30
N LEU C 73 -33.69 27.62 14.62
CA LEU C 73 -33.46 27.61 13.18
C LEU C 73 -34.69 27.10 12.44
N GLU C 74 -34.96 27.70 11.28
CA GLU C 74 -36.05 27.27 10.43
C GLU C 74 -35.77 25.86 9.89
N ASP C 75 -36.76 25.30 9.20
CA ASP C 75 -36.64 23.95 8.67
C ASP C 75 -36.21 23.92 7.21
N ASP C 76 -36.18 25.06 6.53
CA ASP C 76 -35.83 25.11 5.11
C ASP C 76 -34.68 26.05 4.82
N LEU C 77 -34.64 27.23 5.45
CA LEU C 77 -33.60 28.19 5.15
C LEU C 77 -33.51 29.22 6.27
N THR C 78 -32.28 29.58 6.63
CA THR C 78 -32.02 30.58 7.66
C THR C 78 -30.73 31.30 7.30
N VAL C 79 -30.71 32.62 7.46
CA VAL C 79 -29.56 33.44 7.09
C VAL C 79 -29.16 34.34 8.24
N PHE C 80 -27.86 34.41 8.51
CA PHE C 80 -27.29 35.23 9.58
C PHE C 80 -26.56 36.41 8.95
N VAL C 81 -26.82 37.61 9.44
CA VAL C 81 -26.24 38.83 8.89
C VAL C 81 -25.51 39.57 10.01
N GLY C 82 -24.29 40.00 9.71
CA GLY C 82 -23.51 40.76 10.68
C GLY C 82 -22.20 41.18 10.05
N ASP C 83 -21.48 42.03 10.78
CA ASP C 83 -20.20 42.52 10.32
C ASP C 83 -19.09 41.63 10.85
N ASN C 84 -17.85 42.06 10.70
CA ASN C 84 -16.70 41.28 11.15
C ASN C 84 -16.59 41.30 12.67
N GLY C 85 -16.25 40.14 13.24
CA GLY C 85 -16.08 40.02 14.68
C GLY C 85 -17.33 39.74 15.47
N PHE C 86 -18.43 39.39 14.81
CA PHE C 86 -19.69 39.11 15.49
C PHE C 86 -19.97 37.62 15.64
N GLY C 87 -18.98 36.78 15.42
CA GLY C 87 -19.14 35.34 15.61
C GLY C 87 -20.09 34.65 14.65
N LYS C 88 -20.09 35.06 13.38
CA LYS C 88 -20.86 34.36 12.37
C LYS C 88 -20.33 32.95 12.14
N SER C 89 -19.01 32.80 12.09
CA SER C 89 -18.40 31.49 11.90
C SER C 89 -18.51 30.60 13.14
N THR C 90 -18.47 31.20 14.33
CA THR C 90 -18.50 30.44 15.56
C THR C 90 -19.73 29.54 15.65
N ILE C 91 -20.89 30.06 15.24
CA ILE C 91 -22.10 29.25 15.25
C ILE C 91 -21.96 28.05 14.34
N LEU C 92 -21.35 28.25 13.16
CA LEU C 92 -21.21 27.15 12.21
C LEU C 92 -20.28 26.09 12.78
N ASP C 93 -19.19 26.50 13.43
CA ASP C 93 -18.30 25.49 13.99
C ASP C 93 -18.98 24.76 15.13
N ALA C 94 -19.83 25.45 15.90
CA ALA C 94 -20.53 24.77 16.99
C ALA C 94 -21.45 23.69 16.44
N ILE C 95 -22.15 23.99 15.35
CA ILE C 95 -23.03 22.98 14.76
C ILE C 95 -22.21 21.83 14.19
N ALA C 96 -21.05 22.13 13.59
CA ALA C 96 -20.23 21.05 13.05
C ALA C 96 -19.73 20.14 14.16
N ILE C 97 -19.36 20.73 15.30
CA ILE C 97 -18.88 19.95 16.43
C ILE C 97 -19.97 19.03 16.91
N VAL C 98 -21.20 19.54 17.02
CA VAL C 98 -22.29 18.69 17.49
C VAL C 98 -22.55 17.55 16.50
N LEU C 99 -22.58 17.86 15.20
CA LEU C 99 -22.89 16.86 14.19
C LEU C 99 -21.81 15.79 14.03
N SER C 100 -20.58 16.08 14.45
CA SER C 100 -19.52 15.09 14.27
C SER C 100 -19.76 13.83 15.10
N TRP C 101 -20.33 13.97 16.30
CA TRP C 101 -20.55 12.77 17.12
C TRP C 101 -21.60 11.86 16.49
N LEU C 102 -22.62 12.48 15.88
CA LEU C 102 -23.61 11.67 15.17
C LEU C 102 -22.97 10.98 13.99
N ARG C 103 -22.06 11.67 13.29
CA ARG C 103 -21.41 11.02 12.16
C ARG C 103 -20.59 9.84 12.65
N SER C 104 -19.87 10.03 13.76
CA SER C 104 -18.95 9.00 14.24
C SER C 104 -19.69 7.73 14.66
N ASN C 105 -20.83 7.89 15.32
CA ASN C 105 -21.53 6.71 15.84
C ASN C 105 -22.22 5.88 14.77
N ILE C 106 -22.32 6.37 13.53
CA ILE C 106 -22.92 5.57 12.47
C ILE C 106 -21.94 4.56 11.89
N GLU C 107 -20.69 4.97 11.67
CA GLU C 107 -19.70 4.03 11.15
C GLU C 107 -19.45 2.89 12.12
N LYS C 108 -19.32 3.18 13.41
CA LYS C 108 -19.07 2.17 14.42
C LYS C 108 -19.36 2.79 15.78
N GLU C 109 -20.05 2.05 16.63
CA GLU C 109 -20.51 2.60 17.89
C GLU C 109 -19.33 2.82 18.84
N SER C 110 -19.61 3.60 19.89
CA SER C 110 -18.63 3.96 20.92
C SER C 110 -17.33 4.47 20.30
N LYS C 111 -17.46 5.26 19.24
CA LYS C 111 -16.32 5.89 18.61
C LYS C 111 -16.31 7.37 18.93
N PRO C 112 -15.21 7.93 19.42
CA PRO C 112 -15.20 9.33 19.80
C PRO C 112 -15.31 10.24 18.58
N GLY C 113 -15.64 11.50 18.86
CA GLY C 113 -15.77 12.49 17.80
C GLY C 113 -14.80 13.64 17.96
N THR C 114 -15.31 14.87 17.90
CA THR C 114 -14.50 16.07 17.99
C THR C 114 -14.72 16.73 19.35
N TYR C 115 -13.64 17.08 20.02
CA TYR C 115 -13.70 17.74 21.32
C TYR C 115 -13.54 19.24 21.15
N ILE C 116 -13.52 19.95 22.26
CA ILE C 116 -13.33 21.39 22.26
C ILE C 116 -11.84 21.70 22.43
N LYS C 117 -11.32 22.58 21.59
CA LYS C 117 -9.92 22.97 21.71
C LYS C 117 -9.73 23.82 22.97
N SER C 118 -8.53 23.72 23.54
CA SER C 118 -8.26 24.39 24.81
C SER C 118 -8.23 25.91 24.65
N HIS C 119 -7.91 26.41 23.47
CA HIS C 119 -7.84 27.85 23.26
C HIS C 119 -9.16 28.46 22.84
N GLU C 120 -10.21 27.65 22.67
CA GLU C 120 -11.52 28.16 22.28
C GLU C 120 -12.38 28.54 23.48
N VAL C 121 -11.95 28.23 24.70
CA VAL C 121 -12.71 28.64 25.88
C VAL C 121 -12.59 30.15 26.04
N ASN C 122 -13.62 30.76 26.64
CA ASN C 122 -13.62 32.20 26.83
C ASN C 122 -12.46 32.63 27.71
N ASN C 123 -11.95 33.83 27.45
CA ASN C 123 -10.74 34.31 28.09
C ASN C 123 -11.01 35.13 29.34
N SER C 124 -12.26 35.22 29.78
CA SER C 124 -12.59 35.99 30.96
C SER C 124 -12.07 35.30 32.23
N VAL C 125 -11.92 36.07 33.29
CA VAL C 125 -11.34 35.56 34.53
C VAL C 125 -12.31 34.59 35.22
N ASP C 126 -13.59 34.94 35.27
CA ASP C 126 -14.55 34.20 36.08
C ASP C 126 -15.11 32.96 35.37
N VAL C 127 -14.73 32.72 34.12
CA VAL C 127 -15.24 31.55 33.41
C VAL C 127 -14.57 30.29 33.95
N GLU C 128 -15.28 29.16 33.85
CA GLU C 128 -14.75 27.89 34.34
C GLU C 128 -14.84 26.79 33.30
N TYR C 129 -15.85 26.84 32.43
CA TYR C 129 -16.06 25.78 31.46
C TYR C 129 -16.93 26.32 30.33
N ALA C 130 -16.96 25.58 29.23
CA ALA C 130 -17.80 25.91 28.09
C ALA C 130 -18.68 24.73 27.75
N SER C 131 -19.88 25.04 27.24
CA SER C 131 -20.88 24.03 26.92
C SER C 131 -21.61 24.39 25.65
N ILE C 132 -21.97 23.37 24.87
CA ILE C 132 -22.77 23.49 23.66
C ILE C 132 -23.84 22.41 23.71
N ASP C 133 -25.08 22.77 23.41
CA ASP C 133 -26.15 21.80 23.44
C ASP C 133 -27.06 21.99 22.24
N ALA C 134 -27.71 20.91 21.82
CA ALA C 134 -28.55 20.97 20.65
C ALA C 134 -29.64 19.92 20.70
N ASN C 135 -30.65 20.10 19.85
CA ASN C 135 -31.81 19.23 19.78
C ASN C 135 -32.16 18.88 18.33
N ILE C 136 -32.47 17.62 18.09
CA ILE C 136 -32.84 17.11 16.78
C ILE C 136 -34.23 16.49 16.88
N LYS C 137 -35.13 16.90 15.97
CA LYS C 137 -36.52 16.47 15.99
C LYS C 137 -36.85 15.73 14.70
N LEU C 138 -37.20 14.45 14.84
CA LEU C 138 -37.68 13.62 13.72
C LEU C 138 -39.20 13.54 13.77
N LYS C 139 -39.84 14.62 13.35
CA LYS C 139 -41.29 14.75 13.32
C LYS C 139 -41.90 14.79 14.71
N ASP C 140 -41.80 13.67 15.42
CA ASP C 140 -42.33 13.56 16.77
C ASP C 140 -41.33 12.97 17.74
N PHE C 141 -40.11 12.67 17.30
CA PHE C 141 -39.10 12.08 18.17
C PHE C 141 -38.06 13.15 18.47
N ASN C 142 -37.74 13.35 19.75
CA ASN C 142 -36.84 14.42 20.16
C ASN C 142 -35.60 13.86 20.81
N THR C 143 -34.44 14.32 20.37
CA THR C 143 -33.16 13.94 20.96
C THR C 143 -32.39 15.20 21.30
N SER C 144 -31.47 15.07 22.25
CA SER C 144 -30.67 16.19 22.71
C SER C 144 -29.25 15.73 22.96
N ILE C 145 -28.32 16.70 22.94
CA ILE C 145 -26.91 16.36 23.10
C ILE C 145 -26.18 17.55 23.70
N LEU C 146 -25.26 17.25 24.62
CA LEU C 146 -24.44 18.24 25.31
C LEU C 146 -22.96 17.89 25.19
N ILE C 147 -22.14 18.89 24.88
CA ILE C 147 -20.69 18.78 24.78
C ILE C 147 -20.08 19.86 25.65
N THR C 148 -19.09 19.51 26.46
CA THR C 148 -18.56 20.50 27.38
C THR C 148 -17.08 20.25 27.62
N LYS C 149 -16.39 21.32 28.04
CA LYS C 149 -14.99 21.22 28.40
C LYS C 149 -14.67 22.18 29.54
N ALA C 150 -13.86 21.71 30.48
CA ALA C 150 -13.44 22.51 31.61
C ALA C 150 -12.15 23.26 31.31
N LYS C 151 -12.03 24.46 31.85
CA LYS C 151 -10.84 25.27 31.64
C LYS C 151 -9.63 24.62 32.28
N GLU C 152 -8.49 24.70 31.59
CA GLU C 152 -7.26 24.13 32.10
C GLU C 152 -6.84 24.81 33.39
N GLY C 153 -6.40 24.01 34.37
CA GLY C 153 -6.01 24.49 35.67
C GLY C 153 -7.06 24.29 36.75
N ALA C 154 -8.32 24.07 36.37
CA ALA C 154 -9.36 23.79 37.33
C ALA C 154 -9.30 22.34 37.79
N TYR C 155 -9.89 22.07 38.95
CA TYR C 155 -9.89 20.73 39.53
C TYR C 155 -11.31 20.23 39.78
N TYR C 156 -12.25 20.61 38.93
CA TYR C 156 -13.62 20.10 38.98
C TYR C 156 -13.98 19.53 37.62
N SER C 157 -14.63 18.38 37.63
CA SER C 157 -14.84 17.58 36.42
C SER C 157 -16.22 17.83 35.81
N ARG C 158 -16.31 17.60 34.50
CA ARG C 158 -17.56 17.64 33.77
C ARG C 158 -17.56 16.50 32.76
N ASN C 159 -18.77 16.05 32.40
CA ASN C 159 -18.94 14.92 31.49
C ASN C 159 -19.87 15.31 30.35
N ASN C 160 -19.90 14.46 29.32
CA ASN C 160 -20.77 14.62 28.18
C ASN C 160 -21.94 13.64 28.24
N GLU C 161 -23.06 14.04 27.67
CA GLU C 161 -24.26 13.20 27.61
C GLU C 161 -24.41 12.70 26.18
N LEU C 162 -24.17 11.41 25.96
CA LEU C 162 -24.21 10.84 24.63
C LEU C 162 -25.24 9.71 24.49
N LEU C 163 -26.27 9.71 25.33
CA LEU C 163 -27.28 8.67 25.22
C LEU C 163 -28.19 8.87 24.01
N GLY C 164 -28.55 10.12 23.71
CA GLY C 164 -29.45 10.38 22.61
C GLY C 164 -28.85 10.02 21.27
N VAL C 165 -27.60 10.41 21.05
CA VAL C 165 -26.99 10.16 19.74
C VAL C 165 -26.76 8.67 19.57
N LYS C 166 -26.36 7.98 20.63
CA LYS C 166 -26.11 6.54 20.53
C LYS C 166 -27.41 5.81 20.21
N LYS C 167 -28.51 6.24 20.83
CA LYS C 167 -29.78 5.58 20.58
C LYS C 167 -30.27 5.87 19.16
N LEU C 168 -30.17 7.11 18.71
CA LEU C 168 -30.63 7.43 17.36
C LEU C 168 -29.80 6.71 16.31
N ALA C 169 -28.48 6.67 16.48
CA ALA C 169 -27.63 6.00 15.50
C ALA C 169 -27.86 4.49 15.47
N SER C 170 -28.30 3.92 16.60
CA SER C 170 -28.54 2.48 16.59
C SER C 170 -29.70 2.13 15.66
N ILE C 171 -30.69 3.01 15.55
CA ILE C 171 -31.81 2.75 14.67
C ILE C 171 -31.35 2.71 13.22
N TYR C 172 -30.49 3.65 12.84
CA TYR C 172 -30.00 3.70 11.47
C TYR C 172 -29.20 2.45 11.14
N ARG C 173 -28.37 2.00 12.09
CA ARG C 173 -27.58 0.80 11.79
C ARG C 173 -28.48 -0.42 11.71
N LEU C 174 -29.53 -0.48 12.53
CA LEU C 174 -30.38 -1.66 12.51
C LEU C 174 -31.15 -1.72 11.21
N VAL C 175 -31.71 -0.59 10.77
CA VAL C 175 -32.48 -0.64 9.54
C VAL C 175 -31.55 -0.92 8.37
N ASN C 176 -30.32 -0.39 8.41
CA ASN C 176 -29.37 -0.68 7.34
C ASN C 176 -29.03 -2.16 7.26
N LYS C 177 -29.15 -2.87 8.39
CA LYS C 177 -28.81 -4.30 8.37
C LYS C 177 -29.78 -5.11 7.53
N TYR C 178 -31.09 -4.82 7.61
CA TYR C 178 -32.11 -5.62 6.93
C TYR C 178 -32.61 -5.03 5.62
N VAL C 179 -32.04 -3.93 5.15
CA VAL C 179 -32.45 -3.30 3.90
C VAL C 179 -31.24 -3.22 2.97
N ASP C 180 -31.45 -3.61 1.71
CA ASP C 180 -30.35 -3.72 0.77
C ASP C 180 -29.70 -2.36 0.51
N ASN C 181 -30.50 -1.34 0.23
CA ASN C 181 -29.99 -0.04 -0.19
C ASN C 181 -30.64 1.08 0.61
N ALA C 182 -30.65 0.93 1.94
CA ALA C 182 -31.23 1.94 2.80
C ALA C 182 -30.47 3.26 2.67
N SER C 183 -31.21 4.37 2.66
CA SER C 183 -30.62 5.68 2.54
C SER C 183 -30.10 6.17 3.88
N LEU C 184 -29.25 7.19 3.83
CA LEU C 184 -28.66 7.81 5.01
C LEU C 184 -28.75 9.32 4.90
N PRO C 185 -28.77 10.03 6.02
CA PRO C 185 -28.84 11.49 5.96
C PRO C 185 -27.53 12.08 5.44
N LEU C 186 -27.64 13.30 4.92
CA LEU C 186 -26.51 14.01 4.34
C LEU C 186 -26.06 15.12 5.27
N MET C 187 -24.76 15.18 5.54
CA MET C 187 -24.16 16.22 6.37
C MET C 187 -22.90 16.71 5.68
N ALA C 188 -22.77 18.03 5.57
CA ALA C 188 -21.64 18.62 4.87
C ALA C 188 -21.33 19.98 5.47
N TYR C 189 -20.11 20.45 5.21
CA TYR C 189 -19.66 21.74 5.73
C TYR C 189 -18.65 22.33 4.76
N TYR C 190 -18.99 23.48 4.17
CA TYR C 190 -18.14 24.17 3.22
C TYR C 190 -17.56 25.39 3.92
N SER C 191 -16.37 25.24 4.47
CA SER C 191 -15.73 26.31 5.23
C SER C 191 -15.15 27.34 4.26
N ILE C 192 -14.39 28.29 4.81
CA ILE C 192 -13.76 29.33 3.98
C ILE C 192 -12.52 28.83 3.26
N ALA C 193 -12.05 27.62 3.58
CA ALA C 193 -10.87 27.07 2.94
C ALA C 193 -11.15 26.44 1.59
N ARG C 194 -12.41 26.45 1.14
CA ARG C 194 -12.75 25.89 -0.16
C ARG C 194 -12.23 26.73 -1.32
N SER C 195 -11.71 27.93 -1.06
CA SER C 195 -11.31 28.82 -2.14
C SER C 195 -10.21 28.20 -2.98
N TYR C 196 -9.25 27.55 -2.33
CA TYR C 196 -8.16 26.89 -3.03
C TYR C 196 -8.32 25.39 -3.01
N ILE C 197 -9.44 24.88 -2.51
CA ILE C 197 -9.74 23.46 -2.70
C ILE C 197 -9.88 23.17 -4.18
N GLY C 198 -10.62 24.02 -4.90
CA GLY C 198 -10.67 23.97 -6.34
C GLY C 198 -9.73 24.97 -6.98
N GLY C 199 -9.35 25.99 -6.21
CA GLY C 199 -8.40 26.97 -6.69
C GLY C 199 -7.04 26.38 -7.01
N GLY C 200 -6.54 25.52 -6.12
CA GLY C 200 -5.35 24.74 -6.42
C GLY C 200 -5.63 23.50 -7.24
N ALA C 208 -1.27 7.89 -6.87
CA ALA C 208 -1.82 7.01 -5.85
C ALA C 208 -2.45 5.77 -6.48
N LYS C 209 -2.71 4.75 -5.65
CA LYS C 209 -3.34 3.53 -6.14
C LYS C 209 -4.73 3.84 -6.69
N THR C 210 -5.02 3.28 -7.86
CA THR C 210 -6.29 3.55 -8.53
C THR C 210 -7.46 2.96 -7.73
N LYS C 211 -8.49 3.77 -7.53
CA LYS C 211 -9.68 3.32 -6.81
C LYS C 211 -10.58 2.55 -7.75
N THR C 212 -11.08 1.41 -7.29
CA THR C 212 -12.00 0.59 -8.08
C THR C 212 -13.30 0.28 -7.38
N VAL C 213 -13.40 0.52 -6.07
CA VAL C 213 -14.57 0.19 -5.27
C VAL C 213 -15.09 1.48 -4.63
N TRP C 214 -16.38 1.73 -4.79
CA TRP C 214 -17.04 2.87 -4.18
C TRP C 214 -18.11 2.38 -3.20
N SER C 215 -18.43 3.23 -2.23
CA SER C 215 -19.45 2.89 -1.25
C SER C 215 -19.97 4.17 -0.62
N LYS C 216 -21.17 4.07 -0.03
CA LYS C 216 -21.76 5.24 0.60
C LYS C 216 -21.02 5.68 1.85
N PHE C 217 -20.20 4.81 2.45
CA PHE C 217 -19.45 5.22 3.63
C PHE C 217 -18.19 5.98 3.29
N ASP C 218 -17.86 6.10 1.99
CA ASP C 218 -16.68 6.85 1.60
C ASP C 218 -16.86 8.32 1.88
N VAL C 219 -18.08 8.82 1.82
CA VAL C 219 -18.34 10.23 2.10
C VAL C 219 -18.41 10.50 3.59
N TYR C 220 -18.38 9.47 4.42
CA TYR C 220 -18.55 9.65 5.85
C TYR C 220 -17.22 9.77 6.59
N ASP C 221 -16.09 9.74 5.89
CA ASP C 221 -14.80 9.81 6.56
C ASP C 221 -14.62 11.13 7.29
N GLU C 222 -15.03 12.24 6.67
CA GLU C 222 -14.87 13.55 7.26
C GLU C 222 -16.12 14.38 7.01
N ILE C 223 -16.33 15.37 7.89
CA ILE C 223 -17.49 16.24 7.79
C ILE C 223 -17.21 17.48 6.95
N GLU C 224 -15.94 17.80 6.70
CA GLU C 224 -15.55 19.00 6.00
C GLU C 224 -15.08 18.66 4.59
N PHE C 225 -15.06 19.68 3.73
CA PHE C 225 -14.65 19.55 2.35
C PHE C 225 -13.31 20.22 2.14
N ASP C 226 -12.31 19.45 1.70
CA ASP C 226 -10.98 20.02 1.48
C ASP C 226 -10.12 19.05 0.70
N ARG C 227 -9.31 19.61 -0.20
CA ARG C 227 -8.21 18.94 -0.90
C ARG C 227 -8.62 17.74 -1.74
N ASN C 228 -8.36 16.54 -1.21
CA ASN C 228 -8.47 15.34 -2.03
C ASN C 228 -9.89 15.04 -2.47
N ASP C 229 -10.88 15.70 -1.87
CA ASP C 229 -12.25 15.47 -2.30
C ASP C 229 -12.43 15.90 -3.74
N PHE C 230 -11.76 17.00 -4.12
CA PHE C 230 -11.86 17.45 -5.49
C PHE C 230 -11.31 16.39 -6.42
N THR C 231 -10.18 15.79 -6.03
CA THR C 231 -9.58 14.79 -6.91
C THR C 231 -10.52 13.62 -7.07
N ASP C 232 -11.18 13.21 -5.98
CA ASP C 232 -12.07 12.06 -6.08
C ASP C 232 -13.23 12.35 -7.00
N PHE C 233 -13.68 13.61 -7.06
CA PHE C 233 -14.79 13.92 -7.95
C PHE C 233 -14.42 13.62 -9.38
N PHE C 234 -13.19 13.97 -9.77
CA PHE C 234 -12.79 13.70 -11.14
C PHE C 234 -12.76 12.20 -11.41
N GLN C 235 -12.25 11.43 -10.45
CA GLN C 235 -12.18 9.99 -10.66
C GLN C 235 -13.58 9.40 -10.67
N TRP C 236 -14.51 10.00 -9.93
CA TRP C 236 -15.86 9.45 -9.97
C TRP C 236 -16.55 9.79 -11.28
N LEU C 237 -16.28 10.98 -11.83
CA LEU C 237 -16.99 11.36 -13.05
C LEU C 237 -16.65 10.47 -14.22
N VAL C 238 -15.38 10.12 -14.39
CA VAL C 238 -15.03 9.26 -15.50
C VAL C 238 -15.62 7.88 -15.31
N PHE C 239 -15.78 7.44 -14.06
CA PHE C 239 -16.39 6.15 -13.82
C PHE C 239 -17.83 6.16 -14.31
N LEU C 240 -18.54 7.26 -14.10
CA LEU C 240 -19.90 7.33 -14.60
C LEU C 240 -19.93 7.29 -16.13
N HIS C 241 -19.01 8.01 -16.77
CA HIS C 241 -19.06 8.10 -18.23
C HIS C 241 -18.87 6.74 -18.88
N ASN C 242 -17.92 5.95 -18.38
CA ASN C 242 -17.70 4.65 -18.97
C ASN C 242 -18.88 3.74 -18.73
N ARG C 243 -19.55 3.89 -17.59
CA ARG C 243 -20.72 3.07 -17.34
C ARG C 243 -21.79 3.35 -18.38
N ALA C 244 -21.96 4.62 -18.74
CA ALA C 244 -22.93 4.92 -19.78
C ALA C 244 -22.52 4.31 -21.11
N SER C 245 -21.22 4.40 -21.45
CA SER C 245 -20.79 3.92 -22.74
C SER C 245 -20.99 2.42 -22.89
N GLN C 246 -20.74 1.67 -21.82
CA GLN C 246 -20.94 0.23 -21.89
C GLN C 246 -22.40 -0.06 -22.20
N GLU C 247 -23.32 0.64 -21.54
CA GLU C 247 -24.72 0.38 -21.78
C GLU C 247 -25.18 0.95 -23.12
N LYS C 248 -24.47 1.91 -23.69
CA LYS C 248 -24.85 2.38 -25.02
C LYS C 248 -24.64 1.32 -26.10
N LEU C 249 -23.70 0.40 -25.89
CA LEU C 249 -23.48 -0.71 -26.80
C LEU C 249 -24.39 -1.88 -26.44
N SER C 250 -24.07 -3.04 -27.00
CA SER C 250 -24.75 -4.32 -26.77
C SER C 250 -26.16 -4.35 -27.36
N GLU C 251 -27.09 -5.01 -26.67
CA GLU C 251 -28.41 -5.25 -27.23
C GLU C 251 -29.19 -3.97 -27.51
N SER C 252 -28.87 -2.87 -26.81
CA SER C 252 -29.54 -1.61 -27.08
C SER C 252 -29.24 -1.13 -28.49
N GLN C 253 -28.06 -1.45 -29.02
CA GLN C 253 -27.77 -1.08 -30.40
C GLN C 253 -28.59 -1.91 -31.39
N THR C 254 -28.90 -3.16 -31.03
CA THR C 254 -29.68 -4.01 -31.94
C THR C 254 -31.06 -3.42 -32.19
N THR C 255 -31.73 -2.98 -31.12
CA THR C 255 -33.04 -2.37 -31.30
C THR C 255 -32.89 -1.06 -32.04
N ILE C 256 -31.75 -0.41 -31.90
CA ILE C 256 -31.53 0.84 -32.61
C ILE C 256 -31.52 0.56 -34.11
N ASN C 257 -30.82 -0.50 -34.53
CA ASN C 257 -30.71 -0.79 -35.95
C ASN C 257 -32.04 -1.28 -36.55
N ALA C 258 -32.73 -2.17 -35.84
CA ALA C 258 -33.96 -2.75 -36.40
C ALA C 258 -35.09 -1.73 -36.49
N LEU C 259 -35.33 -0.99 -35.41
CA LEU C 259 -36.45 -0.05 -35.42
C LEU C 259 -36.26 1.11 -36.40
N PHE C 260 -35.06 1.67 -36.47
CA PHE C 260 -34.84 2.80 -37.37
C PHE C 260 -34.95 2.40 -38.83
N SER C 261 -34.31 1.29 -39.21
CA SER C 261 -34.33 0.88 -40.62
C SER C 261 -35.73 0.54 -41.07
N ASP C 262 -36.49 -0.16 -40.24
CA ASP C 262 -37.84 -0.51 -40.62
C ASP C 262 -38.66 0.76 -40.77
N ILE C 263 -38.47 1.72 -39.86
CA ILE C 263 -39.24 2.94 -39.96
C ILE C 263 -38.84 3.67 -41.22
N GLN C 264 -37.53 3.65 -41.53
CA GLN C 264 -37.08 4.33 -42.73
C GLN C 264 -37.65 3.66 -43.96
N SER C 265 -37.82 2.33 -43.90
CA SER C 265 -38.38 1.62 -45.03
C SER C 265 -39.79 2.09 -45.29
N LEU C 266 -40.56 2.32 -44.22
CA LEU C 266 -41.91 2.82 -44.44
C LEU C 266 -41.85 4.24 -45.00
N LYS C 267 -40.99 5.09 -44.42
CA LYS C 267 -41.07 6.51 -44.72
C LYS C 267 -40.73 6.78 -46.17
N ALA C 268 -39.71 6.10 -46.68
CA ALA C 268 -39.31 6.30 -48.06
C ALA C 268 -40.44 5.88 -48.99
N THR C 269 -41.12 4.79 -48.67
CA THR C 269 -42.21 4.34 -49.54
C THR C 269 -43.29 5.40 -49.56
N LEU C 270 -43.61 5.98 -48.39
CA LEU C 270 -44.64 7.00 -48.38
C LEU C 270 -44.16 8.18 -49.19
N THR C 271 -42.90 8.54 -49.03
CA THR C 271 -42.35 9.66 -49.79
C THR C 271 -42.29 9.29 -51.27
N GLN C 272 -41.89 8.05 -51.58
CA GLN C 272 -41.76 7.65 -52.98
C GLN C 272 -43.10 7.64 -53.70
N LEU C 273 -44.15 7.10 -53.07
CA LEU C 273 -45.48 7.02 -53.69
C LEU C 273 -45.37 6.31 -55.05
N SER C 274 -44.63 5.22 -55.08
CA SER C 274 -44.42 4.47 -56.32
C SER C 274 -45.73 3.84 -56.80
N ALA C 275 -45.93 3.87 -58.12
CA ALA C 275 -47.12 3.33 -58.76
C ALA C 275 -48.40 3.92 -58.19
N ASP C 280 -52.51 -6.39 -53.63
CA ASP C 280 -51.95 -6.93 -52.40
C ASP C 280 -51.41 -5.81 -51.51
N SER C 281 -51.44 -4.58 -52.04
CA SER C 281 -50.95 -3.39 -51.33
C SER C 281 -49.50 -3.55 -50.91
N THR C 282 -48.70 -4.23 -51.74
CA THR C 282 -47.27 -4.46 -51.50
C THR C 282 -47.12 -5.16 -50.14
N VAL C 283 -46.18 -4.74 -49.30
CA VAL C 283 -45.97 -5.34 -47.99
C VAL C 283 -45.97 -4.25 -46.93
N ILE C 284 -46.64 -3.14 -47.22
CA ILE C 284 -46.66 -2.01 -46.29
C ILE C 284 -47.30 -2.41 -44.97
N LYS C 285 -48.40 -3.15 -45.02
CA LYS C 285 -49.06 -3.59 -43.79
C LYS C 285 -48.15 -4.51 -42.99
N GLY C 286 -47.46 -5.43 -43.66
CA GLY C 286 -46.56 -6.33 -42.94
C GLY C 286 -45.41 -5.57 -42.32
N LEU C 287 -44.86 -4.59 -43.04
CA LEU C 287 -43.77 -3.80 -42.49
C LEU C 287 -44.22 -3.02 -41.27
N GLU C 288 -45.43 -2.44 -41.33
CA GLU C 288 -45.95 -1.73 -40.17
C GLU C 288 -46.17 -2.67 -39.00
N LEU C 289 -46.64 -3.89 -39.26
CA LEU C 289 -46.82 -4.86 -38.20
C LEU C 289 -45.49 -5.23 -37.55
N SER C 290 -44.45 -5.41 -38.37
CA SER C 290 -43.13 -5.70 -37.84
C SER C 290 -42.60 -4.54 -37.01
N LEU C 291 -42.83 -3.31 -37.47
CA LEU C 291 -42.40 -2.14 -36.70
C LEU C 291 -43.13 -2.07 -35.37
N LYS C 292 -44.43 -2.38 -35.37
CA LYS C 292 -45.19 -2.37 -34.11
C LYS C 292 -44.67 -3.44 -33.16
N GLU C 293 -44.35 -4.62 -33.68
CA GLU C 293 -43.83 -5.69 -32.83
C GLU C 293 -42.47 -5.30 -32.25
N LYS C 294 -41.61 -4.69 -33.06
CA LYS C 294 -40.30 -4.27 -32.58
C LYS C 294 -40.44 -3.18 -31.52
N LEU C 295 -41.36 -2.23 -31.73
CA LEU C 295 -41.56 -1.17 -30.75
C LEU C 295 -42.09 -1.74 -29.44
N ASN C 296 -43.03 -2.69 -29.52
CA ASN C 296 -43.56 -3.29 -28.31
C ASN C 296 -42.48 -4.06 -27.55
N TYR C 297 -41.64 -4.80 -28.27
CA TYR C 297 -40.55 -5.52 -27.62
C TYR C 297 -39.56 -4.56 -26.98
N MET C 298 -39.25 -3.45 -27.67
CA MET C 298 -38.31 -2.47 -27.12
C MET C 298 -38.87 -1.84 -25.85
N LYS C 299 -40.17 -1.49 -25.87
CA LYS C 299 -40.78 -0.89 -24.69
C LYS C 299 -40.81 -1.88 -23.52
N SER C 300 -41.11 -3.15 -23.81
CA SER C 300 -41.13 -4.15 -22.75
C SER C 300 -39.73 -4.42 -22.20
N LEU C 301 -38.70 -4.32 -23.05
CA LEU C 301 -37.33 -4.59 -22.63
C LEU C 301 -36.79 -3.56 -21.65
N GLN C 302 -37.42 -2.38 -21.57
CA GLN C 302 -36.97 -1.35 -20.65
C GLN C 302 -37.12 -1.81 -19.20
N SER C 303 -36.10 -1.54 -18.40
CA SER C 303 -36.10 -1.94 -16.99
C SER C 303 -35.52 -0.81 -16.15
N GLY C 304 -35.88 -0.82 -14.87
CA GLY C 304 -35.44 0.22 -13.95
C GLY C 304 -36.10 1.55 -14.22
N GLU C 305 -35.29 2.57 -14.49
CA GLU C 305 -35.84 3.90 -14.80
C GLU C 305 -36.50 3.96 -16.16
N HIS C 306 -36.36 2.91 -16.98
CA HIS C 306 -36.98 2.77 -18.30
C HIS C 306 -36.39 3.74 -19.33
N LYS C 307 -35.34 4.48 -18.98
CA LYS C 307 -34.63 5.35 -19.91
C LYS C 307 -33.15 4.94 -19.85
N PHE C 308 -32.79 3.92 -20.63
CA PHE C 308 -31.44 3.36 -20.63
C PHE C 308 -31.00 3.03 -19.20
N ASN C 309 -31.86 2.31 -18.49
CA ASN C 309 -31.64 1.95 -17.08
C ASN C 309 -31.42 3.26 -16.31
N ASN C 310 -30.44 3.35 -15.43
CA ASN C 310 -30.24 4.57 -14.66
C ASN C 310 -28.81 5.11 -14.83
N ALA C 311 -28.17 4.83 -15.96
CA ALA C 311 -26.80 5.30 -16.16
C ALA C 311 -26.72 6.56 -17.03
N VAL C 312 -27.32 6.53 -18.22
CA VAL C 312 -27.31 7.70 -19.09
C VAL C 312 -28.07 8.85 -18.45
N SER C 313 -29.23 8.56 -17.86
CA SER C 313 -30.01 9.60 -17.20
C SER C 313 -29.24 10.22 -16.04
N LEU C 314 -28.51 9.42 -15.27
CA LEU C 314 -27.71 9.98 -14.19
C LEU C 314 -26.63 10.92 -14.70
N TYR C 315 -25.94 10.52 -15.77
CA TYR C 315 -24.87 11.35 -16.31
C TYR C 315 -25.43 12.66 -16.87
N ASP C 316 -26.55 12.58 -17.58
CA ASP C 316 -27.11 13.79 -18.15
C ASP C 316 -27.67 14.68 -17.05
N SER C 317 -28.22 14.08 -15.99
CA SER C 317 -28.76 14.87 -14.90
C SER C 317 -27.66 15.66 -14.24
N VAL C 318 -26.50 15.03 -14.03
CA VAL C 318 -25.39 15.74 -13.40
C VAL C 318 -24.90 16.87 -14.30
N ILE C 319 -24.79 16.60 -15.59
CA ILE C 319 -24.27 17.63 -16.49
C ILE C 319 -25.23 18.81 -16.57
N ASN C 320 -26.53 18.53 -16.70
CA ASN C 320 -27.49 19.62 -16.79
C ASN C 320 -27.57 20.38 -15.48
N THR C 321 -27.40 19.71 -14.35
CA THR C 321 -27.41 20.41 -13.08
C THR C 321 -26.27 21.40 -13.02
N ILE C 322 -25.08 20.97 -13.46
CA ILE C 322 -23.95 21.91 -13.44
C ILE C 322 -24.21 23.06 -14.41
N LEU C 323 -24.72 22.76 -15.60
CA LEU C 323 -24.99 23.80 -16.59
C LEU C 323 -26.08 24.76 -16.17
N LYS C 324 -26.89 24.40 -15.19
CA LYS C 324 -27.95 25.30 -14.72
C LYS C 324 -27.40 26.55 -14.06
N PHE C 325 -26.24 26.48 -13.42
CA PHE C 325 -25.66 27.61 -12.74
C PHE C 325 -24.74 28.46 -13.62
N LEU C 326 -24.42 28.01 -14.84
CA LEU C 326 -23.54 28.74 -15.75
C LEU C 326 -24.23 28.85 -17.09
N PRO C 327 -25.15 29.81 -17.25
CA PRO C 327 -25.89 29.93 -18.51
C PRO C 327 -25.04 30.30 -19.71
N GLU C 328 -23.84 30.86 -19.52
CA GLU C 328 -23.05 31.29 -20.67
C GLU C 328 -22.42 30.12 -21.42
N PHE C 329 -22.43 28.92 -20.85
CA PHE C 329 -21.78 27.77 -21.46
C PHE C 329 -22.81 26.92 -22.18
N GLN C 330 -22.35 26.22 -23.22
CA GLN C 330 -23.23 25.45 -24.10
C GLN C 330 -23.25 23.96 -23.74
N TRP C 331 -22.09 23.32 -23.70
CA TRP C 331 -22.04 21.90 -23.39
C TRP C 331 -20.70 21.55 -22.77
N ILE C 332 -20.67 20.42 -22.07
CA ILE C 332 -19.48 19.88 -21.43
C ILE C 332 -19.24 18.49 -21.96
N LYS C 333 -18.00 18.19 -22.34
CA LYS C 333 -17.68 16.90 -22.94
C LYS C 333 -16.41 16.36 -22.30
N LEU C 334 -16.27 15.04 -22.31
CA LEU C 334 -15.13 14.39 -21.67
C LEU C 334 -14.25 13.76 -22.75
N VAL C 335 -13.46 14.60 -23.41
CA VAL C 335 -12.59 14.12 -24.48
C VAL C 335 -11.54 13.19 -23.89
N TYR C 336 -11.26 12.08 -24.57
CA TYR C 336 -10.24 11.16 -24.11
C TYR C 336 -8.96 11.49 -24.87
N GLY C 337 -8.07 12.22 -24.21
CA GLY C 337 -6.78 12.52 -24.80
C GLY C 337 -5.92 11.28 -24.84
N ASP C 338 -4.98 11.25 -25.79
CA ASP C 338 -4.16 10.05 -25.93
C ASP C 338 -3.38 9.78 -24.66
N ASP C 339 -2.75 10.81 -24.08
CA ASP C 339 -2.06 10.64 -22.81
C ASP C 339 -3.02 10.41 -21.65
N ASP C 340 -4.08 11.22 -21.57
CA ASP C 340 -5.03 11.15 -20.46
C ASP C 340 -6.31 11.87 -20.85
N TYR C 341 -7.34 11.67 -20.04
CA TYR C 341 -8.64 12.29 -20.28
C TYR C 341 -8.61 13.76 -19.91
N LYS C 342 -9.57 14.50 -20.46
CA LYS C 342 -9.72 15.93 -20.17
C LYS C 342 -11.15 16.35 -20.47
N ILE C 343 -11.59 17.40 -19.80
CA ILE C 343 -12.96 17.90 -19.94
C ILE C 343 -12.91 19.21 -20.71
N ILE C 344 -13.80 19.36 -21.67
CA ILE C 344 -13.84 20.52 -22.56
C ILE C 344 -15.20 21.20 -22.43
N LEU C 345 -15.16 22.50 -22.14
CA LEU C 345 -16.34 23.34 -22.08
C LEU C 345 -16.47 24.08 -23.41
N LYS C 346 -17.44 24.98 -23.51
CA LYS C 346 -17.57 25.82 -24.70
C LYS C 346 -18.30 27.08 -24.30
N LYS C 347 -17.58 28.21 -24.36
CA LYS C 347 -18.15 29.52 -24.07
C LYS C 347 -18.12 30.37 -25.33
N GLY C 348 -19.30 30.83 -25.76
CA GLY C 348 -19.34 31.56 -27.01
C GLY C 348 -18.97 30.63 -28.14
N GLU C 349 -18.00 31.06 -28.93
CA GLU C 349 -17.49 30.29 -30.05
C GLU C 349 -16.14 29.66 -29.72
N VAL C 350 -15.75 29.65 -28.45
CA VAL C 350 -14.44 29.16 -28.06
C VAL C 350 -14.59 27.92 -27.20
N GLU C 351 -13.60 27.04 -27.29
CA GLU C 351 -13.51 25.83 -26.48
C GLU C 351 -12.50 26.06 -25.36
N LEU C 352 -12.93 25.85 -24.12
CA LEU C 352 -12.13 26.17 -22.96
C LEU C 352 -11.82 24.91 -22.16
N ASP C 353 -10.66 24.92 -21.53
CA ASP C 353 -10.25 23.89 -20.60
C ASP C 353 -10.56 24.33 -19.17
N ILE C 354 -10.70 23.36 -18.28
CA ILE C 354 -11.11 23.67 -16.91
C ILE C 354 -10.03 24.46 -16.18
N GLN C 355 -8.75 24.18 -16.46
CA GLN C 355 -7.69 24.99 -15.88
C GLN C 355 -7.72 26.44 -16.32
N GLN C 356 -8.37 26.76 -17.45
CA GLN C 356 -8.41 28.12 -17.94
C GLN C 356 -9.63 28.90 -17.46
N LEU C 357 -10.45 28.33 -16.60
CA LEU C 357 -11.63 29.02 -16.12
C LEU C 357 -11.27 30.07 -15.07
N SER C 358 -12.18 31.03 -14.88
CA SER C 358 -11.98 32.07 -13.88
C SER C 358 -12.20 31.50 -12.49
N GLN C 359 -11.83 32.30 -11.47
CA GLN C 359 -11.98 31.85 -10.09
C GLN C 359 -13.44 31.67 -9.70
N GLY C 360 -14.30 32.58 -10.15
CA GLY C 360 -15.70 32.48 -9.79
C GLY C 360 -16.36 31.25 -10.35
N GLU C 361 -16.08 30.93 -11.62
CA GLU C 361 -16.71 29.75 -12.19
C GLU C 361 -16.18 28.49 -11.55
N LYS C 362 -14.92 28.52 -11.10
CA LYS C 362 -14.34 27.35 -10.44
C LYS C 362 -15.04 27.07 -9.12
N THR C 363 -15.36 28.13 -8.36
CA THR C 363 -16.00 27.91 -7.07
C THR C 363 -17.37 27.26 -7.25
N ILE C 364 -18.16 27.75 -8.22
CA ILE C 364 -19.48 27.18 -8.44
C ILE C 364 -19.37 25.75 -8.96
N PHE C 365 -18.36 25.49 -9.80
CA PHE C 365 -18.20 24.15 -10.34
C PHE C 365 -17.91 23.15 -9.24
N THR C 366 -17.05 23.53 -8.29
CA THR C 366 -16.68 22.58 -7.24
C THR C 366 -17.83 22.40 -6.27
N LEU C 367 -18.51 23.48 -5.92
CA LEU C 367 -19.57 23.39 -4.92
C LEU C 367 -20.73 22.53 -5.43
N VAL C 368 -21.21 22.82 -6.65
CA VAL C 368 -22.34 22.06 -7.16
C VAL C 368 -21.95 20.63 -7.46
N GLY C 369 -20.74 20.40 -8.01
CA GLY C 369 -20.37 19.03 -8.31
C GLY C 369 -20.25 18.19 -7.05
N ASP C 370 -19.71 18.77 -5.98
CA ASP C 370 -19.57 18.02 -4.75
C ASP C 370 -20.94 17.68 -4.17
N LEU C 371 -21.87 18.64 -4.19
CA LEU C 371 -23.19 18.36 -3.64
C LEU C 371 -23.88 17.25 -4.43
N ALA C 372 -23.78 17.31 -5.76
CA ALA C 372 -24.43 16.29 -6.57
C ALA C 372 -23.84 14.92 -6.32
N ARG C 373 -22.51 14.85 -6.17
CA ARG C 373 -21.88 13.56 -5.92
C ARG C 373 -22.33 12.98 -4.59
N ARG C 374 -22.39 13.82 -3.55
CA ARG C 374 -22.78 13.30 -2.24
C ARG C 374 -24.22 12.82 -2.27
N LEU C 375 -25.12 13.58 -2.90
CA LEU C 375 -26.52 13.19 -2.90
C LEU C 375 -26.70 11.88 -3.68
N ILE C 376 -26.02 11.75 -4.81
CA ILE C 376 -26.19 10.53 -5.60
C ILE C 376 -25.67 9.33 -4.83
N LEU C 377 -24.50 9.48 -4.18
CA LEU C 377 -23.92 8.35 -3.47
C LEU C 377 -24.80 7.90 -2.31
N LEU C 378 -25.42 8.84 -1.60
CA LEU C 378 -26.18 8.46 -0.40
C LEU C 378 -27.61 8.01 -0.68
N ASN C 379 -28.14 8.19 -1.89
CA ASN C 379 -29.53 7.86 -2.19
C ASN C 379 -29.61 7.00 -3.46
N PRO C 380 -29.29 5.72 -3.35
CA PRO C 380 -29.32 4.86 -4.54
C PRO C 380 -30.72 4.44 -4.98
N ASN C 381 -31.64 4.21 -4.04
CA ASN C 381 -32.95 3.70 -4.41
C ASN C 381 -33.85 4.76 -5.05
N LEU C 382 -33.68 6.02 -4.68
CA LEU C 382 -34.57 7.06 -5.17
C LEU C 382 -34.46 7.21 -6.68
N SER C 383 -35.62 7.40 -7.33
CA SER C 383 -35.63 7.63 -8.76
C SER C 383 -34.90 8.91 -9.12
N ASN C 384 -35.11 9.97 -8.35
CA ASN C 384 -34.38 11.22 -8.51
C ASN C 384 -33.61 11.47 -7.22
N PRO C 385 -32.30 11.21 -7.20
CA PRO C 385 -31.56 11.29 -5.93
C PRO C 385 -31.50 12.66 -5.32
N LEU C 386 -31.82 13.73 -6.06
CA LEU C 386 -31.66 15.07 -5.53
C LEU C 386 -32.63 15.39 -4.40
N LEU C 387 -33.64 14.57 -4.17
CA LEU C 387 -34.66 14.86 -3.15
C LEU C 387 -34.26 14.43 -1.76
N GLY C 388 -33.08 13.82 -1.59
CA GLY C 388 -32.69 13.31 -0.28
C GLY C 388 -32.62 14.40 0.78
N TYR C 389 -32.89 13.99 2.02
CA TYR C 389 -32.87 14.90 3.16
C TYR C 389 -31.44 15.10 3.65
N GLY C 390 -31.27 16.08 4.53
CA GLY C 390 -29.97 16.34 5.12
C GLY C 390 -29.86 17.79 5.55
N ILE C 391 -28.65 18.17 5.97
CA ILE C 391 -28.35 19.53 6.40
C ILE C 391 -27.02 19.95 5.79
N VAL C 392 -26.98 21.19 5.28
CA VAL C 392 -25.80 21.73 4.61
C VAL C 392 -25.47 23.08 5.22
N LEU C 393 -24.20 23.28 5.56
CA LEU C 393 -23.71 24.53 6.13
C LEU C 393 -22.77 25.21 5.15
N ILE C 394 -23.00 26.49 4.88
CA ILE C 394 -22.19 27.27 3.94
C ILE C 394 -21.80 28.58 4.61
N ASP C 395 -20.55 29.00 4.42
CA ASP C 395 -20.03 30.22 4.98
C ASP C 395 -19.66 31.20 3.86
N GLU C 396 -20.18 32.42 3.94
CA GLU C 396 -19.82 33.52 3.03
C GLU C 396 -20.11 33.15 1.58
N ILE C 397 -21.40 33.02 1.30
CA ILE C 397 -21.89 32.69 -0.03
C ILE C 397 -21.46 33.68 -1.11
N ASP C 398 -20.94 34.84 -0.73
CA ASP C 398 -20.63 35.91 -1.68
C ASP C 398 -19.15 36.02 -2.01
N LEU C 399 -18.45 34.89 -2.15
CA LEU C 399 -17.03 34.91 -2.46
C LEU C 399 -16.82 34.82 -3.97
N HIS C 400 -16.10 35.79 -4.53
CA HIS C 400 -15.71 35.80 -5.95
C HIS C 400 -16.92 35.83 -6.88
N LEU C 401 -18.02 36.45 -6.46
CA LEU C 401 -19.21 36.54 -7.30
C LEU C 401 -19.61 38.00 -7.45
N HIS C 402 -19.85 38.42 -8.69
CA HIS C 402 -20.30 39.78 -8.94
C HIS C 402 -21.77 39.93 -8.55
N PRO C 403 -22.22 41.17 -8.32
CA PRO C 403 -23.59 41.36 -7.81
C PRO C 403 -24.68 40.79 -8.70
N GLN C 404 -24.45 40.65 -10.00
CA GLN C 404 -25.48 40.08 -10.86
C GLN C 404 -25.80 38.64 -10.47
N TRP C 405 -24.78 37.84 -10.18
CA TRP C 405 -24.99 36.47 -9.73
C TRP C 405 -25.41 36.37 -8.28
N GLN C 406 -25.19 37.42 -7.49
CA GLN C 406 -25.52 37.35 -6.07
C GLN C 406 -27.02 37.32 -5.83
N GLN C 407 -27.79 37.88 -6.75
CA GLN C 407 -29.24 38.01 -6.55
C GLN C 407 -30.02 36.74 -6.91
N THR C 408 -29.42 35.78 -7.60
CA THR C 408 -30.14 34.58 -8.02
C THR C 408 -29.58 33.28 -7.49
N ILE C 409 -28.48 33.31 -6.72
CA ILE C 409 -27.87 32.08 -6.26
C ILE C 409 -28.77 31.37 -5.24
N ILE C 410 -29.45 32.15 -4.39
CA ILE C 410 -30.21 31.56 -3.29
C ILE C 410 -31.41 30.79 -3.83
N GLU C 411 -32.16 31.40 -4.76
CA GLU C 411 -33.36 30.73 -5.23
C GLU C 411 -33.01 29.49 -6.05
N ARG C 412 -31.90 29.54 -6.79
CA ARG C 412 -31.52 28.37 -7.56
C ARG C 412 -31.09 27.25 -6.63
N LEU C 413 -30.38 27.60 -5.56
CA LEU C 413 -29.95 26.57 -4.61
C LEU C 413 -31.16 25.91 -3.96
N THR C 414 -32.14 26.72 -3.58
CA THR C 414 -33.31 26.16 -2.91
C THR C 414 -34.14 25.31 -3.87
N SER C 415 -34.32 25.78 -5.10
CA SER C 415 -35.15 25.06 -6.06
C SER C 415 -34.52 23.74 -6.48
N THR C 416 -33.20 23.70 -6.67
CA THR C 416 -32.56 22.47 -7.11
C THR C 416 -32.65 21.37 -6.05
N PHE C 417 -32.36 21.71 -4.80
CA PHE C 417 -32.44 20.78 -3.67
C PHE C 417 -33.51 21.27 -2.72
N PRO C 418 -34.75 20.79 -2.85
CA PRO C 418 -35.84 21.35 -2.04
C PRO C 418 -35.96 20.76 -0.64
N ASN C 419 -35.42 19.57 -0.37
CA ASN C 419 -35.63 18.90 0.90
C ASN C 419 -34.42 18.99 1.83
N VAL C 420 -33.48 19.90 1.55
CA VAL C 420 -32.26 20.03 2.33
C VAL C 420 -32.32 21.32 3.13
N GLN C 421 -32.04 21.22 4.43
CA GLN C 421 -32.01 22.39 5.29
C GLN C 421 -30.70 23.13 5.08
N PHE C 422 -30.79 24.46 4.93
CA PHE C 422 -29.65 25.30 4.63
C PHE C 422 -29.40 26.29 5.76
N VAL C 423 -28.13 26.43 6.14
CA VAL C 423 -27.68 27.46 7.08
C VAL C 423 -26.59 28.26 6.38
N ILE C 424 -26.82 29.56 6.21
CA ILE C 424 -25.96 30.41 5.40
C ILE C 424 -25.65 31.69 6.16
N THR C 425 -24.39 32.12 6.09
CA THR C 425 -23.98 33.41 6.63
C THR C 425 -23.51 34.29 5.48
N THR C 426 -23.94 35.56 5.51
CA THR C 426 -23.69 36.50 4.42
C THR C 426 -22.98 37.74 4.93
N HIS C 427 -22.53 38.56 3.99
CA HIS C 427 -21.79 39.77 4.28
C HIS C 427 -22.25 41.00 3.51
N SER C 428 -23.12 40.85 2.51
CA SER C 428 -23.45 41.94 1.62
C SER C 428 -24.95 42.15 1.54
N PRO C 429 -25.39 43.39 1.29
CA PRO C 429 -26.83 43.66 1.20
C PRO C 429 -27.48 43.17 -0.07
N GLN C 430 -26.72 42.75 -1.09
CA GLN C 430 -27.33 42.28 -2.32
C GLN C 430 -28.14 41.01 -2.08
N VAL C 431 -27.61 40.08 -1.28
CA VAL C 431 -28.35 38.87 -0.96
C VAL C 431 -29.57 39.18 -0.12
N LEU C 432 -29.47 40.17 0.77
CA LEU C 432 -30.57 40.46 1.68
C LEU C 432 -31.78 40.99 0.96
N SER C 433 -31.65 41.34 -0.32
CA SER C 433 -32.78 41.88 -1.05
C SER C 433 -33.73 40.77 -1.48
N THR C 434 -33.31 39.51 -1.42
CA THR C 434 -34.13 38.42 -1.93
C THR C 434 -34.38 37.34 -0.87
N VAL C 435 -34.49 37.73 0.39
CA VAL C 435 -34.74 36.78 1.48
C VAL C 435 -35.96 37.23 2.27
N SER C 436 -36.83 36.28 2.57
CA SER C 436 -38.05 36.58 3.31
C SER C 436 -37.70 36.97 4.74
N SER C 437 -38.56 37.80 5.34
CA SER C 437 -38.33 38.25 6.71
C SER C 437 -38.31 37.08 7.69
N ARG C 438 -39.09 36.03 7.41
CA ARG C 438 -39.19 34.89 8.32
C ARG C 438 -37.83 34.25 8.57
N SER C 439 -36.99 34.17 7.53
CA SER C 439 -35.70 33.49 7.62
C SER C 439 -34.53 34.46 7.71
N VAL C 440 -34.64 35.53 8.49
CA VAL C 440 -33.55 36.48 8.68
C VAL C 440 -33.28 36.63 10.16
N ARG C 441 -32.03 36.47 10.56
CA ARG C 441 -31.59 36.73 11.92
C ARG C 441 -30.43 37.71 11.86
N ILE C 442 -30.50 38.77 12.67
CA ILE C 442 -29.51 39.83 12.65
C ILE C 442 -28.81 39.83 13.99
N LEU C 443 -27.48 39.70 13.96
CA LEU C 443 -26.65 39.75 15.14
C LEU C 443 -26.34 41.19 15.53
N GLN C 444 -26.39 41.47 16.83
CA GLN C 444 -26.14 42.80 17.34
C GLN C 444 -25.33 42.71 18.62
N GLU C 445 -24.66 43.80 18.96
CA GLU C 445 -23.87 43.92 20.17
C GLU C 445 -24.54 44.93 21.09
N VAL C 446 -24.88 44.48 22.31
CA VAL C 446 -25.54 45.33 23.29
C VAL C 446 -24.89 45.11 24.65
N GLU C 447 -24.53 46.20 25.32
CA GLU C 447 -23.95 46.13 26.65
C GLU C 447 -25.10 46.17 27.66
N VAL C 448 -25.27 45.08 28.40
CA VAL C 448 -26.35 44.95 29.36
C VAL C 448 -25.75 44.63 30.72
N ASP C 449 -26.20 45.35 31.75
CA ASP C 449 -25.72 45.13 33.12
C ASP C 449 -24.22 45.33 33.22
N GLY C 450 -23.67 46.20 32.37
CA GLY C 450 -22.26 46.48 32.39
C GLY C 450 -21.41 45.47 31.66
N VAL C 451 -22.01 44.44 31.07
CA VAL C 451 -21.28 43.40 30.36
C VAL C 451 -21.76 43.36 28.92
N ASN C 452 -20.82 43.42 27.98
CA ASN C 452 -21.15 43.35 26.56
C ASN C 452 -21.63 41.95 26.21
N ASP C 453 -22.66 41.89 25.36
CA ASP C 453 -23.23 40.60 24.99
C ASP C 453 -23.80 40.71 23.58
N LEU C 454 -23.99 39.54 22.96
CA LEU C 454 -24.52 39.45 21.61
C LEU C 454 -25.98 39.04 21.65
N ILE C 455 -26.79 39.66 20.80
CA ILE C 455 -28.21 39.38 20.70
C ILE C 455 -28.57 39.09 19.25
N VAL C 456 -29.70 38.42 19.06
CA VAL C 456 -30.22 38.10 17.74
C VAL C 456 -31.63 38.68 17.66
N SER C 457 -31.88 39.47 16.61
CA SER C 457 -33.17 40.14 16.48
C SER C 457 -33.80 39.83 15.13
N HIS C 458 -35.07 39.43 15.15
CA HIS C 458 -35.81 39.21 13.92
C HIS C 458 -36.14 40.55 13.27
N PRO C 459 -36.22 40.59 11.93
CA PRO C 459 -36.57 41.83 11.25
C PRO C 459 -38.05 42.18 11.43
N ASN D 14 20.72 65.67 -17.98
CA ASN D 14 19.96 64.45 -18.25
C ASN D 14 20.60 63.24 -17.59
N LEU D 15 19.84 62.16 -17.47
CA LEU D 15 20.37 60.94 -16.86
C LEU D 15 21.52 60.35 -17.69
N GLU D 16 21.37 60.37 -19.02
CA GLU D 16 22.43 59.85 -19.88
C GLU D 16 23.69 60.70 -19.76
N THR D 17 23.54 62.03 -19.67
CA THR D 17 24.71 62.88 -19.53
C THR D 17 25.43 62.60 -18.22
N CYS D 18 24.67 62.42 -17.14
CA CYS D 18 25.28 62.13 -15.85
C CYS D 18 25.99 60.79 -15.88
N TYR D 19 25.38 59.78 -16.54
CA TYR D 19 26.00 58.48 -16.61
C TYR D 19 27.30 58.54 -17.40
N VAL D 20 27.31 59.30 -18.50
CA VAL D 20 28.53 59.41 -19.30
C VAL D 20 29.61 60.13 -18.50
N ASP D 21 29.23 61.19 -17.78
CA ASP D 21 30.22 61.92 -17.01
C ASP D 21 30.80 61.05 -15.92
N PHE D 22 29.95 60.26 -15.25
CA PHE D 22 30.45 59.39 -14.19
C PHE D 22 31.37 58.33 -14.76
N LEU D 23 31.03 57.79 -15.92
CA LEU D 23 31.87 56.76 -16.52
C LEU D 23 33.23 57.31 -16.87
N GLU D 24 33.26 58.53 -17.45
CA GLU D 24 34.53 59.13 -17.81
C GLU D 24 35.36 59.43 -16.57
N LEU D 25 34.71 59.93 -15.50
CA LEU D 25 35.47 60.25 -14.30
C LEU D 25 36.03 58.99 -13.69
N GLU D 26 35.25 57.90 -13.72
CA GLU D 26 35.73 56.65 -13.14
C GLU D 26 36.93 56.13 -13.91
N SER D 27 36.85 56.25 -15.25
CA SER D 27 37.96 55.77 -16.09
C SER D 27 39.22 56.56 -15.82
N HIS D 28 39.09 57.89 -15.69
CA HIS D 28 40.27 58.74 -15.48
C HIS D 28 40.81 58.60 -14.06
N VAL D 29 39.93 58.54 -13.07
CA VAL D 29 40.33 58.50 -11.66
C VAL D 29 40.48 57.04 -11.25
N ILE D 30 41.72 56.55 -11.24
CA ILE D 30 41.97 55.18 -10.82
C ILE D 30 41.73 55.03 -9.32
N ASN D 31 42.09 56.05 -8.54
CA ASN D 31 41.91 55.98 -7.10
C ASN D 31 40.43 55.97 -6.74
N GLU D 32 40.06 55.11 -5.79
CA GLU D 32 38.68 55.02 -5.36
C GLU D 32 38.22 56.31 -4.68
N ASP D 33 39.09 56.93 -3.88
CA ASP D 33 38.71 58.15 -3.17
C ASP D 33 38.42 59.27 -4.15
N TYR D 34 39.21 59.37 -5.22
CA TYR D 34 38.97 60.42 -6.22
C TYR D 34 37.62 60.22 -6.89
N LEU D 35 37.27 58.97 -7.21
CA LEU D 35 35.97 58.71 -7.80
C LEU D 35 34.84 59.03 -6.84
N LYS D 36 35.03 58.71 -5.55
CA LYS D 36 34.00 58.98 -4.56
C LYS D 36 33.79 60.49 -4.39
N GLU D 37 34.88 61.26 -4.40
CA GLU D 37 34.79 62.71 -4.27
C GLU D 37 34.35 63.41 -5.54
N SER D 38 34.22 62.69 -6.65
CA SER D 38 33.82 63.30 -7.91
C SER D 38 32.43 63.90 -7.83
N VAL D 39 32.27 65.10 -8.39
CA VAL D 39 30.99 65.78 -8.39
C VAL D 39 29.98 65.07 -9.29
N GLU D 40 30.46 64.37 -10.32
CA GLU D 40 29.55 63.68 -11.23
C GLU D 40 28.75 62.59 -10.52
N LEU D 41 29.40 61.82 -9.65
CA LEU D 41 28.68 60.77 -8.92
C LEU D 41 27.62 61.37 -8.00
N GLN D 42 27.95 62.46 -7.31
CA GLN D 42 26.96 63.08 -6.42
C GLN D 42 25.80 63.64 -7.24
N LYS D 43 26.10 64.24 -8.39
CA LYS D 43 25.03 64.80 -9.21
C LYS D 43 24.12 63.68 -9.72
N LEU D 44 24.72 62.55 -10.10
CA LEU D 44 23.92 61.43 -10.59
C LEU D 44 23.02 60.92 -9.47
N ILE D 45 23.55 60.85 -8.25
CA ILE D 45 22.75 60.39 -7.12
C ILE D 45 21.60 61.34 -6.87
N SER D 46 21.85 62.64 -7.03
CA SER D 46 20.79 63.63 -6.85
C SER D 46 19.71 63.46 -7.90
N THR D 47 20.12 63.22 -9.15
CA THR D 47 19.13 63.01 -10.21
C THR D 47 18.32 61.75 -9.96
N LEU D 48 18.97 60.67 -9.51
CA LEU D 48 18.26 59.43 -9.23
C LEU D 48 17.26 59.62 -8.10
N ASN D 49 17.65 60.34 -7.05
CA ASN D 49 16.75 60.60 -5.95
C ASN D 49 15.57 61.46 -6.38
N GLU D 50 15.83 62.46 -7.22
CA GLU D 50 14.75 63.32 -7.70
C GLU D 50 13.76 62.56 -8.57
N SER D 51 14.25 61.65 -9.40
CA SER D 51 13.38 60.90 -10.29
C SER D 51 12.44 59.98 -9.50
N LYS D 52 11.19 59.89 -9.96
CA LYS D 52 10.18 59.05 -9.33
C LYS D 52 9.78 57.96 -10.31
N PHE D 53 9.74 56.73 -9.81
CA PHE D 53 9.38 55.58 -10.64
C PHE D 53 7.95 55.72 -11.15
N HIS D 54 7.76 55.38 -12.43
CA HIS D 54 6.46 55.53 -13.08
C HIS D 54 6.40 54.60 -14.27
N LEU D 55 5.20 54.08 -14.55
CA LEU D 55 4.94 53.23 -15.71
C LEU D 55 3.86 53.89 -16.56
N ASN D 56 4.26 54.46 -17.70
CA ASN D 56 3.30 55.24 -18.47
C ASN D 56 2.31 54.38 -19.24
N LYS D 57 2.76 53.29 -19.88
CA LYS D 57 1.84 52.54 -20.71
C LYS D 57 2.34 51.11 -20.97
N ILE D 58 1.41 50.28 -21.45
CA ILE D 58 1.68 48.89 -21.79
C ILE D 58 0.75 48.46 -22.92
N GLY D 59 1.31 47.74 -23.89
CA GLY D 59 0.55 47.17 -24.99
C GLY D 59 0.55 45.66 -24.92
N ILE D 60 -0.64 45.07 -25.10
CA ILE D 60 -0.83 43.63 -25.02
C ILE D 60 -1.35 43.15 -26.36
N HIS D 61 -0.71 42.12 -26.93
CA HIS D 61 -1.10 41.56 -28.22
C HIS D 61 -1.25 40.05 -28.09
N ASP D 62 -2.46 39.57 -28.35
CA ASP D 62 -2.75 38.14 -28.44
C ASP D 62 -2.37 37.39 -27.17
N PHE D 63 -2.71 37.97 -26.02
CA PHE D 63 -2.46 37.36 -24.72
C PHE D 63 -3.78 36.99 -24.07
N LYS D 64 -3.99 35.69 -23.83
CA LYS D 64 -5.20 35.17 -23.20
C LYS D 64 -6.40 35.67 -24.00
N ARG D 65 -7.43 36.21 -23.35
CA ARG D 65 -8.60 36.69 -24.08
C ARG D 65 -8.27 37.93 -24.90
N ILE D 66 -7.38 38.79 -24.38
CA ILE D 66 -7.09 40.06 -25.04
C ILE D 66 -6.39 39.78 -26.37
N ARG D 67 -6.87 40.43 -27.43
CA ARG D 67 -6.29 40.30 -28.76
C ARG D 67 -5.40 41.48 -29.12
N GLU D 68 -5.86 42.70 -28.86
CA GLU D 68 -5.07 43.91 -29.12
C GLU D 68 -5.52 44.99 -28.16
N LEU D 69 -4.60 45.51 -27.36
CA LEU D 69 -4.97 46.53 -26.38
C LEU D 69 -3.78 47.41 -26.06
N GLN D 70 -4.05 48.71 -25.87
CA GLN D 70 -3.04 49.67 -25.43
C GLN D 70 -3.60 50.39 -24.22
N ILE D 71 -2.88 50.37 -23.11
CA ILE D 71 -3.37 50.93 -21.85
C ILE D 71 -2.38 51.95 -21.33
N SER D 72 -2.90 53.05 -20.79
CA SER D 72 -2.12 54.09 -20.15
C SER D 72 -2.56 54.20 -18.70
N LEU D 73 -1.58 54.28 -17.80
CA LEU D 73 -1.83 54.28 -16.36
C LEU D 73 -1.40 55.61 -15.77
N GLU D 74 -2.18 56.10 -14.80
CA GLU D 74 -1.87 57.34 -14.11
C GLU D 74 -0.72 57.14 -13.13
N ASP D 75 -0.18 58.25 -12.64
CA ASP D 75 0.96 58.20 -11.73
C ASP D 75 0.57 57.79 -10.32
N ASP D 76 -0.64 58.13 -9.86
CA ASP D 76 -1.00 57.88 -8.47
C ASP D 76 -1.73 56.56 -8.28
N LEU D 77 -2.87 56.39 -8.93
CA LEU D 77 -3.70 55.22 -8.68
C LEU D 77 -4.64 54.99 -9.85
N THR D 78 -4.74 53.74 -10.29
CA THR D 78 -5.71 53.33 -11.31
C THR D 78 -6.44 52.09 -10.82
N VAL D 79 -7.75 52.06 -11.01
CA VAL D 79 -8.59 50.96 -10.56
C VAL D 79 -9.42 50.47 -11.73
N PHE D 80 -9.43 49.16 -11.95
CA PHE D 80 -10.21 48.53 -13.00
C PHE D 80 -11.42 47.86 -12.39
N VAL D 81 -12.60 48.15 -12.92
CA VAL D 81 -13.86 47.56 -12.46
C VAL D 81 -14.47 46.77 -13.60
N GLY D 82 -14.92 45.56 -13.29
CA GLY D 82 -15.52 44.71 -14.30
C GLY D 82 -16.12 43.48 -13.66
N ASP D 83 -16.95 42.79 -14.45
CA ASP D 83 -17.63 41.60 -13.98
C ASP D 83 -16.71 40.39 -14.12
N ASN D 84 -17.26 39.20 -13.93
CA ASN D 84 -16.47 37.97 -14.03
C ASN D 84 -16.15 37.67 -15.48
N GLY D 85 -14.90 37.30 -15.75
CA GLY D 85 -14.48 36.94 -17.09
C GLY D 85 -14.11 38.08 -18.01
N PHE D 86 -13.78 39.25 -17.47
CA PHE D 86 -13.47 40.41 -18.29
C PHE D 86 -11.96 40.69 -18.40
N GLY D 87 -11.12 39.75 -17.96
CA GLY D 87 -9.69 39.91 -18.14
C GLY D 87 -8.98 40.80 -17.14
N LYS D 88 -9.56 41.03 -15.97
CA LYS D 88 -8.91 41.86 -14.96
C LYS D 88 -7.62 41.23 -14.48
N SER D 89 -7.63 39.92 -14.23
CA SER D 89 -6.44 39.23 -13.75
C SER D 89 -5.34 39.15 -14.80
N THR D 90 -5.71 39.09 -16.08
CA THR D 90 -4.70 39.01 -17.14
C THR D 90 -3.83 40.26 -17.19
N ILE D 91 -4.42 41.43 -16.98
CA ILE D 91 -3.63 42.66 -16.99
C ILE D 91 -2.58 42.64 -15.89
N LEU D 92 -2.99 42.21 -14.70
CA LEU D 92 -2.04 42.11 -13.59
C LEU D 92 -0.95 41.10 -13.89
N ASP D 93 -1.31 39.97 -14.49
CA ASP D 93 -0.30 38.96 -14.79
C ASP D 93 0.70 39.49 -15.81
N ALA D 94 0.21 40.23 -16.82
CA ALA D 94 1.10 40.77 -17.83
C ALA D 94 2.08 41.77 -17.23
N ILE D 95 1.58 42.63 -16.32
CA ILE D 95 2.49 43.59 -15.71
C ILE D 95 3.52 42.87 -14.83
N ALA D 96 3.10 41.82 -14.11
CA ALA D 96 4.08 41.10 -13.31
C ALA D 96 5.10 40.40 -14.21
N ILE D 97 4.67 40.01 -15.42
CA ILE D 97 5.57 39.40 -16.37
C ILE D 97 6.65 40.39 -16.77
N VAL D 98 6.24 41.62 -17.03
CA VAL D 98 7.22 42.62 -17.46
C VAL D 98 8.18 42.94 -16.33
N LEU D 99 7.64 43.15 -15.12
CA LEU D 99 8.50 43.52 -13.98
C LEU D 99 9.47 42.42 -13.58
N SER D 100 9.16 41.16 -13.94
CA SER D 100 10.06 40.06 -13.58
C SER D 100 11.43 40.20 -14.24
N TRP D 101 11.46 40.59 -15.52
CA TRP D 101 12.74 40.72 -16.20
C TRP D 101 13.55 41.86 -15.61
N LEU D 102 12.90 42.98 -15.27
CA LEU D 102 13.62 44.09 -14.68
C LEU D 102 14.24 43.69 -13.35
N ARG D 103 13.48 42.95 -12.53
CA ARG D 103 14.04 42.54 -11.25
C ARG D 103 15.21 41.59 -11.47
N SER D 104 15.06 40.65 -12.40
CA SER D 104 16.10 39.64 -12.58
C SER D 104 17.39 40.31 -13.05
N ASN D 105 17.27 41.25 -13.99
CA ASN D 105 18.46 41.92 -14.49
C ASN D 105 19.12 42.76 -13.41
N ILE D 106 18.31 43.40 -12.54
CA ILE D 106 18.87 44.20 -11.47
C ILE D 106 19.64 43.32 -10.48
N GLU D 107 19.08 42.15 -10.15
CA GLU D 107 19.67 41.32 -9.11
C GLU D 107 21.05 40.81 -9.49
N LYS D 108 21.22 40.33 -10.72
CA LYS D 108 22.48 39.74 -11.14
C LYS D 108 22.58 39.82 -12.64
N GLU D 109 23.76 39.51 -13.17
CA GLU D 109 24.03 39.64 -14.60
C GLU D 109 23.25 38.59 -15.38
N SER D 110 22.46 39.06 -16.35
CA SER D 110 21.78 38.20 -17.33
C SER D 110 20.97 37.09 -16.67
N LYS D 111 20.24 37.44 -15.62
CA LYS D 111 19.40 36.46 -14.94
C LYS D 111 18.19 36.15 -15.80
N PRO D 112 17.92 34.89 -16.11
CA PRO D 112 16.71 34.57 -16.85
C PRO D 112 15.48 34.86 -16.00
N GLY D 113 14.39 35.20 -16.69
CA GLY D 113 13.14 35.52 -16.04
C GLY D 113 12.02 34.58 -16.47
N THR D 114 10.86 34.79 -15.88
CA THR D 114 9.70 33.98 -16.20
C THR D 114 9.25 34.27 -17.63
N TYR D 115 8.87 33.21 -18.33
CA TYR D 115 8.47 33.28 -19.73
C TYR D 115 6.97 33.08 -19.86
N ILE D 116 6.47 33.32 -21.07
CA ILE D 116 5.05 33.11 -21.35
C ILE D 116 4.82 31.62 -21.59
N LYS D 117 3.86 31.05 -20.85
CA LYS D 117 3.59 29.63 -20.97
C LYS D 117 2.87 29.33 -22.28
N SER D 118 2.83 28.05 -22.63
CA SER D 118 2.20 27.63 -23.88
C SER D 118 0.72 27.95 -23.91
N HIS D 119 0.02 27.72 -22.79
CA HIS D 119 -1.42 27.92 -22.77
C HIS D 119 -1.84 29.37 -22.66
N GLU D 120 -0.90 30.30 -22.51
CA GLU D 120 -1.26 31.71 -22.37
C GLU D 120 -1.73 32.30 -23.68
N VAL D 121 -1.24 31.80 -24.82
CA VAL D 121 -1.63 32.36 -26.10
C VAL D 121 -3.11 32.10 -26.36
N ASN D 122 -3.68 32.89 -27.27
CA ASN D 122 -5.08 32.78 -27.60
C ASN D 122 -5.38 31.44 -28.26
N ASN D 123 -6.56 30.90 -27.98
CA ASN D 123 -6.97 29.63 -28.56
C ASN D 123 -7.46 29.75 -29.99
N SER D 124 -7.63 30.97 -30.51
CA SER D 124 -8.08 31.14 -31.87
C SER D 124 -7.05 30.57 -32.84
N VAL D 125 -7.53 29.97 -33.93
CA VAL D 125 -6.62 29.36 -34.90
C VAL D 125 -5.74 30.42 -35.56
N ASP D 126 -6.29 31.59 -35.86
CA ASP D 126 -5.55 32.62 -36.59
C ASP D 126 -4.30 33.08 -35.85
N VAL D 127 -4.38 33.29 -34.53
CA VAL D 127 -3.24 33.81 -33.79
C VAL D 127 -2.05 32.86 -33.89
N GLU D 128 -0.86 33.43 -34.09
CA GLU D 128 0.37 32.65 -34.18
C GLU D 128 1.37 32.92 -33.07
N TYR D 129 1.33 34.09 -32.43
CA TYR D 129 2.29 34.41 -31.39
C TYR D 129 1.71 35.45 -30.43
N ALA D 130 2.28 35.52 -29.23
CA ALA D 130 1.85 36.45 -28.20
C ALA D 130 2.98 37.41 -27.88
N SER D 131 2.62 38.69 -27.67
CA SER D 131 3.63 39.71 -27.40
C SER D 131 3.15 40.72 -26.38
N ILE D 132 4.05 41.11 -25.47
CA ILE D 132 3.78 42.11 -24.47
C ILE D 132 4.83 43.20 -24.58
N ASP D 133 4.40 44.45 -24.68
CA ASP D 133 5.29 45.59 -24.76
C ASP D 133 5.00 46.52 -23.59
N ALA D 134 6.04 47.19 -23.10
CA ALA D 134 5.84 48.05 -21.95
C ALA D 134 6.80 49.22 -22.04
N ASN D 135 6.47 50.30 -21.34
CA ASN D 135 7.32 51.48 -21.33
C ASN D 135 7.42 52.02 -19.92
N ILE D 136 8.65 52.35 -19.52
CA ILE D 136 8.95 52.87 -18.19
C ILE D 136 9.60 54.25 -18.35
N LYS D 137 9.09 55.23 -17.60
CA LYS D 137 9.56 56.60 -17.66
C LYS D 137 10.13 56.96 -16.30
N LEU D 138 11.35 57.50 -16.29
CA LEU D 138 12.01 57.97 -15.07
C LEU D 138 12.24 59.47 -15.21
N LYS D 139 11.26 60.25 -14.75
CA LYS D 139 11.29 61.71 -14.89
C LYS D 139 11.42 62.05 -16.37
N ASP D 140 12.63 62.38 -16.83
CA ASP D 140 12.81 62.69 -18.24
C ASP D 140 13.30 61.49 -19.06
N PHE D 141 13.88 60.48 -18.42
CA PHE D 141 14.36 59.34 -19.18
C PHE D 141 13.20 58.46 -19.61
N ASN D 142 13.46 57.61 -20.59
CA ASN D 142 12.46 56.72 -21.16
C ASN D 142 13.10 55.41 -21.58
N THR D 143 12.34 54.32 -21.43
CA THR D 143 12.84 53.01 -21.83
C THR D 143 11.63 52.13 -22.13
N SER D 144 11.88 51.02 -22.83
CA SER D 144 10.82 50.12 -23.22
C SER D 144 11.35 48.69 -23.28
N ILE D 145 10.42 47.74 -23.23
CA ILE D 145 10.79 46.33 -23.27
C ILE D 145 9.70 45.55 -23.99
N LEU D 146 10.13 44.59 -24.83
CA LEU D 146 9.23 43.72 -25.57
C LEU D 146 9.58 42.26 -25.28
N ILE D 147 8.57 41.50 -24.87
CA ILE D 147 8.72 40.08 -24.56
C ILE D 147 7.70 39.31 -25.41
N THR D 148 8.14 38.29 -26.11
CA THR D 148 7.26 37.58 -27.03
C THR D 148 7.54 36.09 -27.03
N LYS D 149 6.48 35.31 -27.20
CA LYS D 149 6.59 33.87 -27.35
C LYS D 149 5.63 33.36 -28.42
N ALA D 150 6.13 32.48 -29.29
CA ALA D 150 5.35 31.97 -30.40
C ALA D 150 4.51 30.79 -29.95
N LYS D 151 3.49 30.49 -30.75
CA LYS D 151 2.63 29.35 -30.47
C LYS D 151 3.38 28.04 -30.69
N GLU D 152 2.95 27.00 -29.99
CA GLU D 152 3.57 25.69 -30.13
C GLU D 152 3.44 25.18 -31.57
N GLY D 153 4.51 24.60 -32.09
CA GLY D 153 4.52 24.13 -33.46
C GLY D 153 4.44 25.24 -34.49
N ALA D 154 5.11 26.36 -34.24
CA ALA D 154 5.15 27.49 -35.16
C ALA D 154 6.59 27.91 -35.40
N TYR D 155 6.92 28.19 -36.65
CA TYR D 155 8.26 28.60 -37.03
C TYR D 155 8.37 30.12 -36.98
N TYR D 156 9.47 30.66 -37.50
CA TYR D 156 9.72 32.10 -37.53
C TYR D 156 9.64 32.71 -36.13
N SER D 157 10.27 32.03 -35.17
CA SER D 157 10.26 32.50 -33.78
C SER D 157 11.00 33.82 -33.66
N ARG D 158 10.42 34.75 -32.91
CA ARG D 158 11.01 36.06 -32.69
C ARG D 158 11.62 36.11 -31.30
N ASN D 159 12.70 36.88 -31.17
CA ASN D 159 13.50 36.93 -29.96
C ASN D 159 13.27 38.24 -29.21
N ASN D 160 13.11 38.13 -27.89
CA ASN D 160 12.79 39.28 -27.05
C ASN D 160 13.96 40.26 -27.00
N GLU D 161 13.64 41.54 -26.85
CA GLU D 161 14.63 42.60 -26.77
C GLU D 161 14.74 43.06 -25.32
N LEU D 162 15.96 43.04 -24.79
CA LEU D 162 16.19 43.40 -23.39
C LEU D 162 17.24 44.49 -23.21
N LEU D 163 17.64 45.18 -24.28
CA LEU D 163 18.67 46.22 -24.15
C LEU D 163 18.19 47.38 -23.29
N GLY D 164 16.93 47.79 -23.46
CA GLY D 164 16.42 48.91 -22.70
C GLY D 164 16.36 48.61 -21.21
N VAL D 165 15.95 47.41 -20.83
CA VAL D 165 15.87 47.08 -19.41
C VAL D 165 17.27 46.94 -18.83
N LYS D 166 18.20 46.33 -19.57
CA LYS D 166 19.55 46.16 -19.06
C LYS D 166 20.23 47.51 -18.85
N LYS D 167 19.88 48.50 -19.68
CA LYS D 167 20.45 49.82 -19.46
C LYS D 167 19.88 50.48 -18.21
N LEU D 168 18.68 50.10 -17.79
CA LEU D 168 18.15 50.60 -16.53
C LEU D 168 18.81 49.92 -15.36
N ALA D 169 19.08 48.62 -15.49
CA ALA D 169 19.69 47.88 -14.40
C ALA D 169 21.13 48.30 -14.16
N SER D 170 21.83 48.68 -15.23
CA SER D 170 23.24 49.03 -15.10
C SER D 170 23.42 50.26 -14.23
N ILE D 171 22.59 51.29 -14.42
CA ILE D 171 22.77 52.52 -13.65
C ILE D 171 22.45 52.27 -12.19
N TYR D 172 21.55 51.32 -11.89
CA TYR D 172 21.25 51.02 -10.50
C TYR D 172 22.39 50.26 -9.86
N ARG D 173 23.02 49.36 -10.61
CA ARG D 173 24.10 48.59 -10.02
C ARG D 173 25.30 49.50 -9.78
N LEU D 174 25.58 50.40 -10.73
CA LEU D 174 26.69 51.33 -10.55
C LEU D 174 26.43 52.28 -9.38
N VAL D 175 25.20 52.78 -9.27
CA VAL D 175 24.88 53.69 -8.17
C VAL D 175 25.01 53.00 -6.83
N ASN D 176 24.50 51.76 -6.73
CA ASN D 176 24.56 51.04 -5.46
C ASN D 176 25.96 50.52 -5.15
N LYS D 177 26.83 50.42 -6.15
CA LYS D 177 28.19 49.93 -5.89
C LYS D 177 28.99 50.91 -5.02
N TYR D 178 28.86 52.20 -5.28
CA TYR D 178 29.63 53.19 -4.55
C TYR D 178 28.99 53.64 -3.24
N VAL D 179 27.67 53.57 -3.12
CA VAL D 179 26.96 54.02 -1.93
C VAL D 179 26.26 52.83 -1.30
N ASP D 180 26.52 52.58 -0.02
CA ASP D 180 25.90 51.46 0.68
C ASP D 180 24.53 51.81 1.24
N ASN D 181 24.10 53.07 1.16
CA ASN D 181 22.81 53.50 1.65
C ASN D 181 21.86 53.87 0.51
N ALA D 182 22.16 53.45 -0.70
CA ALA D 182 21.34 53.78 -1.85
C ALA D 182 19.97 53.10 -1.77
N SER D 183 18.94 53.84 -2.14
CA SER D 183 17.58 53.31 -2.14
C SER D 183 17.34 52.50 -3.41
N LEU D 184 16.29 51.69 -3.37
CA LEU D 184 15.89 50.88 -4.51
C LEU D 184 14.37 50.92 -4.65
N PRO D 185 13.87 50.77 -5.87
CA PRO D 185 12.42 50.75 -6.06
C PRO D 185 11.82 49.43 -5.59
N LEU D 186 10.63 49.53 -4.99
CA LEU D 186 9.94 48.36 -4.47
C LEU D 186 9.04 47.78 -5.55
N MET D 187 9.08 46.46 -5.71
CA MET D 187 8.24 45.76 -6.67
C MET D 187 7.56 44.61 -5.94
N ALA D 188 6.25 44.72 -5.72
CA ALA D 188 5.49 43.71 -5.00
C ALA D 188 4.19 43.42 -5.72
N TYR D 189 3.70 42.20 -5.57
CA TYR D 189 2.48 41.77 -6.24
C TYR D 189 1.73 40.81 -5.32
N TYR D 190 0.63 41.28 -4.74
CA TYR D 190 -0.19 40.48 -3.82
C TYR D 190 -1.33 39.85 -4.58
N SER D 191 -1.24 38.54 -4.80
CA SER D 191 -2.27 37.81 -5.52
C SER D 191 -3.35 37.34 -4.55
N ILE D 192 -4.24 36.47 -5.01
CA ILE D 192 -5.29 35.94 -4.16
C ILE D 192 -4.69 35.02 -3.09
N ALA D 193 -3.48 34.51 -3.32
CA ALA D 193 -2.87 33.53 -2.46
C ALA D 193 -2.60 34.09 -1.07
N ARG D 194 -2.69 35.40 -0.90
CA ARG D 194 -2.47 36.01 0.38
C ARG D 194 -3.56 35.63 1.38
N SER D 195 -4.63 35.00 0.92
CA SER D 195 -5.77 34.73 1.80
C SER D 195 -5.74 33.33 2.41
N TYR D 196 -5.07 32.37 1.78
CA TYR D 196 -5.06 31.01 2.32
C TYR D 196 -4.41 30.90 3.70
N ILE D 197 -3.10 31.09 3.79
CA ILE D 197 -2.40 30.88 5.04
C ILE D 197 -1.49 32.07 5.34
N GLY D 198 -1.26 32.92 4.34
CA GLY D 198 -0.56 34.16 4.61
C GLY D 198 -1.35 35.07 5.53
N GLY D 199 -2.66 35.18 5.29
CA GLY D 199 -3.51 35.90 6.21
C GLY D 199 -3.57 35.22 7.56
N GLY D 200 -3.65 33.90 7.55
CA GLY D 200 -3.63 33.13 8.78
C GLY D 200 -2.24 33.09 9.40
N VAL D 201 -2.20 32.66 10.66
CA VAL D 201 -0.96 32.50 11.39
C VAL D 201 -0.82 31.08 11.91
N ASP D 202 -1.55 30.14 11.30
CA ASP D 202 -1.59 28.75 11.77
C ASP D 202 -0.40 27.92 11.31
N ARG D 203 0.48 28.48 10.50
CA ARG D 203 1.65 27.75 10.03
C ARG D 203 2.67 27.60 11.15
N VAL D 213 21.72 38.63 11.50
CA VAL D 213 21.85 39.71 10.52
C VAL D 213 20.92 39.48 9.34
N TRP D 214 20.25 40.54 8.91
CA TRP D 214 19.37 40.50 7.74
C TRP D 214 19.95 41.38 6.65
N SER D 215 19.99 40.86 5.43
CA SER D 215 20.53 41.56 4.28
C SER D 215 19.40 42.22 3.50
N LYS D 216 19.57 43.50 3.18
CA LYS D 216 18.58 44.21 2.38
C LYS D 216 18.48 43.68 0.96
N PHE D 217 19.54 43.03 0.48
CA PHE D 217 19.51 42.46 -0.87
C PHE D 217 18.49 41.33 -0.96
N ASP D 218 18.37 40.53 0.10
CA ASP D 218 17.44 39.40 0.07
C ASP D 218 15.99 39.86 0.07
N VAL D 219 15.70 41.04 0.65
CA VAL D 219 14.33 41.51 0.75
C VAL D 219 13.76 41.79 -0.64
N TYR D 220 14.53 42.45 -1.50
CA TYR D 220 14.05 42.86 -2.81
C TYR D 220 14.45 41.88 -3.91
N ASP D 221 15.75 41.67 -4.11
CA ASP D 221 16.20 40.89 -5.26
C ASP D 221 15.92 39.39 -5.07
N GLU D 222 16.21 38.86 -3.90
CA GLU D 222 16.08 37.43 -3.67
C GLU D 222 14.68 36.99 -3.28
N ILE D 223 13.74 37.93 -3.15
CA ILE D 223 12.36 37.62 -2.80
C ILE D 223 11.49 37.93 -4.02
N GLU D 224 10.73 36.92 -4.45
CA GLU D 224 9.87 37.08 -5.61
C GLU D 224 8.70 38.01 -5.29
N PHE D 225 8.00 38.43 -6.34
CA PHE D 225 6.88 39.35 -6.17
C PHE D 225 5.70 38.69 -5.46
N ASP D 226 5.48 37.40 -5.70
CA ASP D 226 4.38 36.72 -5.04
C ASP D 226 4.64 36.61 -3.54
N ARG D 227 3.56 36.58 -2.77
CA ARG D 227 3.63 36.50 -1.32
C ARG D 227 3.15 35.12 -0.88
N ASN D 228 3.93 34.46 -0.03
CA ASN D 228 3.54 33.14 0.45
C ASN D 228 3.52 33.00 1.97
N ASP D 229 4.66 33.25 2.61
CA ASP D 229 4.82 33.08 4.05
C ASP D 229 5.29 34.36 4.73
N PHE D 230 4.72 34.63 5.90
CA PHE D 230 5.09 35.81 6.68
C PHE D 230 5.85 35.44 7.95
N THR D 231 6.30 34.19 8.07
CA THR D 231 6.99 33.76 9.28
C THR D 231 8.21 34.63 9.55
N ASP D 232 8.90 35.06 8.49
CA ASP D 232 10.07 35.90 8.66
C ASP D 232 9.71 37.19 9.39
N PHE D 233 8.55 37.77 9.08
CA PHE D 233 8.12 39.01 9.73
C PHE D 233 8.22 38.90 11.25
N PHE D 234 7.99 37.71 11.80
CA PHE D 234 8.00 37.53 13.24
C PHE D 234 9.42 37.60 13.79
N GLN D 235 10.36 36.95 13.11
CA GLN D 235 11.76 37.02 13.54
C GLN D 235 12.29 38.43 13.38
N TRP D 236 11.90 39.10 12.30
CA TRP D 236 12.35 40.47 12.07
C TRP D 236 11.83 41.39 13.17
N LEU D 237 10.57 41.20 13.57
CA LEU D 237 10.03 42.01 14.66
C LEU D 237 10.73 41.69 15.97
N VAL D 238 11.07 40.41 16.19
CA VAL D 238 11.77 40.02 17.41
C VAL D 238 13.14 40.69 17.47
N PHE D 239 13.87 40.68 16.35
CA PHE D 239 15.18 41.33 16.33
C PHE D 239 15.06 42.83 16.51
N LEU D 240 14.05 43.45 15.88
CA LEU D 240 13.87 44.88 16.04
C LEU D 240 13.57 45.23 17.49
N HIS D 241 12.73 44.42 18.16
CA HIS D 241 12.41 44.67 19.56
C HIS D 241 13.64 44.48 20.44
N ASN D 242 14.45 43.46 20.15
CA ASN D 242 15.63 43.23 20.96
C ASN D 242 16.61 44.38 20.85
N ARG D 243 16.81 44.89 19.63
CA ARG D 243 17.70 46.03 19.45
C ARG D 243 17.13 47.28 20.12
N ALA D 244 15.81 47.48 20.04
CA ALA D 244 15.21 48.65 20.68
C ALA D 244 15.36 48.56 22.19
N SER D 245 15.15 47.37 22.76
CA SER D 245 15.27 47.20 24.20
C SER D 245 16.70 47.45 24.65
N GLN D 246 17.68 46.96 23.87
CA GLN D 246 19.07 47.18 24.24
C GLN D 246 19.43 48.65 24.18
N GLU D 247 18.93 49.36 23.16
CA GLU D 247 19.24 50.78 23.04
C GLU D 247 18.57 51.60 24.13
N LYS D 248 17.31 51.32 24.43
CA LYS D 248 16.58 52.10 25.43
C LYS D 248 17.08 51.82 26.84
N LEU D 249 17.25 50.54 27.19
CA LEU D 249 17.72 50.21 28.53
C LEU D 249 19.18 50.54 28.73
N SER D 250 19.96 50.58 27.65
CA SER D 250 21.40 50.87 27.69
C SER D 250 22.04 49.80 28.58
N GLU D 251 22.94 50.17 29.50
CA GLU D 251 23.63 49.24 30.39
C GLU D 251 24.44 48.20 29.64
N SER D 252 24.69 48.43 28.35
CA SER D 252 25.48 47.49 27.56
C SER D 252 26.96 47.61 27.87
N GLN D 253 27.42 48.81 28.22
CA GLN D 253 28.83 49.10 28.51
C GLN D 253 29.62 48.74 27.25
N THR D 254 30.66 47.92 27.33
CA THR D 254 31.42 47.51 26.16
C THR D 254 30.73 46.31 25.52
N THR D 255 29.67 46.59 24.77
CA THR D 255 28.92 45.53 24.10
C THR D 255 29.77 44.82 23.07
N ILE D 256 30.57 45.59 22.32
CA ILE D 256 31.46 44.98 21.32
C ILE D 256 32.49 44.10 22.00
N ASN D 257 33.06 44.58 23.10
CA ASN D 257 34.05 43.78 23.82
C ASN D 257 33.41 42.55 24.44
N ALA D 258 32.17 42.68 24.92
CA ALA D 258 31.46 41.53 25.48
C ALA D 258 31.21 40.46 24.42
N LEU D 259 30.79 40.88 23.23
CA LEU D 259 30.58 39.92 22.15
C LEU D 259 31.88 39.29 21.71
N PHE D 260 32.97 40.08 21.66
CA PHE D 260 34.26 39.50 21.31
C PHE D 260 34.71 38.49 22.35
N SER D 261 34.46 38.79 23.63
CA SER D 261 34.79 37.83 24.68
C SER D 261 33.95 36.56 24.56
N ASP D 262 32.69 36.71 24.13
CA ASP D 262 31.85 35.52 23.89
C ASP D 262 32.41 34.69 22.74
N ILE D 263 32.91 35.35 21.69
CA ILE D 263 33.53 34.65 20.58
C ILE D 263 34.78 33.92 21.06
N GLN D 264 35.59 34.58 21.88
CA GLN D 264 36.80 33.95 22.41
C GLN D 264 36.44 32.75 23.29
N SER D 265 35.40 32.86 24.10
CA SER D 265 34.97 31.74 24.91
C SER D 265 34.49 30.57 24.05
N LEU D 266 33.78 30.89 22.97
CA LEU D 266 33.34 29.83 22.05
C LEU D 266 34.53 29.14 21.40
N LYS D 267 35.54 29.93 21.00
CA LYS D 267 36.74 29.33 20.40
C LYS D 267 37.47 28.46 21.42
N ALA D 268 37.55 28.92 22.67
CA ALA D 268 38.20 28.12 23.71
C ALA D 268 37.44 26.81 23.94
N THR D 269 36.11 26.87 23.95
CA THR D 269 35.32 25.66 24.11
C THR D 269 35.54 24.71 22.93
N LEU D 270 35.67 25.27 21.73
CA LEU D 270 35.95 24.45 20.55
C LEU D 270 37.30 23.77 20.67
N THR D 271 38.30 24.48 21.18
CA THR D 271 39.61 23.88 21.38
C THR D 271 39.56 22.79 22.44
N GLN D 272 38.80 23.02 23.51
CA GLN D 272 38.67 22.04 24.59
C GLN D 272 37.81 20.86 24.14
N VAL D 283 28.93 19.50 13.21
CA VAL D 283 28.85 20.29 14.43
C VAL D 283 29.97 21.32 14.44
N ILE D 284 31.13 20.96 13.90
CA ILE D 284 32.25 21.88 13.84
C ILE D 284 31.93 23.06 12.95
N LYS D 285 31.32 22.80 11.78
CA LYS D 285 30.95 23.87 10.87
C LYS D 285 29.92 24.79 11.51
N GLY D 286 28.94 24.22 12.22
CA GLY D 286 27.97 25.06 12.90
C GLY D 286 28.60 25.91 13.99
N LEU D 287 29.56 25.36 14.72
CA LEU D 287 30.26 26.14 15.74
C LEU D 287 31.05 27.27 15.10
N GLU D 288 31.71 27.01 13.96
CA GLU D 288 32.44 28.06 13.28
C GLU D 288 31.49 29.16 12.79
N LEU D 289 30.33 28.77 12.26
CA LEU D 289 29.34 29.75 11.83
C LEU D 289 28.84 30.58 13.01
N SER D 290 28.61 29.94 14.16
CA SER D 290 28.19 30.68 15.34
C SER D 290 29.28 31.66 15.80
N LEU D 291 30.55 31.24 15.71
CA LEU D 291 31.64 32.15 16.04
C LEU D 291 31.68 33.35 15.10
N LYS D 292 31.45 33.11 13.80
CA LYS D 292 31.38 34.21 12.84
C LYS D 292 30.20 35.12 13.15
N GLU D 293 29.08 34.55 13.58
CA GLU D 293 27.93 35.36 13.98
C GLU D 293 28.26 36.22 15.20
N LYS D 294 29.00 35.66 16.15
CA LYS D 294 29.44 36.42 17.32
C LYS D 294 30.35 37.56 16.91
N LEU D 295 31.28 37.31 15.97
CA LEU D 295 32.13 38.38 15.48
C LEU D 295 31.31 39.46 14.77
N ASN D 296 30.30 39.06 14.01
CA ASN D 296 29.43 40.04 13.36
C ASN D 296 28.67 40.86 14.39
N TYR D 297 28.23 40.22 15.47
CA TYR D 297 27.55 40.96 16.55
C TYR D 297 28.50 41.95 17.21
N MET D 298 29.76 41.55 17.41
CA MET D 298 30.74 42.47 17.98
C MET D 298 30.98 43.65 17.06
N LYS D 299 31.06 43.40 15.75
CA LYS D 299 31.24 44.49 14.79
C LYS D 299 30.04 45.43 14.80
N SER D 300 28.83 44.86 14.86
CA SER D 300 27.62 45.67 14.89
C SER D 300 27.57 46.55 16.13
N LEU D 301 27.90 45.97 17.29
CA LEU D 301 27.93 46.76 18.52
C LEU D 301 29.01 47.83 18.48
N GLN D 302 30.17 47.50 17.91
CA GLN D 302 31.24 48.49 17.78
C GLN D 302 30.82 49.65 16.89
N SER D 303 30.07 49.35 15.82
CA SER D 303 29.58 50.41 14.94
C SER D 303 28.71 51.41 15.69
N GLY D 304 27.58 50.94 16.22
CA GLY D 304 26.70 51.80 17.00
C GLY D 304 26.26 53.06 16.30
N GLU D 305 25.45 52.93 15.23
CA GLU D 305 25.03 54.10 14.46
C GLU D 305 24.25 55.08 15.32
N HIS D 306 23.28 54.57 16.09
CA HIS D 306 22.46 55.40 16.99
C HIS D 306 21.83 56.57 16.25
N LYS D 307 21.34 56.30 15.05
CA LYS D 307 20.77 57.34 14.22
C LYS D 307 19.45 57.84 14.80
N PHE D 308 18.93 58.92 14.20
CA PHE D 308 17.66 59.49 14.64
C PHE D 308 16.53 58.48 14.47
N ASN D 309 16.52 57.74 13.37
CA ASN D 309 15.56 56.66 13.17
C ASN D 309 16.11 55.39 13.82
N ASN D 310 16.18 55.45 15.16
CA ASN D 310 16.70 54.34 15.94
C ASN D 310 15.69 53.20 15.97
N ALA D 311 16.09 52.10 16.62
CA ALA D 311 15.22 50.94 16.70
C ALA D 311 13.91 51.24 17.43
N VAL D 312 13.97 52.03 18.51
CA VAL D 312 12.76 52.33 19.26
C VAL D 312 11.81 53.18 18.42
N SER D 313 12.34 54.05 17.58
CA SER D 313 11.46 54.88 16.75
C SER D 313 10.85 54.05 15.64
N LEU D 314 11.61 53.13 15.06
CA LEU D 314 11.03 52.29 14.01
C LEU D 314 9.97 51.38 14.60
N TYR D 315 10.22 50.85 15.80
CA TYR D 315 9.24 49.98 16.45
C TYR D 315 7.95 50.72 16.71
N ASP D 316 8.04 51.96 17.21
CA ASP D 316 6.84 52.75 17.45
C ASP D 316 6.13 53.07 16.15
N SER D 317 6.89 53.41 15.10
CA SER D 317 6.24 53.77 13.84
C SER D 317 5.52 52.58 13.24
N VAL D 318 6.11 51.39 13.33
CA VAL D 318 5.50 50.19 12.77
C VAL D 318 4.21 49.86 13.53
N ILE D 319 4.27 49.92 14.86
CA ILE D 319 3.09 49.57 15.64
C ILE D 319 1.98 50.58 15.41
N ASN D 320 2.31 51.88 15.43
CA ASN D 320 1.27 52.87 15.22
C ASN D 320 0.72 52.79 13.80
N THR D 321 1.55 52.35 12.85
CA THR D 321 1.09 52.20 11.47
C THR D 321 0.03 51.11 11.39
N ILE D 322 0.28 49.99 12.05
CA ILE D 322 -0.73 48.93 12.00
C ILE D 322 -1.98 49.35 12.76
N LEU D 323 -1.80 49.97 13.93
CA LEU D 323 -2.93 50.39 14.75
C LEU D 323 -3.80 51.43 14.06
N LYS D 324 -3.24 52.15 13.08
CA LYS D 324 -4.04 53.12 12.34
C LYS D 324 -5.17 52.44 11.57
N PHE D 325 -4.93 51.24 11.05
CA PHE D 325 -5.92 50.54 10.26
C PHE D 325 -6.94 49.77 11.10
N LEU D 326 -6.71 49.62 12.40
CA LEU D 326 -7.58 48.83 13.27
C LEU D 326 -7.99 49.72 14.45
N PRO D 327 -8.98 50.58 14.25
CA PRO D 327 -9.38 51.51 15.33
C PRO D 327 -9.97 50.82 16.55
N GLU D 328 -10.46 49.58 16.42
CA GLU D 328 -11.12 48.94 17.55
C GLU D 328 -10.14 48.59 18.65
N PHE D 329 -8.91 48.22 18.30
CA PHE D 329 -7.94 47.76 19.28
C PHE D 329 -7.33 48.95 20.02
N GLN D 330 -6.57 48.63 21.07
CA GLN D 330 -5.98 49.64 21.93
C GLN D 330 -4.45 49.66 21.84
N TRP D 331 -3.79 48.53 22.07
CA TRP D 331 -2.34 48.47 21.98
C TRP D 331 -1.91 47.06 21.62
N ILE D 332 -0.69 46.95 21.11
CA ILE D 332 -0.09 45.68 20.73
C ILE D 332 1.26 45.57 21.43
N LYS D 333 1.51 44.43 22.07
CA LYS D 333 2.76 44.23 22.78
C LYS D 333 3.32 42.84 22.49
N LEU D 334 4.63 42.72 22.63
CA LEU D 334 5.33 41.46 22.44
C LEU D 334 5.71 40.94 23.83
N VAL D 335 5.05 39.88 24.27
CA VAL D 335 5.22 39.33 25.61
C VAL D 335 6.13 38.12 25.55
N TYR D 336 7.15 38.11 26.39
CA TYR D 336 8.11 37.02 26.46
C TYR D 336 7.74 36.11 27.63
N GLY D 337 7.52 34.83 27.33
CA GLY D 337 7.21 33.86 28.35
C GLY D 337 7.49 32.47 27.82
N ASP D 338 7.81 31.55 28.74
CA ASP D 338 8.11 30.17 28.40
C ASP D 338 9.22 30.08 27.34
N ASP D 339 10.22 30.95 27.47
CA ASP D 339 11.34 30.98 26.54
C ASP D 339 10.88 31.18 25.10
N ASP D 340 9.87 32.03 24.92
CA ASP D 340 9.37 32.32 23.58
C ASP D 340 8.63 33.65 23.61
N TYR D 341 8.36 34.19 22.43
CA TYR D 341 7.67 35.46 22.28
C TYR D 341 6.30 35.25 21.66
N LYS D 342 5.30 35.97 22.18
CA LYS D 342 3.96 35.91 21.63
C LYS D 342 3.38 37.32 21.53
N ILE D 343 2.52 37.52 20.55
CA ILE D 343 1.92 38.83 20.30
C ILE D 343 0.63 38.92 21.08
N ILE D 344 0.44 40.03 21.80
CA ILE D 344 -0.73 40.26 22.63
C ILE D 344 -1.42 41.52 22.14
N LEU D 345 -2.72 41.41 21.89
CA LEU D 345 -3.54 42.55 21.46
C LEU D 345 -4.66 42.74 22.46
N LYS D 346 -5.01 43.98 22.74
CA LYS D 346 -6.07 44.29 23.69
C LYS D 346 -7.26 44.85 22.93
N LYS D 347 -8.43 44.22 23.08
CA LYS D 347 -9.65 44.70 22.47
C LYS D 347 -10.71 44.84 23.55
N GLY D 348 -11.20 46.06 23.75
CA GLY D 348 -12.16 46.27 24.81
C GLY D 348 -11.50 46.02 26.14
N GLU D 349 -11.86 44.91 26.77
CA GLU D 349 -11.32 44.51 28.05
C GLU D 349 -10.76 43.09 28.00
N VAL D 350 -10.59 42.51 26.82
CA VAL D 350 -10.11 41.15 26.66
C VAL D 350 -8.84 41.14 25.82
N GLU D 351 -7.81 40.48 26.35
CA GLU D 351 -6.53 40.32 25.65
C GLU D 351 -6.57 39.06 24.82
N LEU D 352 -6.10 39.16 23.58
CA LEU D 352 -6.15 38.06 22.63
C LEU D 352 -4.77 37.81 22.06
N ASP D 353 -4.53 36.54 21.70
CA ASP D 353 -3.34 36.15 20.99
C ASP D 353 -3.50 36.43 19.50
N ILE D 354 -2.48 36.14 18.72
CA ILE D 354 -2.56 36.40 17.28
C ILE D 354 -3.52 35.43 16.61
N GLN D 355 -3.55 34.17 17.05
CA GLN D 355 -4.35 33.15 16.38
C GLN D 355 -5.85 33.28 16.67
N GLN D 356 -6.25 34.11 17.63
CA GLN D 356 -7.66 34.22 17.98
C GLN D 356 -8.38 35.34 17.24
N LEU D 357 -7.68 36.09 16.38
CA LEU D 357 -8.32 37.14 15.62
C LEU D 357 -9.16 36.55 14.50
N SER D 358 -10.09 37.35 13.99
CA SER D 358 -10.92 36.89 12.89
C SER D 358 -10.16 36.99 11.57
N GLN D 359 -10.77 36.48 10.50
CA GLN D 359 -10.12 36.49 9.19
C GLN D 359 -9.92 37.91 8.68
N GLY D 360 -10.88 38.80 8.98
CA GLY D 360 -10.81 40.15 8.45
C GLY D 360 -9.62 40.92 8.98
N GLU D 361 -9.39 40.88 10.29
CA GLU D 361 -8.24 41.59 10.81
C GLU D 361 -6.94 40.86 10.48
N LYS D 362 -7.02 39.54 10.24
CA LYS D 362 -5.83 38.80 9.84
C LYS D 362 -5.32 39.29 8.50
N THR D 363 -6.24 39.55 7.57
CA THR D 363 -5.82 39.96 6.23
C THR D 363 -5.14 41.32 6.28
N ILE D 364 -5.77 42.29 6.93
CA ILE D 364 -5.21 43.63 6.99
C ILE D 364 -3.89 43.64 7.74
N PHE D 365 -3.81 42.90 8.85
CA PHE D 365 -2.57 42.87 9.61
C PHE D 365 -1.43 42.30 8.79
N THR D 366 -1.71 41.24 8.02
CA THR D 366 -0.66 40.62 7.22
C THR D 366 -0.22 41.55 6.09
N LEU D 367 -1.18 42.14 5.39
CA LEU D 367 -0.83 42.94 4.22
C LEU D 367 -0.08 44.20 4.64
N VAL D 368 -0.58 44.89 5.67
CA VAL D 368 0.08 46.12 6.08
C VAL D 368 1.48 45.83 6.63
N GLY D 369 1.61 44.77 7.44
CA GLY D 369 2.93 44.46 7.97
C GLY D 369 3.92 44.13 6.87
N ASP D 370 3.47 43.43 5.83
CA ASP D 370 4.38 43.11 4.73
C ASP D 370 4.70 44.36 3.93
N LEU D 371 3.77 45.31 3.84
CA LEU D 371 4.05 46.56 3.16
C LEU D 371 5.15 47.33 3.89
N ALA D 372 5.02 47.46 5.21
CA ALA D 372 6.00 48.24 5.96
C ALA D 372 7.35 47.55 6.03
N ARG D 373 7.39 46.22 6.08
CA ARG D 373 8.67 45.54 6.24
C ARG D 373 9.61 45.83 5.08
N ARG D 374 9.08 45.77 3.85
CA ARG D 374 9.94 46.00 2.70
C ARG D 374 10.37 47.45 2.61
N LEU D 375 9.50 48.38 3.01
CA LEU D 375 9.87 49.78 2.93
C LEU D 375 11.00 50.07 3.91
N ILE D 376 10.93 49.49 5.11
CA ILE D 376 12.01 49.71 6.08
C ILE D 376 13.31 49.11 5.59
N LEU D 377 13.25 47.88 5.04
CA LEU D 377 14.48 47.22 4.62
C LEU D 377 15.10 47.88 3.38
N LEU D 378 14.29 48.40 2.48
CA LEU D 378 14.82 48.94 1.23
C LEU D 378 15.35 50.37 1.36
N ASN D 379 14.90 51.14 2.34
CA ASN D 379 15.28 52.55 2.47
C ASN D 379 15.82 52.82 3.87
N PRO D 380 17.06 52.41 4.14
CA PRO D 380 17.65 52.65 5.46
C PRO D 380 18.29 54.02 5.62
N ASN D 381 18.21 54.87 4.62
CA ASN D 381 18.86 56.18 4.66
C ASN D 381 17.90 57.33 4.93
N LEU D 382 16.65 57.23 4.49
CA LEU D 382 15.70 58.32 4.66
C LEU D 382 15.34 58.50 6.13
N SER D 383 15.11 59.76 6.52
CA SER D 383 14.66 60.03 7.87
C SER D 383 13.29 59.42 8.14
N ASN D 384 12.38 59.52 7.17
CA ASN D 384 11.08 58.87 7.26
C ASN D 384 11.05 57.75 6.23
N PRO D 385 11.23 56.50 6.65
CA PRO D 385 11.34 55.40 5.67
C PRO D 385 10.07 55.16 4.86
N LEU D 386 8.93 55.65 5.30
CA LEU D 386 7.68 55.42 4.56
C LEU D 386 7.49 56.48 3.48
N LEU D 387 8.52 56.68 2.65
CA LEU D 387 8.44 57.65 1.57
C LEU D 387 9.12 57.15 0.29
N GLY D 388 9.54 55.89 0.24
CA GLY D 388 10.21 55.40 -0.93
C GLY D 388 9.26 55.23 -2.11
N TYR D 389 9.84 54.93 -3.26
CA TYR D 389 9.07 54.79 -4.49
C TYR D 389 8.91 53.31 -4.84
N GLY D 390 7.85 53.02 -5.58
CA GLY D 390 7.61 51.65 -5.99
C GLY D 390 6.29 51.51 -6.72
N ILE D 391 5.99 50.25 -7.06
CA ILE D 391 4.76 49.88 -7.74
C ILE D 391 4.18 48.65 -7.07
N VAL D 392 2.88 48.68 -6.79
CA VAL D 392 2.18 47.63 -6.06
C VAL D 392 0.97 47.22 -6.86
N LEU D 393 0.76 45.92 -7.02
CA LEU D 393 -0.41 45.37 -7.70
C LEU D 393 -1.20 44.55 -6.70
N ILE D 394 -2.48 44.89 -6.55
CA ILE D 394 -3.36 44.24 -5.59
C ILE D 394 -4.59 43.73 -6.33
N ASP D 395 -4.95 42.48 -6.10
CA ASP D 395 -6.09 41.86 -6.75
C ASP D 395 -7.17 41.57 -5.72
N GLU D 396 -8.42 41.93 -6.06
CA GLU D 396 -9.58 41.68 -5.20
C GLU D 396 -9.40 42.33 -3.83
N ILE D 397 -9.39 43.66 -3.86
CA ILE D 397 -9.20 44.46 -2.66
C ILE D 397 -10.31 44.24 -1.63
N ASP D 398 -11.48 43.78 -2.07
CA ASP D 398 -12.66 43.67 -1.21
C ASP D 398 -12.87 42.25 -0.68
N LEU D 399 -11.81 41.52 -0.37
CA LEU D 399 -11.93 40.18 0.17
C LEU D 399 -12.11 40.23 1.69
N HIS D 400 -13.20 39.65 2.18
CA HIS D 400 -13.49 39.52 3.61
C HIS D 400 -13.51 40.89 4.29
N LEU D 401 -14.35 41.78 3.77
CA LEU D 401 -14.50 43.11 4.35
C LEU D 401 -15.95 43.53 4.30
N HIS D 402 -16.43 44.15 5.39
CA HIS D 402 -17.77 44.69 5.40
C HIS D 402 -17.78 46.06 4.71
N PRO D 403 -18.95 46.52 4.26
CA PRO D 403 -18.98 47.78 3.50
C PRO D 403 -18.41 48.98 4.23
N GLN D 404 -18.54 49.02 5.56
CA GLN D 404 -18.01 50.16 6.30
C GLN D 404 -16.50 50.26 6.14
N TRP D 405 -15.81 49.13 6.20
CA TRP D 405 -14.38 49.17 5.96
C TRP D 405 -14.09 49.42 4.49
N GLN D 406 -14.95 48.89 3.61
CA GLN D 406 -14.71 49.00 2.18
C GLN D 406 -14.83 50.43 1.68
N GLN D 407 -15.44 51.31 2.47
CA GLN D 407 -15.64 52.70 2.04
C GLN D 407 -14.49 53.63 2.45
N THR D 408 -13.50 53.15 3.18
CA THR D 408 -12.39 54.01 3.61
C THR D 408 -11.01 53.40 3.43
N ILE D 409 -10.89 52.20 2.86
CA ILE D 409 -9.59 51.57 2.74
C ILE D 409 -8.70 52.28 1.72
N ILE D 410 -9.29 52.74 0.61
CA ILE D 410 -8.49 53.36 -0.44
C ILE D 410 -7.82 54.63 0.05
N GLU D 411 -8.58 55.50 0.72
CA GLU D 411 -7.98 56.74 1.20
C GLU D 411 -6.95 56.46 2.27
N ARG D 412 -7.16 55.40 3.06
CA ARG D 412 -6.19 55.07 4.09
C ARG D 412 -4.87 54.66 3.45
N LEU D 413 -4.95 53.85 2.39
CA LEU D 413 -3.71 53.36 1.78
C LEU D 413 -2.99 54.52 1.10
N THR D 414 -3.74 55.38 0.41
CA THR D 414 -3.11 56.47 -0.32
C THR D 414 -2.41 57.42 0.64
N SER D 415 -3.06 57.75 1.75
CA SER D 415 -2.45 58.63 2.73
C SER D 415 -1.24 57.98 3.40
N THR D 416 -1.32 56.68 3.69
CA THR D 416 -0.22 55.99 4.36
C THR D 416 1.03 55.93 3.49
N PHE D 417 0.88 55.64 2.19
CA PHE D 417 2.01 55.49 1.27
C PHE D 417 1.85 56.46 0.11
N PRO D 418 2.29 57.70 0.27
CA PRO D 418 2.08 58.71 -0.78
C PRO D 418 2.83 58.43 -2.07
N ASN D 419 4.13 58.16 -1.98
CA ASN D 419 4.97 58.03 -3.18
C ASN D 419 5.04 56.59 -3.67
N VAL D 420 3.90 55.94 -3.84
CA VAL D 420 3.83 54.59 -4.37
C VAL D 420 2.70 54.54 -5.39
N GLN D 421 2.94 53.83 -6.49
CA GLN D 421 1.92 53.69 -7.54
C GLN D 421 1.17 52.37 -7.32
N PHE D 422 -0.17 52.46 -7.30
CA PHE D 422 -1.03 51.32 -7.00
C PHE D 422 -1.85 50.93 -8.22
N VAL D 423 -1.99 49.63 -8.45
CA VAL D 423 -2.90 49.10 -9.46
C VAL D 423 -3.81 48.09 -8.78
N ILE D 424 -5.11 48.37 -8.78
CA ILE D 424 -6.10 47.63 -8.01
C ILE D 424 -7.24 47.21 -8.92
N THR D 425 -7.73 45.98 -8.73
CA THR D 425 -8.90 45.48 -9.44
C THR D 425 -10.00 45.13 -8.44
N THR D 426 -11.22 45.52 -8.76
CA THR D 426 -12.36 45.29 -7.86
C THR D 426 -13.65 45.33 -8.67
N HIS D 427 -14.70 44.75 -8.10
CA HIS D 427 -16.02 44.82 -8.73
C HIS D 427 -17.12 45.24 -7.77
N SER D 428 -16.82 45.49 -6.51
CA SER D 428 -17.82 45.92 -5.56
C SER D 428 -18.22 47.36 -5.83
N PRO D 429 -19.50 47.66 -6.03
CA PRO D 429 -19.90 49.07 -6.27
C PRO D 429 -19.61 49.98 -5.09
N GLN D 430 -19.51 49.45 -3.87
CA GLN D 430 -19.22 50.32 -2.74
C GLN D 430 -17.83 50.92 -2.89
N VAL D 431 -16.87 50.14 -3.39
CA VAL D 431 -15.53 50.67 -3.58
C VAL D 431 -15.57 51.74 -4.65
N LEU D 432 -16.32 51.48 -5.73
CA LEU D 432 -16.38 52.41 -6.85
C LEU D 432 -17.01 53.74 -6.46
N SER D 433 -17.86 53.73 -5.43
CA SER D 433 -18.58 54.94 -5.06
C SER D 433 -17.66 56.04 -4.53
N THR D 434 -16.47 55.70 -4.06
CA THR D 434 -15.57 56.66 -3.43
C THR D 434 -14.30 56.93 -4.25
N VAL D 435 -14.32 56.64 -5.54
CA VAL D 435 -13.16 56.83 -6.40
C VAL D 435 -13.43 57.97 -7.37
N SER D 436 -12.39 58.76 -7.66
CA SER D 436 -12.51 59.87 -8.58
C SER D 436 -12.76 59.37 -10.00
N SER D 437 -13.35 60.25 -10.81
CA SER D 437 -13.76 59.86 -12.16
C SER D 437 -12.55 59.51 -13.04
N ARG D 438 -11.46 60.26 -12.92
CA ARG D 438 -10.35 60.08 -13.84
C ARG D 438 -9.54 58.81 -13.57
N SER D 439 -9.68 58.20 -12.40
CA SER D 439 -8.84 57.07 -12.03
C SER D 439 -9.47 55.72 -12.33
N VAL D 440 -10.69 55.69 -12.86
CA VAL D 440 -11.39 54.43 -13.06
C VAL D 440 -11.26 54.01 -14.52
N ARG D 441 -11.46 52.71 -14.76
CA ARG D 441 -11.43 52.13 -16.10
C ARG D 441 -12.49 51.05 -16.18
N ILE D 442 -13.42 51.16 -17.13
CA ILE D 442 -14.51 50.21 -17.25
C ILE D 442 -14.30 49.38 -18.51
N LEU D 443 -14.35 48.06 -18.36
CA LEU D 443 -14.14 47.16 -19.47
C LEU D 443 -15.48 46.69 -20.02
N GLN D 444 -15.57 46.61 -21.34
CA GLN D 444 -16.79 46.19 -22.00
C GLN D 444 -16.45 45.22 -23.14
N GLU D 445 -17.43 44.41 -23.50
CA GLU D 445 -17.33 43.46 -24.61
C GLU D 445 -18.23 43.94 -25.73
N VAL D 446 -17.65 44.17 -26.90
CA VAL D 446 -18.39 44.66 -28.07
C VAL D 446 -18.09 43.77 -29.26
N GLU D 447 -19.13 43.41 -30.00
CA GLU D 447 -18.97 42.57 -31.18
C GLU D 447 -18.72 43.47 -32.39
N VAL D 448 -17.53 43.36 -32.97
CA VAL D 448 -17.14 44.15 -34.14
C VAL D 448 -16.70 43.19 -35.22
N ASP D 449 -17.24 43.36 -36.43
CA ASP D 449 -16.91 42.52 -37.58
C ASP D 449 -17.19 41.05 -37.28
N GLY D 450 -18.21 40.80 -36.46
CA GLY D 450 -18.59 39.44 -36.12
C GLY D 450 -17.69 38.77 -35.10
N VAL D 451 -16.75 39.51 -34.52
CA VAL D 451 -15.82 38.97 -33.52
C VAL D 451 -15.91 39.80 -32.26
N ASN D 452 -16.06 39.12 -31.12
CA ASN D 452 -16.14 39.80 -29.84
C ASN D 452 -14.77 40.35 -29.46
N ASP D 453 -14.73 41.62 -29.05
CA ASP D 453 -13.50 42.28 -28.67
C ASP D 453 -13.71 43.05 -27.37
N LEU D 454 -12.63 43.22 -26.63
CA LEU D 454 -12.67 43.92 -25.35
C LEU D 454 -12.23 45.37 -25.53
N ILE D 455 -12.95 46.28 -24.90
CA ILE D 455 -12.67 47.70 -24.97
C ILE D 455 -12.58 48.25 -23.56
N VAL D 456 -11.85 49.36 -23.42
CA VAL D 456 -11.67 50.05 -22.16
C VAL D 456 -12.16 51.48 -22.33
N SER D 457 -13.06 51.90 -21.45
CA SER D 457 -13.67 53.21 -21.54
C SER D 457 -13.66 53.92 -20.18
N HIS D 458 -13.54 55.24 -20.25
CA HIS D 458 -13.62 56.20 -19.16
C HIS D 458 -15.02 56.79 -19.10
N PRO D 459 -15.49 57.18 -17.91
CA PRO D 459 -16.83 57.80 -17.80
C PRO D 459 -16.92 59.13 -18.54
N GLN E 2 -20.94 11.27 71.92
CA GLN E 2 -20.58 9.86 71.88
C GLN E 2 -21.59 9.06 71.08
N LEU E 3 -21.12 8.45 69.99
CA LEU E 3 -21.98 7.65 69.13
C LEU E 3 -21.56 6.20 69.01
N THR E 4 -20.28 5.91 69.13
CA THR E 4 -19.82 4.52 69.01
C THR E 4 -20.39 3.66 70.12
N SER E 5 -20.46 4.20 71.34
CA SER E 5 -20.95 3.44 72.47
C SER E 5 -22.42 3.06 72.27
N LYS E 6 -23.23 3.99 71.77
CA LYS E 6 -24.64 3.69 71.61
C LYS E 6 -24.85 2.59 70.58
N ILE E 7 -24.10 2.63 69.47
CA ILE E 7 -24.25 1.60 68.46
C ILE E 7 -23.81 0.25 68.99
N ILE E 8 -22.70 0.23 69.74
CA ILE E 8 -22.19 -1.03 70.27
C ILE E 8 -23.20 -1.62 71.23
N SER E 9 -23.75 -0.80 72.12
CA SER E 9 -24.69 -1.32 73.10
C SER E 9 -25.96 -1.79 72.40
N LYS E 10 -26.40 -1.05 71.38
CA LYS E 10 -27.66 -1.37 70.73
C LYS E 10 -27.57 -2.72 70.01
N PHE E 11 -26.47 -2.98 69.31
CA PHE E 11 -26.37 -4.20 68.52
C PHE E 11 -25.55 -5.29 69.17
N ASN E 12 -25.03 -5.06 70.38
CA ASN E 12 -24.26 -6.06 71.13
C ASN E 12 -23.06 -6.57 70.33
N TYR E 13 -22.24 -5.65 69.85
CA TYR E 13 -21.03 -5.98 69.11
C TYR E 13 -19.82 -5.96 70.03
N ASN E 14 -18.96 -6.98 69.89
CA ASN E 14 -17.71 -6.97 70.64
C ASN E 14 -16.68 -6.11 69.91
N ARG E 15 -15.56 -5.87 70.58
CA ARG E 15 -14.57 -4.96 70.03
C ARG E 15 -13.99 -5.47 68.72
N LEU E 16 -13.69 -6.77 68.65
CA LEU E 16 -13.04 -7.30 67.46
C LEU E 16 -14.00 -7.31 66.27
N ALA E 17 -15.25 -7.75 66.48
CA ALA E 17 -16.17 -7.82 65.36
C ALA E 17 -16.47 -6.42 64.85
N PHE E 18 -16.62 -5.46 65.76
CA PHE E 18 -16.91 -4.09 65.36
C PHE E 18 -15.74 -3.52 64.57
N GLN E 19 -14.51 -3.82 65.01
CA GLN E 19 -13.33 -3.33 64.29
C GLN E 19 -13.28 -3.92 62.89
N LEU E 20 -13.59 -5.20 62.75
CA LEU E 20 -13.55 -5.81 61.41
C LEU E 20 -14.62 -5.21 60.53
N LEU E 21 -15.81 -4.97 61.09
CA LEU E 21 -16.89 -4.41 60.31
C LEU E 21 -16.56 -2.99 59.86
N LEU E 22 -15.85 -2.23 60.70
CA LEU E 22 -15.56 -0.85 60.33
C LEU E 22 -14.68 -0.82 59.09
N ASN E 23 -13.73 -1.74 59.01
CA ASN E 23 -12.81 -1.77 57.88
C ASN E 23 -13.49 -2.28 56.62
N GLU E 24 -14.33 -3.32 56.76
CA GLU E 24 -14.93 -3.93 55.59
C GLU E 24 -16.18 -3.20 55.08
N ALA E 25 -16.75 -2.29 55.88
CA ALA E 25 -18.03 -1.67 55.55
C ALA E 25 -18.13 -0.98 54.19
N PRO E 26 -17.14 -0.18 53.74
CA PRO E 26 -17.35 0.55 52.47
C PRO E 26 -17.35 -0.31 51.22
N LYS E 27 -17.29 -1.62 51.36
CA LYS E 27 -17.27 -2.51 50.21
C LYS E 27 -18.46 -3.47 50.17
N LYS E 28 -19.34 -3.44 51.17
CA LYS E 28 -20.49 -4.35 51.22
C LYS E 28 -21.66 -3.77 50.43
N TYR E 29 -21.47 -3.71 49.11
CA TYR E 29 -22.47 -3.16 48.21
C TYR E 29 -22.62 -4.08 47.01
N LYS E 30 -23.80 -4.04 46.39
CA LYS E 30 -24.09 -4.82 45.20
C LYS E 30 -24.54 -3.88 44.09
N VAL E 31 -24.04 -4.14 42.89
CA VAL E 31 -24.32 -3.30 41.72
C VAL E 31 -25.16 -4.11 40.73
N TYR E 32 -26.25 -3.50 40.26
CA TYR E 32 -27.15 -4.20 39.34
C TYR E 32 -27.82 -3.21 38.41
N TYR E 33 -28.38 -3.72 37.33
CA TYR E 33 -29.06 -2.91 36.33
C TYR E 33 -30.57 -3.06 36.45
N ILE E 34 -31.28 -1.98 36.13
CA ILE E 34 -32.74 -2.00 36.11
C ILE E 34 -33.23 -1.48 34.77
N PRO E 35 -34.34 -1.98 34.25
CA PRO E 35 -34.85 -1.53 32.96
C PRO E 35 -35.34 -0.10 33.00
N LYS E 36 -35.30 0.55 31.84
CA LYS E 36 -35.73 1.92 31.69
C LYS E 36 -37.06 1.95 30.96
N ARG E 37 -37.87 2.97 31.24
CA ARG E 37 -39.13 3.15 30.54
C ARG E 37 -38.81 3.67 29.14
N GLY E 38 -38.78 2.75 28.18
CA GLY E 38 -38.32 3.08 26.84
C GLY E 38 -37.23 2.13 26.39
N ALA E 39 -36.03 2.64 26.17
CA ALA E 39 -34.90 1.80 25.80
C ALA E 39 -33.66 2.26 26.56
N GLY E 40 -32.95 1.32 27.16
CA GLY E 40 -31.75 1.62 27.89
C GLY E 40 -31.72 0.83 29.19
N PHE E 41 -30.90 1.30 30.13
CA PHE E 41 -30.74 0.64 31.41
C PHE E 41 -30.23 1.66 32.42
N ARG E 42 -30.35 1.32 33.70
CA ARG E 42 -29.87 2.17 34.78
C ARG E 42 -29.10 1.33 35.77
N VAL E 43 -28.12 1.95 36.44
CA VAL E 43 -27.22 1.27 37.36
C VAL E 43 -27.55 1.70 38.78
N ILE E 44 -27.69 0.72 39.68
CA ILE E 44 -28.04 0.94 41.07
C ILE E 44 -27.07 0.18 41.95
N ALA E 45 -26.70 0.78 43.08
CA ALA E 45 -25.85 0.15 44.08
C ALA E 45 -26.59 0.14 45.41
N GLN E 46 -26.70 -1.04 46.02
CA GLN E 46 -27.46 -1.20 47.25
C GLN E 46 -26.67 -1.98 48.29
N PRO E 47 -26.63 -1.51 49.55
CA PRO E 47 -25.85 -2.22 50.58
C PRO E 47 -26.51 -3.52 51.02
N THR E 48 -25.83 -4.25 51.90
CA THR E 48 -26.32 -5.53 52.38
C THR E 48 -27.31 -5.33 53.52
N LYS E 49 -27.95 -6.44 53.93
CA LYS E 49 -28.97 -6.38 54.97
C LYS E 49 -28.40 -5.96 56.32
N GLU E 50 -27.21 -6.46 56.66
CA GLU E 50 -26.60 -6.14 57.95
C GLU E 50 -26.26 -4.67 58.07
N LEU E 51 -25.76 -4.05 57.00
CA LEU E 51 -25.42 -2.63 57.05
C LEU E 51 -26.63 -1.72 56.96
N LYS E 52 -27.75 -2.21 56.42
CA LYS E 52 -28.89 -1.32 56.20
C LYS E 52 -29.54 -0.96 57.53
N ASN E 53 -29.77 -1.95 58.39
CA ASN E 53 -30.48 -1.65 59.62
C ASN E 53 -29.60 -0.95 60.64
N VAL E 54 -28.29 -0.88 60.40
CA VAL E 54 -27.44 -0.06 61.24
C VAL E 54 -27.31 1.35 60.67
N GLN E 55 -27.51 1.51 59.36
CA GLN E 55 -27.55 2.87 58.82
C GLN E 55 -28.83 3.58 59.21
N ARG E 56 -29.94 2.83 59.30
CA ARG E 56 -31.20 3.45 59.70
C ARG E 56 -31.10 3.99 61.12
N PHE E 57 -30.43 3.26 62.01
CA PHE E 57 -30.31 3.72 63.39
C PHE E 57 -29.53 5.03 63.45
N ILE E 58 -28.47 5.15 62.65
CA ILE E 58 -27.69 6.37 62.66
C ILE E 58 -28.55 7.53 62.17
N VAL E 59 -29.35 7.27 61.14
CA VAL E 59 -30.19 8.35 60.61
C VAL E 59 -31.17 8.79 61.68
N SER E 60 -31.72 7.83 62.43
CA SER E 60 -32.67 8.16 63.48
C SER E 60 -32.00 9.00 64.56
N LEU E 61 -30.74 8.70 64.87
CA LEU E 61 -30.03 9.47 65.89
C LEU E 61 -29.74 10.89 65.42
N LEU E 62 -29.38 11.05 64.15
CA LEU E 62 -28.95 12.36 63.66
C LEU E 62 -30.10 13.24 63.17
N GLN E 63 -31.29 12.69 62.94
CA GLN E 63 -32.38 13.48 62.37
C GLN E 63 -32.81 14.66 63.24
N PRO E 64 -33.01 14.52 64.56
CA PRO E 64 -33.46 15.67 65.36
C PRO E 64 -32.40 16.70 65.69
N LYS E 65 -31.24 16.69 65.03
CA LYS E 65 -30.19 17.66 65.33
C LYS E 65 -29.72 18.47 64.13
N LEU E 66 -30.12 18.10 62.90
CA LEU E 66 -29.68 18.80 61.71
C LEU E 66 -30.85 19.54 61.08
N PRO E 67 -30.80 20.87 61.00
CA PRO E 67 -31.92 21.62 60.42
C PRO E 67 -32.04 21.39 58.92
N VAL E 68 -33.28 21.42 58.44
CA VAL E 68 -33.61 21.26 57.03
C VAL E 68 -34.59 22.36 56.63
N HIS E 69 -34.33 22.98 55.48
CA HIS E 69 -35.19 24.05 55.01
C HIS E 69 -36.58 23.52 54.64
N HIS E 70 -37.57 24.39 54.76
CA HIS E 70 -38.96 24.00 54.54
C HIS E 70 -39.37 24.00 53.08
N LYS E 71 -38.53 24.47 52.16
CA LYS E 71 -38.84 24.44 50.74
C LYS E 71 -38.48 23.12 50.08
N ALA E 72 -37.75 22.24 50.76
CA ALA E 72 -37.41 20.94 50.21
C ALA E 72 -38.55 19.97 50.48
N MET E 73 -39.18 19.48 49.42
CA MET E 73 -40.37 18.63 49.53
C MET E 73 -40.11 17.20 49.08
N ALA E 74 -38.92 16.68 49.40
CA ALA E 74 -38.56 15.31 49.06
C ALA E 74 -38.02 14.60 50.29
N TYR E 75 -38.45 13.35 50.49
CA TYR E 75 -38.03 12.55 51.64
C TYR E 75 -38.30 13.26 52.96
N GLU E 76 -39.44 13.95 53.04
CA GLU E 76 -39.83 14.70 54.22
C GLU E 76 -41.16 14.17 54.74
N TYR E 77 -41.31 14.17 56.06
CA TYR E 77 -42.54 13.65 56.66
C TYR E 77 -43.73 14.53 56.30
N LYS E 78 -44.84 13.88 55.94
CA LYS E 78 -46.09 14.56 55.60
C LYS E 78 -45.93 15.53 54.44
N LYS E 79 -45.05 15.21 53.49
CA LYS E 79 -44.88 16.02 52.29
C LYS E 79 -44.81 15.08 51.09
N SER E 80 -45.35 15.54 49.95
CA SER E 80 -45.44 14.70 48.77
C SER E 80 -45.53 15.58 47.54
N ILE E 81 -45.89 14.97 46.41
CA ILE E 81 -45.99 15.69 45.15
C ILE E 81 -47.11 16.71 45.19
N LYS E 82 -48.24 16.33 45.81
CA LYS E 82 -49.41 17.21 45.79
C LYS E 82 -49.10 18.54 46.48
N ASP E 83 -48.37 18.49 47.59
CA ASP E 83 -47.98 19.73 48.25
C ASP E 83 -47.01 20.53 47.40
N ASN E 84 -46.16 19.86 46.63
CA ASN E 84 -45.23 20.56 45.77
C ASN E 84 -45.96 21.32 44.66
N ALA E 85 -46.96 20.68 44.05
CA ALA E 85 -47.65 21.29 42.93
C ALA E 85 -48.60 22.40 43.33
N LEU E 86 -49.03 22.44 44.60
CA LEU E 86 -49.97 23.47 45.04
C LEU E 86 -49.35 24.86 45.05
N LEU E 87 -48.02 24.97 45.03
CA LEU E 87 -47.40 26.28 45.05
C LEU E 87 -47.51 26.99 43.71
N HIS E 88 -47.36 26.26 42.61
CA HIS E 88 -47.34 26.85 41.28
C HIS E 88 -48.67 26.70 40.55
N LYS E 89 -49.75 26.41 41.26
CA LYS E 89 -51.02 26.13 40.59
C LYS E 89 -51.73 27.37 40.07
N ASP E 90 -51.26 28.57 40.41
CA ASP E 90 -51.94 29.79 40.00
C ASP E 90 -50.94 30.80 39.44
N ASN E 91 -50.02 30.34 38.60
CA ASN E 91 -49.05 31.21 37.96
C ASN E 91 -49.05 30.94 36.47
N ASN E 92 -48.56 31.92 35.70
CA ASN E 92 -48.67 31.86 34.26
C ASN E 92 -47.45 31.20 33.61
N TYR E 93 -46.25 31.64 33.96
CA TYR E 93 -45.04 31.15 33.31
C TYR E 93 -44.24 30.30 34.28
N ILE E 94 -43.68 29.20 33.73
CA ILE E 94 -42.98 28.19 34.51
C ILE E 94 -41.64 27.87 33.84
N LEU E 95 -40.59 27.75 34.66
CA LEU E 95 -39.27 27.36 34.20
C LEU E 95 -38.74 26.25 35.08
N LYS E 96 -38.12 25.25 34.46
CA LYS E 96 -37.60 24.10 35.20
C LYS E 96 -36.16 23.85 34.84
N MET E 97 -35.35 23.49 35.85
CA MET E 97 -33.94 23.17 35.68
C MET E 97 -33.56 21.96 36.49
N ASP E 98 -32.48 21.29 36.07
CA ASP E 98 -31.97 20.08 36.71
C ASP E 98 -30.47 20.20 36.96
N PHE E 99 -29.93 19.25 37.72
CA PHE E 99 -28.51 19.16 38.02
C PHE E 99 -27.87 18.09 37.15
N GLN E 100 -26.57 17.85 37.37
CA GLN E 100 -25.82 16.83 36.64
C GLN E 100 -25.07 15.97 37.64
N ASN E 101 -25.46 14.70 37.76
CA ASN E 101 -24.86 13.75 38.69
C ASN E 101 -24.85 14.30 40.11
N PHE E 102 -26.05 14.56 40.61
CA PHE E 102 -26.18 15.23 41.90
C PHE E 102 -25.64 14.38 43.05
N PHE E 103 -25.95 13.09 43.04
CA PHE E 103 -25.66 12.28 44.23
C PHE E 103 -24.18 11.94 44.35
N ASN E 104 -23.50 11.69 43.24
CA ASN E 104 -22.10 11.27 43.31
C ASN E 104 -21.13 12.44 43.47
N LYS E 105 -21.63 13.66 43.65
CA LYS E 105 -20.78 14.82 43.90
C LYS E 105 -20.75 15.20 45.37
N ILE E 106 -21.30 14.36 46.24
CA ILE E 106 -21.28 14.58 47.68
C ILE E 106 -20.17 13.72 48.26
N LYS E 107 -19.23 14.35 48.95
CA LYS E 107 -18.04 13.71 49.46
C LYS E 107 -17.87 14.04 50.94
N PRO E 108 -17.12 13.22 51.68
CA PRO E 108 -16.96 13.49 53.12
C PRO E 108 -16.34 14.84 53.45
N ASP E 109 -15.54 15.41 52.55
CA ASP E 109 -14.97 16.73 52.83
C ASP E 109 -16.06 17.78 52.96
N ILE E 110 -17.05 17.76 52.08
CA ILE E 110 -18.15 18.72 52.17
C ILE E 110 -19.00 18.42 53.39
N PHE E 111 -19.28 17.13 53.64
CA PHE E 111 -20.18 16.80 54.72
C PHE E 111 -19.59 17.23 56.05
N PHE E 112 -18.30 16.98 56.25
CA PHE E 112 -17.69 17.35 57.52
C PHE E 112 -17.49 18.86 57.61
N SER E 113 -17.29 19.54 56.48
CA SER E 113 -17.19 20.99 56.52
C SER E 113 -18.51 21.59 56.97
N LYS E 114 -19.63 21.08 56.44
CA LYS E 114 -20.92 21.58 56.87
C LYS E 114 -21.19 21.21 58.32
N LEU E 115 -20.75 20.03 58.75
CA LEU E 115 -21.02 19.60 60.12
C LEU E 115 -20.28 20.47 61.12
N GLU E 116 -19.10 20.97 60.76
CA GLU E 116 -18.35 21.81 61.69
C GLU E 116 -19.01 23.18 61.85
N ASN E 117 -19.75 23.64 60.84
CA ASN E 117 -20.35 24.96 60.89
C ASN E 117 -21.57 25.01 61.83
N THR E 118 -22.25 23.89 62.00
CA THR E 118 -23.46 23.87 62.82
C THR E 118 -23.17 24.00 64.32
N GLY E 119 -21.91 23.92 64.72
CA GLY E 119 -21.56 24.05 66.13
C GLY E 119 -21.57 22.76 66.91
N LEU E 120 -21.94 21.64 66.30
CA LEU E 120 -21.91 20.35 66.99
C LEU E 120 -20.47 19.85 67.02
N LYS E 121 -19.97 19.58 68.21
CA LYS E 121 -18.60 19.10 68.38
C LYS E 121 -18.59 17.60 68.55
N LEU E 122 -17.74 16.92 67.78
CA LEU E 122 -17.63 15.47 67.82
C LEU E 122 -16.17 15.07 67.93
N ASP E 123 -15.94 13.92 68.57
CA ASP E 123 -14.60 13.44 68.79
C ASP E 123 -14.04 12.81 67.51
N SER E 124 -12.74 12.53 67.52
CA SER E 124 -12.08 11.94 66.36
C SER E 124 -12.63 10.54 66.08
N PHE E 125 -12.89 9.76 67.13
CA PHE E 125 -13.41 8.42 66.93
C PHE E 125 -14.78 8.46 66.28
N ASP E 126 -15.63 9.40 66.70
CA ASP E 126 -16.95 9.50 66.07
C ASP E 126 -16.83 9.88 64.61
N GLU E 127 -15.90 10.78 64.28
CA GLU E 127 -15.72 11.17 62.89
C GLU E 127 -15.26 9.99 62.06
N ASN E 128 -14.35 9.18 62.62
CA ASN E 128 -13.88 8.01 61.90
C ASN E 128 -15.02 7.02 61.68
N THR E 129 -15.87 6.87 62.69
CA THR E 129 -16.99 5.93 62.55
C THR E 129 -17.95 6.40 61.48
N LEU E 130 -18.26 7.69 61.46
CA LEU E 130 -19.20 8.23 60.48
C LEU E 130 -18.65 8.12 59.07
N ARG E 131 -17.35 8.41 58.88
CA ARG E 131 -16.79 8.41 57.54
C ARG E 131 -16.84 7.02 56.91
N ASN E 132 -16.55 5.99 57.69
CA ASN E 132 -16.44 4.64 57.18
C ASN E 132 -17.76 3.88 57.13
N LEU E 133 -18.88 4.51 57.50
CA LEU E 133 -20.15 3.82 57.54
C LEU E 133 -21.18 4.34 56.53
N LEU E 134 -21.14 5.63 56.19
CA LEU E 134 -22.17 6.23 55.35
C LEU E 134 -21.73 6.45 53.91
N PHE E 135 -20.62 5.86 53.48
CA PHE E 135 -20.07 6.16 52.17
C PHE E 135 -19.69 4.88 51.43
N TRP E 136 -19.64 4.98 50.11
CA TRP E 136 -19.34 3.88 49.21
C TRP E 136 -18.01 4.12 48.51
N ARG E 137 -17.23 3.06 48.36
CA ARG E 137 -15.92 3.15 47.70
C ARG E 137 -15.94 2.35 46.40
N PRO E 138 -16.12 2.99 45.25
CA PRO E 138 -16.12 2.24 43.99
C PRO E 138 -14.69 2.03 43.49
N GLY E 139 -14.58 1.12 42.52
CA GLY E 139 -13.30 0.81 41.93
C GLY E 139 -12.44 -0.05 42.84
N LYS E 140 -11.14 -0.04 42.55
CA LYS E 140 -10.19 -0.84 43.30
C LYS E 140 -10.00 -0.25 44.71
N LYS E 141 -9.36 -1.05 45.58
CA LYS E 141 -9.12 -0.63 46.95
C LYS E 141 -8.15 0.53 47.04
N ARG E 142 -7.40 0.82 45.98
CA ARG E 142 -6.47 1.92 45.94
C ARG E 142 -7.11 3.23 45.48
N SER E 143 -8.41 3.22 45.18
CA SER E 143 -9.07 4.43 44.70
C SER E 143 -9.04 5.54 45.74
N THR E 144 -9.33 5.20 47.00
CA THR E 144 -9.35 6.17 48.10
C THR E 144 -10.32 7.31 47.82
N THR E 145 -11.45 7.00 47.20
CA THR E 145 -12.52 7.96 46.94
C THR E 145 -13.82 7.41 47.48
N LEU E 146 -14.60 8.26 48.12
CA LEU E 146 -15.89 7.88 48.70
C LEU E 146 -16.98 8.77 48.16
N ILE E 147 -18.07 8.16 47.70
CA ILE E 147 -19.22 8.88 47.17
C ILE E 147 -20.47 8.42 47.90
N LEU E 148 -21.48 9.30 47.92
CA LEU E 148 -22.70 9.01 48.65
C LEU E 148 -23.51 7.90 47.98
N SER E 149 -23.91 8.11 46.73
CA SER E 149 -24.68 7.16 45.93
C SER E 149 -26.11 7.04 46.45
N VAL E 150 -27.04 6.67 45.59
CA VAL E 150 -28.44 6.52 45.95
C VAL E 150 -28.76 5.03 46.01
N GLY E 151 -29.71 4.69 46.87
CA GLY E 151 -30.06 3.30 47.11
C GLY E 151 -29.82 2.87 48.53
N ALA E 152 -29.10 3.65 49.33
CA ALA E 152 -28.83 3.44 50.74
C ALA E 152 -29.76 4.31 51.57
N PRO E 153 -30.22 3.79 52.71
CA PRO E 153 -31.17 4.55 53.54
C PRO E 153 -30.66 5.88 54.08
N SER E 154 -29.35 6.07 54.20
CA SER E 154 -28.83 7.30 54.78
C SER E 154 -28.55 8.41 53.77
N SER E 155 -28.68 8.17 52.47
CA SER E 155 -28.33 9.20 51.49
C SER E 155 -29.37 10.31 51.39
N PRO E 156 -30.67 9.99 51.23
CA PRO E 156 -31.65 11.06 51.01
C PRO E 156 -31.68 12.07 52.14
N PHE E 157 -31.50 11.64 53.38
CA PHE E 157 -31.53 12.61 54.47
C PHE E 157 -30.32 13.52 54.42
N ILE E 158 -29.16 12.95 54.06
CA ILE E 158 -27.93 13.74 54.06
C ILE E 158 -27.98 14.83 53.01
N SER E 159 -28.55 14.52 51.83
CA SER E 159 -28.53 15.51 50.76
C SER E 159 -29.33 16.76 51.14
N ASN E 160 -30.46 16.57 51.82
CA ASN E 160 -31.27 17.71 52.22
C ASN E 160 -30.52 18.59 53.19
N PHE E 161 -29.79 17.98 54.13
CA PHE E 161 -29.04 18.77 55.09
C PHE E 161 -27.94 19.54 54.38
N VAL E 162 -27.30 18.91 53.39
CA VAL E 162 -26.19 19.56 52.71
C VAL E 162 -26.66 20.80 51.96
N MET E 163 -27.79 20.72 51.27
CA MET E 163 -28.24 21.83 50.43
C MET E 163 -29.04 22.90 51.19
N TYR E 164 -28.88 22.98 52.51
CA TYR E 164 -29.64 23.96 53.29
C TYR E 164 -29.23 25.40 52.96
N ASP E 165 -27.93 25.67 52.87
CA ASP E 165 -27.50 27.04 52.61
C ASP E 165 -27.95 27.51 51.24
N PHE E 166 -27.85 26.64 50.22
CA PHE E 166 -28.31 27.01 48.90
C PHE E 166 -29.80 27.28 48.89
N ASP E 167 -30.57 26.45 49.62
CA ASP E 167 -32.01 26.66 49.64
C ASP E 167 -32.35 27.99 50.28
N LYS E 168 -31.67 28.31 51.38
CA LYS E 168 -31.98 29.54 52.10
C LYS E 168 -31.61 30.74 51.28
N SER E 169 -30.45 30.70 50.61
CA SER E 169 -30.01 31.87 49.85
C SER E 169 -30.92 32.12 48.66
N LEU E 170 -31.37 31.06 47.98
CA LEU E 170 -32.25 31.29 46.83
C LEU E 170 -33.67 31.70 47.24
N ASP E 171 -34.14 31.26 48.40
CA ASP E 171 -35.52 31.55 48.77
C ASP E 171 -35.75 33.04 48.95
N ASP E 172 -34.88 33.71 49.71
CA ASP E 172 -35.10 35.13 49.96
C ASP E 172 -34.71 36.00 48.78
N TRP E 173 -33.95 35.46 47.82
CA TRP E 173 -33.69 36.23 46.61
C TRP E 173 -34.91 36.18 45.70
N CYS E 174 -35.56 35.02 45.61
CA CYS E 174 -36.72 34.89 44.75
C CYS E 174 -37.94 35.60 45.34
N ARG E 175 -38.02 35.67 46.67
CA ARG E 175 -39.17 36.34 47.30
C ARG E 175 -39.21 37.83 46.96
N ASN E 176 -38.06 38.48 46.91
CA ASN E 176 -37.98 39.91 46.63
C ASN E 176 -38.38 40.29 45.20
N ASN E 177 -38.51 39.33 44.29
CA ASN E 177 -38.87 39.62 42.92
C ASN E 177 -40.17 38.93 42.48
N GLY E 178 -40.95 38.44 43.43
CA GLY E 178 -42.23 37.82 43.10
C GLY E 178 -42.12 36.55 42.27
N ILE E 179 -41.22 35.66 42.67
CA ILE E 179 -40.99 34.40 41.99
C ILE E 179 -41.19 33.27 43.00
N THR E 180 -41.95 32.26 42.62
CA THR E 180 -42.17 31.11 43.48
C THR E 180 -41.17 30.01 43.14
N TYR E 181 -40.50 29.49 44.16
CA TYR E 181 -39.40 28.54 44.02
C TYR E 181 -39.64 27.30 44.88
N SER E 182 -39.33 26.14 44.33
CA SER E 182 -39.42 24.89 45.06
C SER E 182 -38.45 23.88 44.47
N ARG E 183 -37.99 22.94 45.32
CA ARG E 183 -36.99 21.97 44.94
C ARG E 183 -37.44 20.57 45.35
N TYR E 184 -37.19 19.59 44.47
CA TYR E 184 -37.50 18.19 44.73
C TYR E 184 -36.30 17.36 44.29
N ALA E 185 -35.60 16.77 45.26
CA ALA E 185 -34.39 16.00 44.98
C ALA E 185 -33.36 16.83 44.24
N ASP E 186 -33.19 16.58 42.94
CA ASP E 186 -32.28 17.35 42.10
C ASP E 186 -33.04 18.04 40.97
N ASP E 187 -34.21 18.59 41.28
CA ASP E 187 -35.03 19.30 40.32
C ASP E 187 -35.43 20.61 40.97
N ILE E 188 -35.38 21.71 40.21
CA ILE E 188 -35.73 23.02 40.73
C ILE E 188 -36.73 23.68 39.78
N THR E 189 -37.72 24.35 40.35
CA THR E 189 -38.80 24.95 39.57
C THR E 189 -39.04 26.38 40.01
N PHE E 190 -39.33 27.25 39.04
CA PHE E 190 -39.66 28.64 39.29
C PHE E 190 -40.93 28.97 38.51
N SER E 191 -41.75 29.86 39.08
CA SER E 191 -42.97 30.25 38.38
C SER E 191 -43.35 31.66 38.79
N THR E 192 -44.00 32.36 37.86
CA THR E 192 -44.35 33.76 38.10
C THR E 192 -45.39 34.23 37.09
N ASN E 193 -45.89 35.44 37.31
CA ASN E 193 -46.83 36.10 36.41
C ASN E 193 -46.24 37.28 35.66
N ILE E 194 -45.11 37.83 36.12
CA ILE E 194 -44.51 38.98 35.45
C ILE E 194 -43.83 38.52 34.17
N LYS E 195 -44.08 39.23 33.09
CA LYS E 195 -43.49 38.86 31.81
C LYS E 195 -42.04 39.34 31.72
N ASP E 196 -41.21 38.54 31.05
CA ASP E 196 -39.80 38.87 30.79
C ASP E 196 -39.01 39.07 32.09
N ILE E 197 -39.16 38.12 33.00
CA ILE E 197 -38.38 38.14 34.24
C ILE E 197 -37.68 36.82 34.54
N LEU E 198 -38.05 35.72 33.90
CA LEU E 198 -37.43 34.43 34.17
C LEU E 198 -36.18 34.17 33.34
N CYS E 199 -35.77 35.12 32.50
CA CYS E 199 -34.58 34.94 31.69
C CYS E 199 -33.29 35.29 32.43
N ARG E 200 -33.39 35.78 33.67
CA ARG E 200 -32.22 36.21 34.41
C ARG E 200 -31.78 35.23 35.49
N VAL E 201 -32.63 34.28 35.86
CA VAL E 201 -32.31 33.34 36.94
C VAL E 201 -31.24 32.31 36.60
N PRO E 202 -31.06 31.85 35.35
CA PRO E 202 -29.98 30.88 35.10
C PRO E 202 -28.61 31.39 35.47
N LYS E 203 -28.34 32.68 35.33
CA LYS E 203 -27.05 33.21 35.77
C LYS E 203 -27.00 33.32 37.29
N VAL E 204 -28.13 33.63 37.93
CA VAL E 204 -28.14 33.81 39.37
C VAL E 204 -27.85 32.48 40.06
N VAL E 205 -28.51 31.41 39.60
CA VAL E 205 -28.31 30.13 40.28
C VAL E 205 -26.89 29.67 40.04
N LYS E 206 -26.35 29.96 38.85
CA LYS E 206 -24.99 29.54 38.53
C LYS E 206 -24.00 30.21 39.46
N LYS E 207 -24.20 31.51 39.74
CA LYS E 207 -23.31 32.19 40.67
C LYS E 207 -23.50 31.69 42.10
N MET E 208 -24.73 31.32 42.48
CA MET E 208 -24.98 30.85 43.83
C MET E 208 -24.34 29.48 44.08
N LEU E 209 -24.34 28.61 43.07
CA LEU E 209 -23.82 27.26 43.24
C LEU E 209 -22.34 27.29 43.58
N SER E 210 -21.58 28.15 42.90
CA SER E 210 -20.14 28.18 43.15
C SER E 210 -19.85 28.66 44.56
N LEU E 211 -20.61 29.64 45.04
CA LEU E 211 -20.34 30.23 46.35
C LEU E 211 -20.73 29.31 47.49
N HIS E 212 -21.89 28.63 47.37
CA HIS E 212 -22.44 27.92 48.52
C HIS E 212 -22.12 26.44 48.57
N VAL E 213 -21.88 25.80 47.43
CA VAL E 213 -21.54 24.37 47.44
C VAL E 213 -20.63 24.07 46.25
N PRO E 214 -19.31 24.06 46.45
CA PRO E 214 -18.40 23.78 45.33
C PRO E 214 -18.52 22.35 44.83
N GLY E 215 -18.29 22.19 43.53
CA GLY E 215 -18.32 20.89 42.91
C GLY E 215 -19.54 20.68 42.04
N LEU E 216 -20.68 21.19 42.47
CA LEU E 216 -21.92 21.01 41.75
C LEU E 216 -21.93 21.81 40.46
N SER E 217 -22.79 21.40 39.53
CA SER E 217 -22.89 22.03 38.22
C SER E 217 -24.29 21.84 37.68
N ILE E 218 -24.62 22.63 36.66
CA ILE E 218 -25.97 22.68 36.10
C ILE E 218 -25.95 21.99 34.74
N ASN E 219 -26.90 21.09 34.53
CA ASN E 219 -27.07 20.43 33.24
C ASN E 219 -27.85 21.38 32.32
N GLU E 220 -27.21 21.86 31.27
CA GLU E 220 -27.80 22.88 30.42
C GLU E 220 -28.72 22.34 29.34
N SER E 221 -28.84 21.01 29.22
CA SER E 221 -29.65 20.43 28.16
C SER E 221 -31.06 20.09 28.62
N LYS E 222 -31.42 20.43 29.85
CA LYS E 222 -32.74 20.11 30.41
C LYS E 222 -33.36 21.34 31.04
N THR E 223 -33.36 22.45 30.32
CA THR E 223 -33.96 23.69 30.77
C THR E 223 -35.23 23.95 29.99
N ILE E 224 -36.35 24.13 30.69
CA ILE E 224 -37.66 24.20 30.04
C ILE E 224 -38.37 25.48 30.41
N PHE E 225 -38.89 26.18 29.40
CA PHE E 225 -39.76 27.35 29.56
C PHE E 225 -41.13 27.02 29.03
N THR E 226 -42.18 27.35 29.79
CA THR E 226 -43.53 27.02 29.36
C THR E 226 -44.51 28.06 29.91
N SER E 227 -45.68 28.14 29.27
CA SER E 227 -46.70 29.11 29.64
C SER E 227 -48.06 28.44 29.54
N MET E 228 -49.11 29.26 29.59
CA MET E 228 -50.48 28.77 29.57
C MET E 228 -50.94 28.30 28.20
N ALA E 229 -50.19 28.57 27.14
CA ALA E 229 -50.61 28.17 25.80
C ALA E 229 -50.16 26.76 25.44
N HIS E 230 -49.40 26.09 26.30
CA HIS E 230 -48.92 24.74 26.02
C HIS E 230 -49.15 23.82 27.21
N ASN E 231 -48.62 22.60 27.14
CA ASN E 231 -48.76 21.65 28.22
C ASN E 231 -47.96 22.11 29.45
N ARG E 232 -48.55 21.93 30.62
CA ARG E 232 -47.90 22.31 31.87
C ARG E 232 -48.08 21.20 32.90
N HIS E 233 -46.99 20.79 33.53
CA HIS E 233 -47.05 19.81 34.60
C HIS E 233 -45.85 19.98 35.51
N VAL E 234 -46.02 19.62 36.77
CA VAL E 234 -44.97 19.71 37.77
C VAL E 234 -44.83 18.34 38.42
N THR E 235 -43.72 17.67 38.15
CA THR E 235 -43.40 16.37 38.74
C THR E 235 -44.56 15.38 38.62
N GLY E 236 -45.20 15.37 37.45
CA GLY E 236 -46.14 14.32 37.13
C GLY E 236 -47.61 14.63 37.29
N VAL E 237 -47.98 15.87 37.64
CA VAL E 237 -49.38 16.25 37.75
C VAL E 237 -49.64 17.42 36.81
N THR E 238 -50.70 17.29 36.00
CA THR E 238 -51.01 18.31 35.01
C THR E 238 -51.81 19.44 35.60
N LEU E 239 -51.47 20.67 35.23
CA LEU E 239 -52.18 21.86 35.68
C LEU E 239 -53.05 22.38 34.54
N THR E 240 -54.37 22.42 34.78
CA THR E 240 -55.28 22.94 33.79
C THR E 240 -55.17 24.47 33.73
N PRO E 241 -55.55 25.08 32.60
CA PRO E 241 -55.51 26.54 32.53
C PRO E 241 -56.38 27.22 33.58
N GLN E 242 -57.47 26.57 34.01
CA GLN E 242 -58.30 27.16 35.06
C GLN E 242 -57.56 27.21 36.39
N GLY E 243 -56.64 26.27 36.63
CA GLY E 243 -55.88 26.25 37.86
C GLY E 243 -56.24 25.12 38.79
N ASN E 244 -56.54 23.95 38.24
CA ASN E 244 -56.91 22.79 39.04
C ASN E 244 -56.00 21.62 38.71
N LEU E 245 -55.64 20.85 39.72
CA LEU E 245 -54.83 19.66 39.51
C LEU E 245 -55.61 18.60 38.76
N SER E 246 -54.90 17.82 37.93
CA SER E 246 -55.53 16.81 37.12
C SER E 246 -54.55 15.69 36.85
N ILE E 247 -55.08 14.53 36.46
CA ILE E 247 -54.26 13.38 36.12
C ILE E 247 -54.02 13.26 34.61
N GLY E 248 -54.89 13.82 33.79
CA GLY E 248 -54.73 13.75 32.35
C GLY E 248 -55.89 13.07 31.66
N ARG E 249 -56.25 13.55 30.47
CA ARG E 249 -57.37 12.96 29.75
C ARG E 249 -57.06 11.54 29.30
N ASP E 250 -55.81 11.31 28.88
CA ASP E 250 -55.42 9.98 28.41
C ASP E 250 -55.55 8.94 29.51
N ARG E 251 -55.15 9.28 30.74
CA ARG E 251 -55.30 8.33 31.84
C ARG E 251 -56.76 8.13 32.23
N LYS E 252 -57.57 9.18 32.13
CA LYS E 252 -58.99 9.03 32.45
C LYS E 252 -59.65 8.06 31.50
N ARG E 253 -59.34 8.18 30.20
CA ARG E 253 -59.88 7.20 29.26
C ARG E 253 -59.17 5.87 29.39
N MET E 254 -57.95 5.84 29.95
CA MET E 254 -57.26 4.58 30.18
C MET E 254 -58.07 3.75 31.17
N LEU E 255 -58.51 4.39 32.25
CA LEU E 255 -59.20 3.69 33.33
C LEU E 255 -60.65 3.39 32.99
N PHE E 256 -61.32 4.30 32.27
CA PHE E 256 -62.74 4.08 32.01
C PHE E 256 -62.96 2.83 31.18
N ALA E 257 -62.12 2.62 30.17
CA ALA E 257 -62.26 1.44 29.36
C ALA E 257 -61.95 0.18 30.15
N LYS E 258 -60.98 0.26 31.08
CA LYS E 258 -60.64 -0.91 31.87
C LYS E 258 -61.83 -1.34 32.71
N ILE E 259 -62.50 -0.37 33.34
CA ILE E 259 -63.64 -0.72 34.18
C ILE E 259 -64.80 -1.23 33.32
N HIS E 260 -64.99 -0.62 32.14
CA HIS E 260 -66.07 -1.09 31.27
C HIS E 260 -65.83 -2.52 30.83
N LYS E 261 -64.58 -2.86 30.49
CA LYS E 261 -64.28 -4.24 30.13
C LYS E 261 -64.44 -5.16 31.33
N TYR E 262 -64.19 -4.64 32.54
CA TYR E 262 -64.36 -5.47 33.73
C TYR E 262 -65.84 -5.81 33.94
N SER E 263 -66.72 -4.88 33.60
CA SER E 263 -68.16 -5.14 33.78
C SER E 263 -68.63 -6.30 32.91
N LEU E 264 -67.95 -6.58 31.81
CA LEU E 264 -68.28 -7.70 30.95
C LEU E 264 -67.52 -8.97 31.31
N GLY E 265 -66.76 -8.95 32.39
CA GLY E 265 -66.00 -10.12 32.81
C GLY E 265 -64.90 -10.52 31.86
N LEU E 266 -64.13 -9.56 31.36
CA LEU E 266 -63.04 -9.83 30.43
C LEU E 266 -61.68 -9.40 30.99
N LEU E 267 -61.54 -9.31 32.30
CA LEU E 267 -60.30 -8.87 32.93
C LEU E 267 -59.68 -10.01 33.73
N SER E 268 -58.36 -10.06 33.74
CA SER E 268 -57.60 -11.10 34.41
C SER E 268 -57.41 -10.74 35.88
N SER E 269 -56.81 -11.68 36.63
CA SER E 269 -56.69 -11.53 38.08
C SER E 269 -55.74 -10.40 38.44
N GLU E 270 -54.55 -10.38 37.85
CA GLU E 270 -53.55 -9.39 38.22
C GLU E 270 -53.90 -7.99 37.70
N GLU E 271 -54.72 -7.90 36.66
CA GLU E 271 -55.10 -6.60 36.14
C GLU E 271 -56.02 -5.84 37.10
N ILE E 272 -56.86 -6.56 37.83
CA ILE E 272 -57.70 -5.93 38.85
C ILE E 272 -56.83 -5.30 39.93
N ASN E 273 -55.84 -6.05 40.41
CA ASN E 273 -54.96 -5.52 41.45
C ASN E 273 -54.16 -4.35 40.91
N LYS E 274 -53.71 -4.45 39.66
CA LYS E 274 -52.91 -3.38 39.07
C LYS E 274 -53.73 -2.09 38.95
N THR E 275 -54.98 -2.21 38.51
CA THR E 275 -55.82 -1.03 38.32
C THR E 275 -56.32 -0.43 39.63
N LYS E 276 -56.52 -1.25 40.66
CA LYS E 276 -57.05 -0.71 41.92
C LYS E 276 -56.11 0.33 42.53
N GLY E 277 -54.80 0.11 42.42
CA GLY E 277 -53.88 1.10 42.96
C GLY E 277 -53.95 2.40 42.19
N MET E 278 -54.12 2.32 40.87
CA MET E 278 -54.17 3.54 40.08
C MET E 278 -55.43 4.32 40.44
N ILE E 279 -56.53 3.60 40.68
CA ILE E 279 -57.77 4.27 41.04
C ILE E 279 -57.58 4.99 42.36
N ALA E 280 -56.94 4.33 43.33
CA ALA E 280 -56.75 4.96 44.64
C ALA E 280 -55.88 6.20 44.53
N PHE E 281 -54.81 6.14 43.73
CA PHE E 281 -53.95 7.30 43.57
C PHE E 281 -54.70 8.44 42.89
N ALA E 282 -55.48 8.14 41.86
CA ALA E 282 -56.21 9.19 41.17
C ALA E 282 -57.22 9.83 42.12
N ASN E 283 -57.90 9.01 42.93
CA ASN E 283 -58.86 9.56 43.87
C ASN E 283 -58.17 10.44 44.88
N TYR E 284 -56.92 10.12 45.22
CA TYR E 284 -56.18 10.96 46.14
C TYR E 284 -55.88 12.31 45.52
N LEU E 285 -55.52 12.32 44.23
CA LEU E 285 -55.17 13.59 43.60
C LEU E 285 -56.39 14.45 43.36
N GLU E 286 -57.48 13.87 42.86
CA GLU E 286 -58.67 14.63 42.51
C GLU E 286 -59.60 14.84 43.69
N GLY E 287 -60.00 13.76 44.36
CA GLY E 287 -60.94 13.82 45.45
C GLY E 287 -62.37 13.55 45.05
N ASP E 288 -62.67 13.45 43.76
CA ASP E 288 -64.04 13.20 43.32
C ASP E 288 -64.09 12.18 42.18
N PHE E 289 -63.02 11.43 41.96
CA PHE E 289 -63.01 10.45 40.87
C PHE E 289 -64.01 9.33 41.11
N LEU E 290 -64.12 8.86 42.35
CA LEU E 290 -65.05 7.78 42.64
C LEU E 290 -66.49 8.22 42.44
N LEU E 291 -66.81 9.47 42.79
CA LEU E 291 -68.17 9.95 42.59
C LEU E 291 -68.52 9.94 41.12
N ARG E 292 -67.59 10.39 40.26
CA ARG E 292 -67.86 10.38 38.83
C ARG E 292 -67.98 8.95 38.31
N LEU E 293 -67.30 8.01 38.95
CA LEU E 293 -67.39 6.63 38.48
C LEU E 293 -68.74 6.02 38.87
N GLN E 294 -69.20 6.31 40.08
CA GLN E 294 -70.49 5.78 40.54
C GLN E 294 -71.64 6.42 39.79
N LYS E 295 -71.51 7.68 39.38
CA LYS E 295 -72.58 8.33 38.65
C LYS E 295 -72.76 7.75 37.26
N LYS E 296 -71.82 6.94 36.80
CA LYS E 296 -71.88 6.35 35.46
C LYS E 296 -72.16 4.86 35.49
N TYR E 297 -71.47 4.10 36.34
CA TYR E 297 -71.65 2.65 36.35
C TYR E 297 -72.51 2.14 37.51
N GLY E 298 -72.86 2.97 38.48
CA GLY E 298 -73.66 2.47 39.58
C GLY E 298 -72.81 2.04 40.76
N CYS E 299 -73.40 2.14 41.95
CA CYS E 299 -72.64 1.83 43.15
C CYS E 299 -72.45 0.33 43.37
N GLU E 300 -73.39 -0.51 42.90
CA GLU E 300 -73.27 -1.94 43.15
C GLU E 300 -72.05 -2.53 42.47
N LEU E 301 -71.82 -2.16 41.21
CA LEU E 301 -70.71 -2.76 40.49
C LEU E 301 -69.39 -2.26 41.06
N ILE E 302 -69.32 -0.98 41.39
CA ILE E 302 -68.06 -0.43 41.88
C ILE E 302 -67.72 -1.06 43.22
N THR E 303 -68.73 -1.19 44.09
CA THR E 303 -68.48 -1.76 45.41
C THR E 303 -68.02 -3.21 45.30
N LYS E 304 -68.63 -3.96 44.37
CA LYS E 304 -68.20 -5.33 44.14
C LYS E 304 -66.76 -5.37 43.63
N PHE E 305 -66.42 -4.45 42.72
CA PHE E 305 -65.05 -4.43 42.20
C PHE E 305 -64.06 -4.09 43.31
N LEU E 306 -64.41 -3.13 44.16
CA LEU E 306 -63.53 -2.71 45.23
C LEU E 306 -63.28 -3.84 46.21
N MET E 307 -64.32 -4.60 46.54
CA MET E 307 -64.16 -5.70 47.48
C MET E 307 -63.67 -6.99 46.82
N GLU E 308 -63.52 -6.99 45.49
CA GLU E 308 -63.08 -8.19 44.79
C GLU E 308 -61.64 -8.52 45.17
N GLY E 309 -61.37 -9.80 45.38
CA GLY E 309 -60.05 -10.26 45.75
C GLY E 309 -59.74 -10.05 47.22
N MET F 1 34.37 -54.84 -15.12
CA MET F 1 35.36 -55.29 -16.09
C MET F 1 35.03 -56.70 -16.58
N LYS F 2 35.48 -57.02 -17.78
CA LYS F 2 35.26 -58.33 -18.37
C LYS F 2 36.55 -58.80 -19.04
N TYR F 3 36.77 -60.11 -19.00
CA TYR F 3 37.96 -60.67 -19.62
C TYR F 3 37.91 -60.49 -21.12
N LEU F 4 39.02 -60.06 -21.70
CA LEU F 4 39.11 -59.78 -23.14
C LEU F 4 39.90 -60.88 -23.84
N SER F 5 39.30 -61.45 -24.87
CA SER F 5 39.93 -62.48 -25.68
C SER F 5 40.56 -61.81 -26.90
N ARG F 6 41.84 -61.49 -26.78
CA ARG F 6 42.56 -60.83 -27.86
C ARG F 6 42.68 -61.76 -29.06
N GLN F 7 42.43 -61.23 -30.25
CA GLN F 7 42.52 -62.00 -31.47
C GLN F 7 43.93 -61.87 -32.05
N MET F 8 44.13 -62.42 -33.25
CA MET F 8 45.44 -62.31 -33.90
C MET F 8 45.79 -60.84 -34.11
N PRO F 9 47.06 -60.48 -34.00
CA PRO F 9 47.43 -59.05 -34.08
C PRO F 9 47.07 -58.45 -35.43
N GLY F 10 46.61 -57.21 -35.39
CA GLY F 10 46.26 -56.49 -36.60
C GLY F 10 46.86 -55.10 -36.66
N PRO F 11 48.14 -54.95 -36.28
CA PRO F 11 48.70 -53.60 -36.12
C PRO F 11 48.66 -52.78 -37.41
N SER F 12 48.89 -53.41 -38.56
CA SER F 12 48.83 -52.74 -39.85
C SER F 12 49.81 -51.58 -39.89
N VAL F 13 49.29 -50.35 -39.94
CA VAL F 13 50.17 -49.18 -40.05
C VAL F 13 51.03 -49.04 -38.81
N LEU F 14 50.62 -49.66 -37.71
CA LEU F 14 51.40 -49.60 -36.48
C LEU F 14 52.76 -50.26 -36.71
N ASN F 15 52.78 -51.34 -37.47
CA ASN F 15 54.04 -51.99 -37.79
C ASN F 15 54.92 -51.05 -38.61
N LYS F 16 54.32 -50.28 -39.52
CA LYS F 16 55.10 -49.36 -40.33
C LYS F 16 55.71 -48.25 -39.48
N PHE F 17 55.08 -47.89 -38.37
CA PHE F 17 55.62 -46.88 -37.48
C PHE F 17 56.91 -47.37 -36.83
N ASP F 18 57.78 -46.42 -36.49
CA ASP F 18 59.09 -46.73 -35.92
C ASP F 18 59.20 -46.11 -34.53
N TYR F 19 59.88 -46.82 -33.64
CA TYR F 19 60.11 -46.28 -32.29
C TYR F 19 60.95 -45.01 -32.36
N ARG F 20 62.02 -45.03 -33.15
CA ARG F 20 62.90 -43.86 -33.23
C ARG F 20 62.18 -42.64 -33.76
N ARG F 21 61.26 -42.85 -34.72
CA ARG F 21 60.47 -41.74 -35.24
C ARG F 21 59.59 -41.14 -34.17
N ASP F 22 58.96 -41.99 -33.36
CA ASP F 22 58.03 -41.57 -32.29
C ASP F 22 56.92 -40.76 -32.94
N ASP F 23 56.60 -39.55 -32.45
CA ASP F 23 55.59 -38.67 -33.05
C ASP F 23 54.24 -39.37 -33.15
N TRP F 24 53.68 -39.65 -31.97
CA TRP F 24 52.36 -40.28 -31.89
C TRP F 24 51.30 -39.43 -32.60
N ASN F 25 51.42 -38.11 -32.49
CA ASN F 25 50.46 -37.22 -33.14
C ASN F 25 50.57 -37.26 -34.66
N SER F 26 51.68 -37.77 -35.20
CA SER F 26 51.87 -37.80 -36.64
C SER F 26 50.98 -38.83 -37.34
N LEU F 27 50.31 -39.71 -36.59
CA LEU F 27 49.42 -40.68 -37.20
C LEU F 27 48.25 -39.98 -37.91
N SER F 28 47.98 -40.43 -39.13
CA SER F 28 46.91 -39.83 -39.93
C SER F 28 45.55 -40.39 -39.53
N SER F 29 44.50 -39.79 -40.09
CA SER F 29 43.15 -40.25 -39.78
C SER F 29 42.89 -41.65 -40.33
N ASN F 30 43.54 -42.01 -41.44
CA ASN F 30 43.33 -43.34 -42.02
C ASN F 30 43.81 -44.42 -41.06
N ASP F 31 44.96 -44.21 -40.43
CA ASP F 31 45.45 -45.19 -39.47
C ASP F 31 44.52 -45.27 -38.27
N LYS F 32 44.00 -44.13 -37.80
CA LYS F 32 43.11 -44.16 -36.65
C LYS F 32 41.85 -44.94 -36.99
N LYS F 33 41.32 -44.75 -38.20
CA LYS F 33 40.14 -45.50 -38.62
C LYS F 33 40.42 -46.98 -38.69
N GLU F 34 41.60 -47.35 -39.20
CA GLU F 34 41.95 -48.76 -39.27
C GLU F 34 42.08 -49.36 -37.88
N ILE F 35 42.65 -48.61 -36.94
CA ILE F 35 42.78 -49.11 -35.58
C ILE F 35 41.41 -49.31 -34.97
N TRP F 36 40.51 -48.32 -35.15
CA TRP F 36 39.18 -48.40 -34.59
C TRP F 36 38.39 -49.56 -35.16
N GLU F 37 38.68 -49.94 -36.42
CA GLU F 37 37.96 -51.06 -37.01
C GLU F 37 38.21 -52.34 -36.23
N GLU F 38 39.46 -52.60 -35.85
CA GLU F 38 39.77 -53.78 -35.06
C GLU F 38 39.33 -53.60 -33.61
N ILE F 39 39.51 -52.41 -33.06
CA ILE F 39 39.20 -52.17 -31.65
C ILE F 39 37.73 -52.42 -31.38
N ILE F 40 36.85 -51.93 -32.25
CA ILE F 40 35.42 -52.14 -32.05
C ILE F 40 35.11 -53.64 -32.12
N LYS F 41 35.78 -54.35 -33.01
CA LYS F 41 35.53 -55.78 -33.17
C LYS F 41 35.90 -56.54 -31.90
N MET F 42 37.06 -56.24 -31.33
CA MET F 42 37.49 -56.95 -30.13
C MET F 42 36.73 -56.51 -28.89
N GLN F 43 36.52 -55.21 -28.72
CA GLN F 43 35.97 -54.63 -27.51
C GLN F 43 34.44 -54.60 -27.49
N GLY F 44 33.78 -54.97 -28.58
CA GLY F 44 32.35 -54.76 -28.64
C GLY F 44 32.04 -53.27 -28.74
N LYS F 45 30.87 -52.88 -28.23
CA LYS F 45 30.46 -51.49 -28.20
C LYS F 45 30.47 -50.92 -26.78
N LEU F 46 31.36 -51.41 -25.92
CA LEU F 46 31.39 -51.00 -24.52
C LEU F 46 32.78 -50.53 -24.13
N CYS F 47 32.83 -49.63 -23.16
CA CYS F 47 34.09 -49.16 -22.63
C CYS F 47 34.80 -50.30 -21.89
N ALA F 48 36.13 -50.28 -21.94
CA ALA F 48 36.90 -51.34 -21.30
C ALA F 48 36.76 -51.28 -19.78
N TYR F 49 36.76 -50.09 -19.21
CA TYR F 49 36.83 -49.92 -17.76
C TYR F 49 35.45 -49.80 -17.13
N CYS F 50 34.68 -48.81 -17.53
CA CYS F 50 33.37 -48.54 -16.94
C CYS F 50 32.22 -49.23 -17.68
N GLU F 51 32.48 -49.83 -18.84
CA GLU F 51 31.49 -50.58 -19.61
C GLU F 51 30.29 -49.73 -20.02
N LYS F 52 30.44 -48.41 -20.06
CA LYS F 52 29.42 -47.56 -20.66
C LYS F 52 29.49 -47.67 -22.17
N LYS F 53 28.31 -47.71 -22.81
CA LYS F 53 28.26 -47.86 -24.26
C LYS F 53 29.03 -46.73 -24.94
N ILE F 54 29.88 -47.10 -25.88
CA ILE F 54 30.76 -46.14 -26.54
C ILE F 54 30.35 -45.85 -27.98
N GLU F 55 29.82 -46.84 -28.70
CA GLU F 55 29.37 -46.65 -30.07
C GLU F 55 27.90 -47.00 -30.17
N HIS F 56 27.10 -46.09 -30.71
CA HIS F 56 25.67 -46.30 -30.87
C HIS F 56 25.35 -46.69 -32.31
N HIS F 57 24.29 -47.47 -32.46
CA HIS F 57 23.87 -47.93 -33.78
C HIS F 57 23.46 -46.76 -34.66
N LYS F 58 23.96 -46.76 -35.89
CA LYS F 58 23.66 -45.68 -36.83
C LYS F 58 22.28 -45.87 -37.46
N GLY F 61 24.20 -37.92 -36.54
CA GLY F 61 24.16 -36.47 -36.61
C GLY F 61 25.28 -35.80 -35.83
N LYS F 62 25.63 -36.40 -34.70
CA LYS F 62 26.69 -35.88 -33.84
C LYS F 62 27.60 -37.02 -33.42
N ASN F 63 28.86 -36.67 -33.11
CA ASN F 63 29.85 -37.65 -32.67
C ASN F 63 29.65 -37.92 -31.18
N LYS F 64 28.53 -38.57 -30.88
CA LYS F 64 28.17 -38.87 -29.50
C LYS F 64 29.12 -39.89 -28.90
N VAL F 65 29.29 -39.79 -27.58
CA VAL F 65 30.18 -40.67 -26.82
C VAL F 65 31.58 -40.60 -27.38
N GLU F 66 32.23 -39.44 -27.24
CA GLU F 66 33.59 -39.28 -27.73
C GLU F 66 34.52 -40.31 -27.10
N ARG F 67 35.33 -40.96 -27.93
CA ARG F 67 36.22 -42.03 -27.50
C ARG F 67 37.66 -41.63 -27.79
N HIS F 68 38.55 -41.92 -26.84
CA HIS F 68 39.97 -41.67 -27.03
C HIS F 68 40.77 -42.94 -26.81
N ILE F 69 41.78 -43.14 -27.66
CA ILE F 69 42.64 -44.31 -27.55
C ILE F 69 43.59 -44.12 -26.37
N GLU F 70 43.63 -45.11 -25.48
CA GLU F 70 44.41 -45.03 -24.26
C GLU F 70 45.44 -46.16 -24.20
N HIS F 71 46.62 -45.83 -23.70
CA HIS F 71 47.69 -46.80 -23.48
C HIS F 71 47.63 -47.28 -22.04
N PHE F 72 47.84 -48.59 -21.85
CA PHE F 72 47.72 -49.16 -20.51
C PHE F 72 48.77 -48.58 -19.57
N TYR F 73 50.00 -48.40 -20.05
CA TYR F 73 51.10 -47.91 -19.26
C TYR F 73 51.43 -46.46 -19.62
N ARG F 74 52.10 -45.78 -18.69
CA ARG F 74 52.48 -44.40 -18.92
C ARG F 74 53.50 -44.30 -20.04
N LYS F 75 53.37 -43.25 -20.86
CA LYS F 75 54.28 -43.07 -21.99
C LYS F 75 55.69 -42.67 -21.56
N SER F 76 55.82 -41.92 -20.46
CA SER F 76 57.13 -41.35 -20.12
C SER F 76 58.16 -42.44 -19.82
N TYR F 77 57.79 -43.41 -18.98
CA TYR F 77 58.76 -44.36 -18.45
C TYR F 77 58.63 -45.75 -19.05
N TYR F 78 57.59 -46.01 -19.84
CA TYR F 78 57.54 -47.18 -20.71
C TYR F 78 57.50 -46.71 -22.16
N LYS F 79 58.40 -45.78 -22.51
CA LYS F 79 58.44 -45.24 -23.87
C LYS F 79 58.67 -46.32 -24.91
N ASN F 80 59.31 -47.44 -24.52
CA ASN F 80 59.58 -48.51 -25.47
C ASN F 80 58.29 -49.16 -25.96
N LEU F 81 57.17 -48.96 -25.26
CA LEU F 81 55.90 -49.54 -25.65
C LEU F 81 54.93 -48.47 -26.17
N THR F 82 55.46 -47.41 -26.77
CA THR F 82 54.61 -46.36 -27.31
C THR F 82 53.74 -46.88 -28.44
N PHE F 83 54.30 -47.68 -29.33
CA PHE F 83 53.58 -48.26 -30.46
C PHE F 83 53.33 -49.76 -30.27
N GLU F 84 53.50 -50.27 -29.05
CA GLU F 84 53.28 -51.69 -28.81
C GLU F 84 51.81 -52.03 -29.03
N TRP F 85 51.58 -53.16 -29.69
CA TRP F 85 50.21 -53.57 -30.02
C TRP F 85 49.41 -53.90 -28.76
N SER F 86 50.02 -54.60 -27.81
CA SER F 86 49.30 -55.04 -26.61
C SER F 86 48.97 -53.89 -25.66
N ASN F 87 49.51 -52.70 -25.88
CA ASN F 87 49.26 -51.56 -25.01
C ASN F 87 48.10 -50.70 -25.46
N LEU F 88 47.40 -51.09 -26.52
CA LEU F 88 46.30 -50.30 -27.07
C LEU F 88 44.98 -50.65 -26.39
N PHE F 89 44.19 -49.62 -26.07
CA PHE F 89 42.89 -49.83 -25.45
C PHE F 89 41.98 -48.68 -25.87
N GLY F 90 40.68 -48.93 -25.78
CA GLY F 90 39.71 -47.90 -26.12
C GLY F 90 38.90 -47.47 -24.92
N SER F 91 38.87 -46.16 -24.66
CA SER F 91 38.21 -45.63 -23.47
C SER F 91 37.26 -44.51 -23.85
N CYS F 92 36.25 -44.32 -23.02
CA CYS F 92 35.25 -43.28 -23.24
C CYS F 92 35.82 -41.90 -22.92
N GLY F 93 34.99 -40.89 -23.15
CA GLY F 93 35.41 -39.51 -22.97
C GLY F 93 34.95 -38.88 -21.67
N GLU F 94 34.59 -39.69 -20.69
CA GLU F 94 34.14 -39.15 -19.42
C GLU F 94 35.31 -38.45 -18.71
N PRO F 95 35.14 -37.19 -18.30
CA PRO F 95 36.26 -36.44 -17.73
C PRO F 95 36.51 -36.70 -16.26
N GLN F 96 35.79 -37.62 -15.63
CA GLN F 96 35.97 -37.90 -14.22
C GLN F 96 36.32 -39.35 -13.92
N ARG F 97 36.52 -40.17 -14.95
CA ARG F 97 36.86 -41.57 -14.72
C ARG F 97 37.56 -42.11 -15.96
N CYS F 98 38.02 -43.36 -15.87
CA CYS F 98 38.64 -44.13 -16.95
C CYS F 98 39.95 -43.44 -17.33
N GLY F 99 40.23 -43.22 -18.61
CA GLY F 99 41.54 -42.75 -19.02
C GLY F 99 41.82 -41.35 -18.51
N PHE F 100 40.82 -40.47 -18.61
CA PHE F 100 41.04 -39.08 -18.27
C PHE F 100 41.30 -38.92 -16.78
N TYR F 101 41.07 -39.98 -16.00
CA TYR F 101 41.29 -39.93 -14.57
C TYR F 101 42.47 -40.78 -14.14
N LYS F 102 42.92 -41.70 -14.98
CA LYS F 102 44.02 -42.57 -14.59
C LYS F 102 45.33 -41.79 -14.47
N ASP F 103 45.56 -40.85 -15.39
CA ASP F 103 46.84 -40.17 -15.48
C ASP F 103 47.04 -39.07 -14.44
N LYS F 104 46.02 -38.75 -13.63
CA LYS F 104 46.12 -37.65 -12.70
C LYS F 104 46.65 -38.04 -11.33
N GLN F 105 47.03 -39.29 -11.13
CA GLN F 105 47.51 -39.76 -9.83
C GLN F 105 48.81 -40.52 -9.97
N LYS F 106 49.50 -40.68 -8.85
CA LYS F 106 50.73 -41.43 -8.75
C LYS F 106 50.43 -42.78 -8.12
N TYR F 107 50.95 -43.85 -8.71
CA TYR F 107 50.61 -45.19 -8.27
C TYR F 107 51.67 -46.19 -8.73
N ASN F 108 51.65 -47.36 -8.10
CA ASN F 108 52.54 -48.45 -8.45
C ASN F 108 52.02 -49.18 -9.69
N ASP F 109 52.90 -49.37 -10.67
CA ASP F 109 52.50 -49.97 -11.94
C ASP F 109 52.37 -51.48 -11.89
N ASP F 110 52.78 -52.12 -10.79
CA ASP F 110 52.74 -53.56 -10.70
C ASP F 110 51.49 -54.08 -10.00
N ASP F 111 50.55 -53.21 -9.65
CA ASP F 111 49.36 -53.61 -8.92
C ASP F 111 48.10 -53.22 -9.67
N LEU F 112 48.08 -53.44 -10.98
CA LEU F 112 46.93 -53.11 -11.82
C LEU F 112 46.41 -54.35 -12.51
N ILE F 113 45.09 -54.47 -12.57
CA ILE F 113 44.45 -55.60 -13.23
C ILE F 113 44.35 -55.31 -14.72
N LYS F 114 44.77 -56.26 -15.55
CA LYS F 114 44.66 -56.14 -16.99
C LYS F 114 43.55 -57.06 -17.48
N ALA F 115 42.63 -56.52 -18.28
CA ALA F 115 41.49 -57.31 -18.74
C ALA F 115 41.91 -58.45 -19.66
N ASP F 116 43.07 -58.36 -20.30
CA ASP F 116 43.53 -59.39 -21.22
C ASP F 116 44.43 -60.42 -20.54
N ARG F 117 44.69 -60.29 -19.25
CA ARG F 117 45.59 -61.20 -18.54
C ARG F 117 44.87 -62.04 -17.50
N GLN F 118 44.19 -61.41 -16.56
CA GLN F 118 43.52 -62.12 -15.48
C GLN F 118 42.03 -61.84 -15.48
N ASN F 119 41.25 -62.81 -15.04
CA ASN F 119 39.81 -62.67 -15.01
C ASN F 119 39.38 -61.77 -13.86
N PRO F 120 38.69 -60.65 -14.13
CA PRO F 120 38.25 -59.77 -13.04
C PRO F 120 37.23 -60.42 -12.12
N ASP F 121 36.55 -61.48 -12.54
CA ASP F 121 35.52 -62.10 -11.72
C ASP F 121 36.07 -62.69 -10.43
N VAL F 122 37.38 -62.97 -10.37
CA VAL F 122 37.96 -63.54 -9.17
C VAL F 122 37.96 -62.53 -8.03
N PHE F 123 38.17 -61.25 -8.34
CA PHE F 123 38.34 -60.23 -7.33
C PHE F 123 37.02 -59.57 -6.93
N PHE F 124 36.25 -59.10 -7.90
CA PHE F 124 35.10 -58.23 -7.66
C PHE F 124 33.81 -59.04 -7.56
N HIS F 125 32.81 -58.43 -6.93
CA HIS F 125 31.48 -59.02 -6.80
C HIS F 125 30.47 -57.89 -6.71
N PHE F 126 29.63 -57.75 -7.72
CA PHE F 126 28.71 -56.63 -7.76
C PHE F 126 27.47 -56.92 -6.93
N LEU F 127 26.75 -55.85 -6.59
CA LEU F 127 25.56 -55.92 -5.77
C LEU F 127 24.37 -55.32 -6.51
N GLU F 128 23.17 -55.63 -6.02
CA GLU F 128 21.95 -55.15 -6.67
C GLU F 128 21.86 -53.63 -6.58
N ASN F 129 22.25 -53.05 -5.44
CA ASN F 129 22.15 -51.62 -5.26
C ASN F 129 23.19 -50.85 -6.08
N GLY F 130 24.13 -51.54 -6.70
CA GLY F 130 25.13 -50.91 -7.55
C GLY F 130 26.51 -50.77 -6.96
N ASP F 131 26.75 -51.30 -5.77
CA ASP F 131 28.06 -51.22 -5.13
C ASP F 131 28.97 -52.36 -5.58
N VAL F 132 30.24 -52.22 -5.27
CA VAL F 132 31.28 -53.21 -5.58
C VAL F 132 31.82 -53.76 -4.27
N HIS F 133 31.83 -55.09 -4.13
CA HIS F 133 32.31 -55.75 -2.94
C HIS F 133 33.47 -56.66 -3.28
N ILE F 134 34.58 -56.50 -2.56
CA ILE F 134 35.76 -57.32 -2.79
C ILE F 134 35.54 -58.67 -2.14
N ARG F 135 35.79 -59.74 -2.89
CA ARG F 135 35.61 -61.08 -2.36
C ARG F 135 36.61 -61.36 -1.26
N GLU F 136 36.19 -62.20 -0.31
CA GLU F 136 37.04 -62.56 0.81
C GLU F 136 37.84 -63.82 0.50
N GLY F 137 38.84 -64.08 1.36
CA GLY F 137 39.69 -65.24 1.22
C GLY F 137 40.94 -65.02 0.40
N LEU F 138 41.06 -63.87 -0.27
CA LEU F 138 42.27 -63.58 -1.04
C LEU F 138 43.43 -63.27 -0.11
N ASN F 139 44.64 -63.45 -0.64
CA ASN F 139 45.86 -63.17 0.12
C ASN F 139 46.11 -61.66 0.15
N GLU F 140 47.26 -61.26 0.69
CA GLU F 140 47.54 -59.85 0.88
C GLU F 140 47.74 -59.13 -0.45
N LYS F 141 48.52 -59.72 -1.37
CA LYS F 141 48.88 -59.02 -2.59
C LYS F 141 47.66 -58.83 -3.49
N GLU F 142 46.78 -59.84 -3.57
CA GLU F 142 45.59 -59.70 -4.41
C GLU F 142 44.64 -58.67 -3.80
N HIS F 143 44.50 -58.67 -2.49
CA HIS F 143 43.63 -57.69 -1.84
C HIS F 143 44.15 -56.29 -2.06
N LYS F 144 45.47 -56.09 -1.97
CA LYS F 144 46.04 -54.78 -2.27
C LYS F 144 45.82 -54.39 -3.72
N MET F 145 45.96 -55.35 -4.64
CA MET F 145 45.75 -55.07 -6.06
C MET F 145 44.33 -54.61 -6.31
N ALA F 146 43.35 -55.30 -5.70
CA ALA F 146 41.97 -54.95 -5.96
C ALA F 146 41.63 -53.65 -5.25
N GLU F 147 42.30 -53.36 -4.13
CA GLU F 147 42.01 -52.14 -3.41
C GLU F 147 42.49 -50.94 -4.20
N VAL F 148 43.63 -51.10 -4.89
CA VAL F 148 44.22 -49.95 -5.55
C VAL F 148 43.60 -49.73 -6.94
N THR F 149 43.21 -50.79 -7.65
CA THR F 149 42.70 -50.57 -9.01
C THR F 149 41.40 -49.79 -9.00
N LEU F 150 40.53 -50.05 -8.01
CA LEU F 150 39.30 -49.28 -7.91
C LEU F 150 39.58 -47.85 -7.49
N ARG F 151 40.60 -47.64 -6.65
CA ARG F 151 40.91 -46.29 -6.21
C ARG F 151 41.40 -45.47 -7.38
N VAL F 152 42.28 -46.04 -8.20
CA VAL F 152 42.85 -45.28 -9.31
C VAL F 152 41.79 -45.04 -10.39
N PHE F 153 40.95 -46.04 -10.66
CA PHE F 153 39.97 -45.89 -11.74
C PHE F 153 38.67 -45.20 -11.30
N ASN F 154 38.51 -44.91 -10.00
CA ASN F 154 37.32 -44.24 -9.48
C ASN F 154 36.04 -44.98 -9.83
N LEU F 155 36.07 -46.30 -9.70
CA LEU F 155 34.92 -47.14 -9.98
C LEU F 155 34.06 -47.40 -8.76
N ASN F 156 34.44 -46.89 -7.59
CA ASN F 156 33.71 -47.10 -6.34
C ASN F 156 33.51 -45.77 -5.64
N PRO F 157 32.60 -44.93 -6.15
CA PRO F 157 32.35 -43.63 -5.51
C PRO F 157 31.37 -43.79 -4.35
N SER F 158 31.29 -42.73 -3.55
CA SER F 158 30.37 -42.72 -2.42
C SER F 158 28.92 -42.70 -2.88
N SER F 159 28.59 -41.86 -3.85
CA SER F 159 27.24 -41.78 -4.38
C SER F 159 27.29 -41.15 -5.76
N GLY F 160 26.23 -41.40 -6.54
CA GLY F 160 26.19 -40.85 -7.88
C GLY F 160 27.25 -41.46 -8.78
N GLY F 161 27.67 -40.68 -9.77
CA GLY F 161 28.68 -41.15 -10.70
C GLY F 161 28.22 -42.38 -11.45
N VAL F 162 29.08 -43.38 -11.51
CA VAL F 162 28.73 -44.62 -12.20
C VAL F 162 27.81 -45.52 -11.36
N LYS F 163 27.75 -45.32 -10.05
CA LYS F 163 26.90 -46.14 -9.21
C LYS F 163 25.42 -45.93 -9.55
N ALA F 164 25.01 -44.69 -9.75
CA ALA F 164 23.60 -44.43 -10.08
C ALA F 164 23.22 -45.07 -11.41
N GLU F 165 24.11 -44.96 -12.41
CA GLU F 165 23.82 -45.54 -13.71
C GLU F 165 23.75 -47.06 -13.60
N ARG F 166 24.67 -47.66 -12.83
CA ARG F 166 24.66 -49.11 -12.71
C ARG F 166 23.39 -49.58 -12.02
N ARG F 167 22.96 -48.84 -10.99
CA ARG F 167 21.75 -49.24 -10.28
C ARG F 167 20.54 -49.15 -11.20
N ARG F 168 20.46 -48.08 -12.00
CA ARG F 168 19.32 -47.93 -12.89
C ARG F 168 19.30 -49.05 -13.93
N ALA F 169 20.47 -49.41 -14.46
CA ALA F 169 20.52 -50.47 -15.45
C ALA F 169 20.12 -51.80 -14.83
N ILE F 170 20.52 -52.03 -13.57
CA ILE F 170 20.19 -53.29 -12.91
C ILE F 170 18.69 -53.37 -12.69
N GLU F 171 18.09 -52.30 -12.19
CA GLU F 171 16.68 -52.30 -11.87
C GLU F 171 15.80 -52.37 -13.11
N LEU F 172 16.29 -51.92 -14.26
CA LEU F 172 15.47 -52.03 -15.48
C LEU F 172 15.33 -53.47 -15.94
N SER F 173 16.38 -54.28 -15.79
CA SER F 173 16.39 -55.67 -16.23
C SER F 173 15.93 -56.68 -15.17
N MET F 174 15.50 -56.22 -13.99
CA MET F 174 15.09 -57.16 -12.94
C MET F 174 13.82 -57.91 -13.27
N THR F 175 12.95 -57.36 -14.13
CA THR F 175 11.71 -58.06 -14.48
C THR F 175 11.98 -59.38 -15.20
N LEU F 176 12.93 -59.38 -16.13
CA LEU F 176 13.26 -60.62 -16.83
C LEU F 176 13.84 -61.64 -15.87
N ILE F 177 14.70 -61.22 -14.95
CA ILE F 177 15.31 -62.16 -14.02
C ILE F 177 14.25 -62.77 -13.13
N LYS F 178 13.33 -61.94 -12.62
CA LYS F 178 12.29 -62.45 -11.75
C LYS F 178 11.40 -63.45 -12.47
N GLU F 179 11.07 -63.17 -13.73
CA GLU F 179 10.20 -64.10 -14.44
C GLU F 179 10.95 -65.40 -14.71
N LEU F 180 12.21 -65.33 -15.11
CA LEU F 180 12.95 -66.54 -15.43
C LEU F 180 13.07 -67.43 -14.20
N VAL F 181 13.36 -66.84 -13.05
CA VAL F 181 13.44 -67.68 -11.87
C VAL F 181 12.05 -68.16 -11.46
N GLY F 182 11.00 -67.43 -11.88
CA GLY F 182 9.66 -67.89 -11.58
C GLY F 182 9.35 -69.17 -12.32
N CYS F 183 9.74 -69.22 -13.60
CA CYS F 183 9.52 -70.43 -14.38
C CYS F 183 10.39 -71.56 -13.85
N ALA F 184 11.64 -71.24 -13.51
CA ALA F 184 12.57 -72.24 -12.99
C ALA F 184 11.95 -72.95 -11.81
N SER F 185 11.54 -72.18 -10.79
CA SER F 185 10.90 -72.74 -9.61
C SER F 185 9.84 -73.77 -9.98
N GLN F 186 8.91 -73.38 -10.85
CA GLN F 186 7.85 -74.27 -11.33
C GLN F 186 8.46 -75.58 -11.79
N LEU F 187 9.24 -75.51 -12.87
CA LEU F 187 9.91 -76.68 -13.44
C LEU F 187 10.46 -77.61 -12.35
N ILE F 188 11.38 -77.07 -11.53
CA ILE F 188 11.99 -77.82 -10.43
C ILE F 188 10.92 -78.54 -9.64
N GLU F 189 10.05 -77.77 -8.96
CA GLU F 189 8.98 -78.35 -8.16
C GLU F 189 8.27 -79.49 -8.90
N SER F 190 7.67 -79.18 -10.06
CA SER F 190 6.96 -80.17 -10.85
C SER F 190 7.75 -81.47 -10.96
N GLY F 191 9.05 -81.36 -11.24
CA GLY F 191 9.88 -82.55 -11.34
C GLY F 191 10.56 -82.74 -12.68
N CYS F 192 11.69 -82.08 -12.88
CA CYS F 192 12.43 -82.20 -14.12
C CYS F 192 13.93 -82.16 -13.83
N GLU F 193 14.69 -82.89 -14.66
CA GLU F 193 16.14 -82.98 -14.56
C GLU F 193 16.77 -81.61 -14.33
N ILE F 194 17.21 -81.35 -13.09
CA ILE F 194 17.84 -80.10 -12.69
C ILE F 194 18.84 -79.61 -13.73
N GLU F 195 19.81 -80.47 -14.08
CA GLU F 195 20.82 -80.15 -15.08
C GLU F 195 20.24 -79.46 -16.32
N ASP F 196 19.30 -80.14 -16.98
CA ASP F 196 18.63 -79.59 -18.16
C ASP F 196 18.14 -78.17 -17.91
N VAL F 197 17.23 -78.03 -16.96
CA VAL F 197 16.66 -76.74 -16.55
C VAL F 197 17.77 -75.70 -16.48
N ARG F 198 18.75 -75.95 -15.62
CA ARG F 198 19.90 -75.08 -15.44
C ARG F 198 20.44 -74.64 -16.79
N SER F 199 20.99 -75.61 -17.53
CA SER F 199 21.56 -75.38 -18.85
C SER F 199 20.75 -74.35 -19.63
N MET F 200 19.47 -74.68 -19.83
CA MET F 200 18.58 -73.80 -20.60
C MET F 200 18.50 -72.40 -20.01
N VAL F 201 18.04 -72.29 -18.75
CA VAL F 201 17.86 -71.00 -18.08
C VAL F 201 19.12 -70.15 -18.22
N PHE F 202 20.27 -70.81 -18.43
CA PHE F 202 21.50 -70.05 -18.54
C PHE F 202 21.72 -69.63 -19.98
N ASP F 203 21.86 -70.60 -20.88
CA ASP F 203 22.12 -70.31 -22.29
C ASP F 203 21.16 -69.26 -22.85
N GLU F 204 19.87 -69.39 -22.55
CA GLU F 204 18.90 -68.42 -23.07
C GLU F 204 19.14 -67.02 -22.51
N PHE F 205 19.43 -66.93 -21.21
CA PHE F 205 19.69 -65.63 -20.62
C PHE F 205 20.93 -65.01 -21.25
N LYS F 206 21.96 -65.81 -21.48
CA LYS F 206 23.17 -65.31 -22.10
C LYS F 206 22.88 -64.83 -23.52
N LYS F 207 21.95 -65.50 -24.21
CA LYS F 207 21.59 -65.08 -25.55
C LYS F 207 20.89 -63.72 -25.49
N ASN F 208 20.04 -63.53 -24.50
CA ASN F 208 19.22 -62.33 -24.41
C ASN F 208 19.95 -61.15 -23.79
N VAL F 209 21.12 -61.37 -23.19
CA VAL F 209 21.86 -60.31 -22.51
C VAL F 209 23.06 -59.81 -23.31
N LYS F 210 23.43 -60.50 -24.38
CA LYS F 210 24.56 -60.08 -25.20
C LYS F 210 24.31 -58.71 -25.82
N ASP F 211 25.37 -57.92 -25.91
CA ASP F 211 25.32 -56.54 -26.44
C ASP F 211 24.36 -55.66 -25.64
N ARG F 212 24.72 -55.45 -24.37
CA ARG F 212 23.96 -54.60 -23.46
C ARG F 212 24.92 -53.84 -22.56
N CYS F 213 24.43 -52.74 -22.00
CA CYS F 213 25.23 -51.94 -21.07
C CYS F 213 25.38 -52.66 -19.73
N PHE F 214 26.60 -52.68 -19.21
CA PHE F 214 26.91 -53.29 -17.92
C PHE F 214 26.45 -54.74 -17.88
N THR F 215 27.02 -55.55 -18.78
CA THR F 215 26.56 -56.92 -18.93
C THR F 215 27.01 -57.81 -17.77
N THR F 216 28.13 -57.47 -17.13
CA THR F 216 28.59 -58.31 -16.03
C THR F 216 27.77 -58.08 -14.76
N ALA F 217 27.32 -56.85 -14.52
CA ALA F 217 26.55 -56.61 -13.31
C ALA F 217 25.24 -57.38 -13.37
N ILE F 218 24.61 -57.39 -14.54
CA ILE F 218 23.36 -58.14 -14.71
C ILE F 218 23.65 -59.63 -14.62
N LYS F 219 24.78 -60.07 -15.16
CA LYS F 219 25.07 -61.50 -15.09
C LYS F 219 25.25 -61.94 -13.64
N HIS F 220 25.97 -61.12 -12.85
CA HIS F 220 26.22 -61.45 -11.46
C HIS F 220 24.92 -61.49 -10.68
N VAL F 221 24.04 -60.52 -10.92
CA VAL F 221 22.78 -60.49 -10.20
C VAL F 221 21.95 -61.72 -10.56
N PHE F 222 21.94 -62.08 -11.85
CA PHE F 222 21.09 -63.18 -12.26
C PHE F 222 21.59 -64.48 -11.66
N GLU F 223 22.90 -64.72 -11.70
CA GLU F 223 23.41 -65.99 -11.18
C GLU F 223 23.29 -66.06 -9.68
N ASN F 224 23.28 -64.92 -8.99
CA ASN F 224 23.09 -64.96 -7.54
C ASN F 224 21.71 -65.49 -7.17
N ARG F 225 20.68 -65.11 -7.92
CA ARG F 225 19.31 -65.54 -7.64
C ARG F 225 18.88 -66.77 -8.43
N MET F 226 19.80 -67.42 -9.15
CA MET F 226 19.40 -68.56 -9.97
C MET F 226 19.80 -69.83 -9.26
N PRO F 227 18.85 -70.58 -8.66
CA PRO F 227 19.14 -71.81 -7.92
C PRO F 227 19.89 -72.87 -8.72
PG ATP I . 22.38 -16.84 -13.17
O1G ATP I . 21.91 -17.37 -11.87
O2G ATP I . 22.25 -15.32 -13.30
O3G ATP I . 21.74 -17.51 -14.38
PB ATP I . 24.96 -18.33 -13.44
O1B ATP I . 24.79 -19.27 -12.32
O2B ATP I . 24.84 -18.93 -14.83
O3B ATP I . 23.95 -17.11 -13.35
PA ATP I . 27.00 -16.27 -13.99
O1A ATP I . 26.37 -15.05 -13.43
O2A ATP I . 26.90 -16.41 -15.50
O3A ATP I . 26.37 -17.57 -13.38
O5' ATP I . 28.52 -16.39 -13.59
C5' ATP I . 28.91 -16.68 -12.23
C4' ATP I . 30.40 -16.86 -12.19
O4' ATP I . 31.04 -15.72 -12.78
C3' ATP I . 31.01 -16.98 -10.79
O3' ATP I . 31.15 -18.34 -10.41
C2' ATP I . 32.37 -16.28 -10.92
O2' ATP I . 33.45 -17.19 -10.74
C1' ATP I . 32.38 -15.75 -12.37
N9 ATP I . 32.93 -14.40 -12.49
C8 ATP I . 32.26 -13.22 -12.38
N7 ATP I . 33.01 -12.16 -12.57
C5 ATP I . 34.27 -12.69 -12.82
C6 ATP I . 35.51 -12.09 -13.09
N6 ATP I . 35.70 -10.77 -13.16
N1 ATP I . 36.57 -12.91 -13.29
C2 ATP I . 36.38 -14.22 -13.23
N3 ATP I . 35.26 -14.90 -12.98
C4 ATP I . 34.23 -14.07 -12.77
PG ATP J . -15.70 34.94 9.95
O1G ATP J . -16.82 34.49 9.08
O2G ATP J . -15.00 36.19 9.43
O3G ATP J . -14.65 33.86 10.21
PB ATP J . -16.51 36.64 12.27
O1B ATP J . -15.56 37.72 11.97
O2B ATP J . -17.98 36.99 12.09
O3B ATP J . -16.23 35.35 11.40
PA ATP J . -15.53 34.90 14.43
O1A ATP J . -14.37 34.50 13.63
O2A ATP J . -16.54 33.79 14.72
O3A ATP J . -16.32 36.08 13.75
O5' ATP J . -15.08 35.51 15.81
C5' ATP J . -14.03 36.50 15.88
C4' ATP J . -13.97 37.06 17.28
O4' ATP J . -13.80 35.98 18.22
C3' ATP J . -12.80 38.01 17.55
O3' ATP J . -13.21 39.37 17.39
C2' ATP J . -12.40 37.71 19.00
O2' ATP J . -12.60 38.84 19.84
C1' ATP J . -13.34 36.58 19.41
N9 ATP J . -12.71 35.55 20.22
C8 ATP J . -12.19 34.35 19.78
N7 ATP J . -11.68 33.60 20.74
C5 ATP J . -11.88 34.36 21.88
C6 ATP J . -11.57 34.13 23.24
N6 ATP J . -10.96 33.03 23.68
N1 ATP J . -11.90 35.09 24.13
C2 ATP J . -12.51 36.19 23.69
N3 ATP J . -12.85 36.51 22.44
C4 ATP J . -12.50 35.55 21.58
PG ATP K . -11.46 37.99 -12.81
O1G ATP K . -12.81 37.37 -12.92
O2G ATP K . -10.78 37.76 -11.45
O3G ATP K . -11.45 39.48 -13.15
PB ATP K . -10.25 37.29 -15.41
O1B ATP K . -11.45 37.69 -16.15
O2B ATP K . -8.97 38.08 -15.71
O3B ATP K . -10.47 37.35 -13.86
PA ATP K . -9.24 34.89 -16.76
O1A ATP K . -8.31 33.87 -16.21
O2A ATP K . -8.62 35.84 -17.77
O3A ATP K . -9.90 35.76 -15.63
O5' ATP K . -10.50 34.21 -17.42
C5' ATP K . -11.57 35.01 -17.97
C4' ATP K . -11.93 34.46 -19.33
O4' ATP K . -10.73 34.31 -20.11
C3' ATP K . -12.57 33.07 -19.31
O3' ATP K . -13.99 33.18 -19.30
C2' ATP K . -12.06 32.42 -20.61
O2' ATP K . -13.12 32.22 -21.55
C1' ATP K . -11.05 33.43 -21.17
N9 ATP K . -9.81 32.82 -21.64
C8 ATP K . -8.77 32.36 -20.88
N7 ATP K . -7.78 31.85 -21.57
C5 ATP K . -8.19 31.99 -22.88
C6 ATP K . -7.59 31.66 -24.11
N6 ATP K . -6.40 31.08 -24.21
N1 ATP K . -8.28 31.94 -25.24
C2 ATP K . -9.48 32.52 -25.15
N3 ATP K . -10.14 32.89 -24.04
C4 ATP K . -9.45 32.59 -22.94
ZN ZN L . 34.70 -45.60 -19.48
#